data_2Z6E
#
_entry.id   2Z6E
#
_cell.length_a   69.213
_cell.length_b   91.895
_cell.length_c   97.681
_cell.angle_alpha   98.12
_cell.angle_beta   90.32
_cell.angle_gamma   104.79
#
_symmetry.space_group_name_H-M   'P 1'
#
loop_
_entity.id
_entity.type
_entity.pdbx_description
1 polymer 'Disheveled-associated activator of morphogenesis 1'
2 water water
#
_entity_poly.entity_id   1
_entity_poly.type   'polypeptide(L)'
_entity_poly.pdbx_seq_one_letter_code
;MGLALKKKSIPQPTNALKSFNWSKLPENKLEGTVWTEIDDTKVFKILDLEDLERTFSAYQRQQDFFVNSNSKQKEADAID
DTLSSKLKVKELSVIDGRRAQNCNILLSRLKLSNDEIKRAILTMDEQEDLPKDMLEQLLKFVPEKSDIDLLEEHKHELDR
MAKADRFLFEMSRINHYQQRLQSLYFKKKFAERVAEVKPKVEAIRSGSEEVFRSGALKQLLEVVLAFGNYMNKGQRGNAY
GFKISSLNKIADTKSSIDKNITLLHYLITIVENKYPSVLNLNEELRDIPQAAKVNMTELDKEISTLRSGLKAVETELEYQ
KSQPPQPGDKFVSVVSQFITVASFSFSDVEDLLAEAKDLFTKAVKHFGEEAGKIQPDEFFGIFDQFLQAVSEAKQENENM
RKKKEEEERRARMEAQLKE
;
_entity_poly.pdbx_strand_id   A,B,C,D
#
# COMPACT_ATOMS: atom_id res chain seq x y z
N LYS A 8 22.05 -35.52 32.04
CA LYS A 8 20.81 -36.35 32.22
C LYS A 8 20.73 -36.96 33.62
N SER A 9 21.76 -36.76 34.43
CA SER A 9 21.77 -37.26 35.80
C SER A 9 20.44 -36.87 36.45
N ILE A 10 19.57 -37.87 36.60
CA ILE A 10 18.21 -37.71 37.14
C ILE A 10 18.01 -38.05 38.61
N PRO A 11 18.16 -37.10 39.54
CA PRO A 11 17.91 -37.56 40.90
C PRO A 11 16.38 -37.61 41.03
N GLN A 12 15.81 -38.79 41.20
CA GLN A 12 14.36 -38.93 41.31
C GLN A 12 13.90 -39.17 42.75
N PRO A 13 12.77 -38.57 43.13
CA PRO A 13 12.20 -38.69 44.48
C PRO A 13 11.90 -40.13 44.89
N THR A 14 12.21 -40.42 46.14
CA THR A 14 12.00 -41.73 46.71
C THR A 14 10.48 -41.95 46.90
N ASN A 15 9.77 -40.86 47.17
CA ASN A 15 8.32 -40.89 47.39
C ASN A 15 7.59 -39.95 46.44
N ALA A 16 6.29 -40.17 46.28
CA ALA A 16 5.48 -39.33 45.41
C ALA A 16 5.37 -37.91 45.98
N LEU A 17 5.23 -36.93 45.10
CA LEU A 17 5.12 -35.51 45.50
C LEU A 17 4.01 -34.84 44.72
N LYS A 18 3.72 -33.59 45.06
CA LYS A 18 2.69 -32.83 44.34
C LYS A 18 3.28 -32.51 42.96
N SER A 19 2.46 -32.40 41.92
CA SER A 19 2.98 -32.08 40.60
C SER A 19 3.07 -30.57 40.48
N PHE A 20 3.76 -30.09 39.44
CA PHE A 20 3.93 -28.65 39.23
C PHE A 20 2.95 -28.09 38.18
N ASN A 21 2.82 -28.77 37.06
CA ASN A 21 1.88 -28.37 35.99
C ASN A 21 2.34 -27.24 35.05
N TRP A 22 3.59 -27.35 34.62
CA TRP A 22 4.17 -26.40 33.69
C TRP A 22 3.76 -26.82 32.30
N SER A 23 4.29 -26.13 31.30
CA SER A 23 4.04 -26.49 29.93
C SER A 23 5.41 -26.69 29.28
N LYS A 24 5.86 -27.95 29.29
CA LYS A 24 7.16 -28.30 28.74
C LYS A 24 7.38 -27.75 27.35
N LEU A 25 8.63 -27.47 27.02
CA LEU A 25 8.96 -26.97 25.70
C LEU A 25 9.75 -28.07 24.96
N PRO A 26 9.29 -28.43 23.76
CA PRO A 26 9.98 -29.47 22.99
C PRO A 26 11.48 -29.19 22.80
N GLU A 27 12.28 -30.24 22.83
CA GLU A 27 13.72 -30.12 22.66
C GLU A 27 14.08 -29.32 21.40
N ASN A 28 13.44 -29.60 20.28
CA ASN A 28 13.74 -28.89 19.04
C ASN A 28 13.56 -27.37 19.13
N LYS A 29 12.39 -26.95 19.61
CA LYS A 29 12.09 -25.53 19.74
C LYS A 29 12.94 -24.89 20.83
N LEU A 30 13.99 -25.58 21.26
CA LEU A 30 14.84 -25.05 22.32
C LEU A 30 16.18 -24.45 21.89
N GLU A 31 16.56 -24.62 20.63
CA GLU A 31 17.83 -24.05 20.22
C GLU A 31 17.81 -22.53 20.21
N GLY A 32 18.92 -21.94 20.59
CA GLY A 32 19.02 -20.50 20.59
C GLY A 32 18.08 -19.78 21.55
N THR A 33 17.83 -20.40 22.69
CA THR A 33 16.94 -19.84 23.70
C THR A 33 17.72 -19.76 24.99
N VAL A 34 17.16 -19.18 26.03
CA VAL A 34 17.87 -19.11 27.29
C VAL A 34 18.22 -20.50 27.79
N TRP A 35 17.35 -21.47 27.50
CA TRP A 35 17.58 -22.83 27.95
C TRP A 35 18.91 -23.41 27.58
N THR A 36 19.52 -22.87 26.51
CA THR A 36 20.83 -23.31 26.05
C THR A 36 21.87 -23.04 27.14
N GLU A 37 21.60 -22.04 27.97
CA GLU A 37 22.53 -21.69 29.02
C GLU A 37 22.05 -22.10 30.41
N ILE A 38 21.05 -22.98 30.48
CA ILE A 38 20.52 -23.39 31.77
C ILE A 38 20.64 -24.87 31.96
N ASP A 39 21.19 -25.27 33.09
CA ASP A 39 21.31 -26.70 33.40
C ASP A 39 20.88 -26.98 34.84
N ASP A 40 19.70 -27.57 34.99
CA ASP A 40 19.16 -27.85 36.31
C ASP A 40 20.04 -28.79 37.10
N THR A 41 21.04 -29.37 36.44
CA THR A 41 21.97 -30.27 37.13
C THR A 41 22.68 -29.45 38.20
N LYS A 42 23.10 -28.25 37.81
CA LYS A 42 23.79 -27.35 38.73
C LYS A 42 23.00 -27.12 40.01
N VAL A 43 21.69 -27.20 39.89
CA VAL A 43 20.81 -26.96 41.03
C VAL A 43 20.74 -28.13 42.00
N PHE A 44 20.60 -29.34 41.47
CA PHE A 44 20.51 -30.49 42.33
C PHE A 44 21.70 -30.70 43.25
N LYS A 45 22.83 -30.09 42.90
CA LYS A 45 24.03 -30.23 43.73
C LYS A 45 23.95 -29.45 45.03
N ILE A 46 22.99 -28.56 45.15
CA ILE A 46 22.87 -27.75 46.36
C ILE A 46 21.50 -27.84 46.99
N LEU A 47 20.58 -28.46 46.28
CA LEU A 47 19.19 -28.59 46.73
C LEU A 47 19.01 -29.60 47.85
N ASP A 48 18.28 -29.21 48.89
CA ASP A 48 18.00 -30.10 50.01
C ASP A 48 16.80 -30.98 49.68
N LEU A 49 16.95 -31.84 48.67
CA LEU A 49 15.87 -32.70 48.22
C LEU A 49 14.99 -33.31 49.31
N GLU A 50 15.61 -33.71 50.41
CA GLU A 50 14.91 -34.32 51.55
C GLU A 50 13.86 -33.33 52.04
N ASP A 51 14.28 -32.08 52.18
CA ASP A 51 13.37 -31.05 52.65
C ASP A 51 12.21 -30.88 51.69
N LEU A 52 12.52 -30.66 50.42
CA LEU A 52 11.49 -30.47 49.42
C LEU A 52 10.45 -31.59 49.48
N GLU A 53 10.88 -32.84 49.48
CA GLU A 53 9.93 -33.96 49.51
C GLU A 53 8.90 -33.85 50.63
N ARG A 54 9.38 -33.69 51.86
CA ARG A 54 8.52 -33.56 53.02
C ARG A 54 7.51 -32.42 52.86
N THR A 55 7.97 -31.31 52.31
CA THR A 55 7.11 -30.14 52.10
C THR A 55 6.07 -30.32 51.01
N PHE A 56 6.35 -31.14 50.00
CA PHE A 56 5.40 -31.35 48.91
C PHE A 56 5.06 -32.80 48.64
N SER A 57 4.63 -33.50 49.68
CA SER A 57 4.29 -34.90 49.55
C SER A 57 2.94 -35.10 48.89
N ALA A 58 2.84 -36.17 48.10
CA ALA A 58 1.60 -36.51 47.40
C ALA A 58 0.55 -36.82 48.46
N TYR A 59 1.01 -37.44 49.54
CA TYR A 59 0.15 -37.81 50.66
C TYR A 59 0.05 -36.64 51.60
N GLN A 60 -1.18 -36.25 51.86
CA GLN A 60 -1.48 -35.09 52.67
C GLN A 60 -2.68 -35.40 53.57
N ARG A 61 -2.73 -34.78 54.75
CA ARG A 61 -3.84 -35.01 55.65
C ARG A 61 -5.02 -34.32 54.99
N GLN A 62 -6.23 -34.54 55.51
CA GLN A 62 -7.43 -33.88 55.00
C GLN A 62 -8.52 -34.76 54.49
N LEU A 87 -6.43 -38.17 64.58
CA LEU A 87 -5.44 -38.65 63.63
C LEU A 87 -6.09 -39.67 62.70
N LYS A 88 -5.48 -39.89 61.54
CA LYS A 88 -6.01 -40.82 60.56
C LYS A 88 -5.13 -40.90 59.30
N VAL A 89 -5.48 -41.84 58.43
CA VAL A 89 -4.81 -42.06 57.15
C VAL A 89 -4.72 -40.72 56.42
N LYS A 90 -3.85 -40.65 55.43
CA LYS A 90 -3.71 -39.43 54.67
C LYS A 90 -4.38 -39.54 53.33
N GLU A 91 -4.27 -38.47 52.57
CA GLU A 91 -4.88 -38.37 51.26
C GLU A 91 -3.83 -38.23 50.17
N LEU A 92 -4.13 -38.71 48.97
CA LEU A 92 -3.21 -38.61 47.85
C LEU A 92 -3.68 -37.57 46.86
N SER A 93 -2.92 -36.49 46.70
CA SER A 93 -3.31 -35.46 45.73
C SER A 93 -2.11 -34.96 44.95
N VAL A 94 -2.12 -35.24 43.66
CA VAL A 94 -1.05 -34.85 42.76
C VAL A 94 -1.45 -33.58 42.01
N ILE A 95 -2.65 -33.59 41.44
CA ILE A 95 -3.18 -32.45 40.70
C ILE A 95 -2.93 -31.16 41.43
N ASP A 96 -2.60 -30.11 40.68
CA ASP A 96 -2.32 -28.80 41.28
C ASP A 96 -3.53 -28.20 41.94
N GLY A 97 -3.29 -27.46 43.01
CA GLY A 97 -4.36 -26.83 43.76
C GLY A 97 -5.43 -26.08 42.98
N ARG A 98 -5.03 -25.35 41.95
CA ARG A 98 -6.00 -24.60 41.16
C ARG A 98 -6.91 -25.54 40.44
N ARG A 99 -6.33 -26.39 39.60
CA ARG A 99 -7.14 -27.34 38.84
C ARG A 99 -8.01 -28.23 39.73
N ALA A 100 -7.50 -28.59 40.91
CA ALA A 100 -8.23 -29.44 41.85
C ALA A 100 -9.46 -28.72 42.37
N GLN A 101 -9.30 -27.46 42.74
CA GLN A 101 -10.42 -26.64 43.24
C GLN A 101 -11.51 -26.60 42.17
N ASN A 102 -11.16 -26.10 40.99
CA ASN A 102 -12.08 -26.03 39.86
C ASN A 102 -12.92 -27.29 39.73
N CYS A 103 -12.26 -28.45 39.82
CA CYS A 103 -12.92 -29.72 39.70
C CYS A 103 -13.89 -29.93 40.84
N ASN A 104 -13.42 -29.69 42.07
CA ASN A 104 -14.28 -29.85 43.23
C ASN A 104 -15.56 -29.06 42.99
N ILE A 105 -15.38 -27.78 42.69
CA ILE A 105 -16.52 -26.93 42.40
C ILE A 105 -17.47 -27.61 41.44
N LEU A 106 -16.98 -28.01 40.30
CA LEU A 106 -17.82 -28.65 39.30
C LEU A 106 -18.51 -29.88 39.86
N LEU A 107 -17.75 -30.77 40.44
CA LEU A 107 -18.31 -32.00 40.98
C LEU A 107 -19.38 -31.70 42.02
N SER A 108 -19.20 -30.59 42.74
CA SER A 108 -20.17 -30.18 43.76
C SER A 108 -21.54 -29.90 43.12
N ARG A 109 -21.54 -29.14 42.02
CA ARG A 109 -22.77 -28.80 41.30
C ARG A 109 -23.35 -29.99 40.55
N LEU A 110 -22.46 -30.87 40.11
CA LEU A 110 -22.85 -32.02 39.33
C LEU A 110 -23.59 -33.10 40.15
N LYS A 111 -23.07 -33.40 41.34
CA LYS A 111 -23.68 -34.39 42.22
C LYS A 111 -24.00 -35.71 41.52
N LEU A 112 -22.94 -36.40 41.15
CA LEU A 112 -23.01 -37.71 40.50
C LEU A 112 -21.76 -38.51 40.91
N SER A 113 -21.92 -39.79 41.19
CA SER A 113 -20.76 -40.58 41.54
C SER A 113 -19.96 -40.75 40.24
N ASN A 114 -18.67 -40.96 40.35
CA ASN A 114 -17.85 -41.16 39.18
C ASN A 114 -18.42 -42.32 38.38
N ASP A 115 -19.07 -43.26 39.07
CA ASP A 115 -19.67 -44.44 38.44
C ASP A 115 -20.87 -44.03 37.57
N GLU A 116 -21.62 -43.07 38.09
CA GLU A 116 -22.81 -42.56 37.42
C GLU A 116 -22.47 -41.83 36.11
N ILE A 117 -21.53 -40.90 36.21
CA ILE A 117 -21.06 -40.14 35.04
C ILE A 117 -20.50 -41.13 34.03
N LYS A 118 -19.59 -41.96 34.48
CA LYS A 118 -18.98 -42.95 33.62
C LYS A 118 -20.08 -43.53 32.78
N ARG A 119 -21.07 -44.09 33.46
CA ARG A 119 -22.24 -44.73 32.84
C ARG A 119 -23.02 -43.80 31.91
N ALA A 120 -23.19 -42.55 32.32
CA ALA A 120 -23.91 -41.59 31.51
C ALA A 120 -23.19 -41.39 30.18
N ILE A 121 -21.95 -40.96 30.22
CA ILE A 121 -21.21 -40.72 28.97
C ILE A 121 -20.95 -41.99 28.15
N LEU A 122 -21.25 -43.14 28.73
CA LEU A 122 -21.06 -44.42 28.04
C LEU A 122 -22.32 -44.74 27.27
N THR A 123 -23.44 -44.18 27.74
CA THR A 123 -24.75 -44.40 27.14
C THR A 123 -25.30 -43.15 26.50
N MET A 124 -24.42 -42.20 26.23
CA MET A 124 -24.82 -40.93 25.62
C MET A 124 -25.99 -40.34 26.42
N ASP A 125 -25.85 -40.38 27.74
CA ASP A 125 -26.83 -39.87 28.70
C ASP A 125 -28.25 -40.40 28.57
N GLU A 126 -28.37 -41.72 28.64
CA GLU A 126 -29.64 -42.42 28.55
C GLU A 126 -30.65 -41.87 29.56
N GLN A 127 -30.20 -41.73 30.80
CA GLN A 127 -31.06 -41.23 31.87
C GLN A 127 -31.11 -39.73 32.02
N GLU A 128 -30.73 -39.00 30.98
CA GLU A 128 -30.72 -37.54 31.03
C GLU A 128 -30.26 -37.00 32.39
N ASP A 129 -29.06 -37.40 32.81
CA ASP A 129 -28.50 -36.97 34.09
C ASP A 129 -27.49 -35.86 33.91
N LEU A 130 -27.07 -35.64 32.66
CA LEU A 130 -26.10 -34.61 32.35
C LEU A 130 -26.68 -33.42 31.58
N PRO A 131 -27.05 -32.35 32.29
CA PRO A 131 -27.62 -31.18 31.62
C PRO A 131 -26.58 -30.57 30.71
N LYS A 132 -27.03 -29.91 29.65
CA LYS A 132 -26.08 -29.32 28.72
C LYS A 132 -25.18 -28.26 29.31
N ASP A 133 -25.52 -27.72 30.47
CA ASP A 133 -24.66 -26.69 31.06
C ASP A 133 -23.55 -27.34 31.89
N MET A 134 -23.76 -28.58 32.29
CA MET A 134 -22.74 -29.30 33.04
C MET A 134 -21.77 -29.88 32.02
N LEU A 135 -22.33 -30.43 30.95
CA LEU A 135 -21.57 -31.01 29.85
C LEU A 135 -20.53 -29.99 29.40
N GLU A 136 -20.95 -28.73 29.36
CA GLU A 136 -20.08 -27.64 28.94
C GLU A 136 -18.96 -27.40 29.94
N GLN A 137 -19.23 -27.66 31.21
CA GLN A 137 -18.23 -27.48 32.24
C GLN A 137 -17.30 -28.69 32.29
N LEU A 138 -17.89 -29.86 32.15
CA LEU A 138 -17.15 -31.10 32.14
C LEU A 138 -16.05 -31.03 31.06
N LEU A 139 -16.40 -30.49 29.89
CA LEU A 139 -15.47 -30.38 28.78
C LEU A 139 -14.27 -29.47 29.05
N LYS A 140 -14.33 -28.65 30.09
CA LYS A 140 -13.19 -27.76 30.36
C LYS A 140 -12.17 -28.44 31.27
N PHE A 141 -12.58 -29.53 31.91
CA PHE A 141 -11.70 -30.22 32.82
C PHE A 141 -11.63 -31.70 32.51
N VAL A 142 -11.03 -32.02 31.37
CA VAL A 142 -10.85 -33.41 30.93
C VAL A 142 -9.41 -33.83 31.20
N PRO A 143 -9.20 -35.06 31.66
CA PRO A 143 -7.85 -35.53 31.95
C PRO A 143 -6.89 -35.47 30.74
N GLU A 144 -5.94 -34.53 30.78
CA GLU A 144 -4.97 -34.40 29.72
C GLU A 144 -3.93 -35.49 29.90
N LYS A 145 -3.14 -35.79 28.88
CA LYS A 145 -2.16 -36.86 29.02
C LYS A 145 -1.24 -36.70 30.20
N SER A 146 -0.76 -35.48 30.43
CA SER A 146 0.14 -35.25 31.56
C SER A 146 -0.43 -35.85 32.83
N ASP A 147 -1.74 -35.67 33.03
CA ASP A 147 -2.44 -36.18 34.19
C ASP A 147 -2.49 -37.69 34.27
N ILE A 148 -2.95 -38.34 33.22
CA ILE A 148 -3.02 -39.79 33.22
C ILE A 148 -1.68 -40.34 33.63
N ASP A 149 -0.62 -39.92 32.93
CA ASP A 149 0.74 -40.39 33.22
C ASP A 149 1.11 -40.20 34.69
N LEU A 150 0.88 -38.99 35.20
CA LEU A 150 1.20 -38.68 36.60
C LEU A 150 0.28 -39.39 37.58
N LEU A 151 -0.89 -39.82 37.13
CA LEU A 151 -1.81 -40.51 38.03
C LEU A 151 -1.65 -42.01 37.99
N GLU A 152 -1.18 -42.54 36.86
CA GLU A 152 -1.03 -43.99 36.73
C GLU A 152 -0.16 -44.60 37.83
N GLU A 153 0.87 -43.87 38.26
CA GLU A 153 1.76 -44.36 39.29
C GLU A 153 0.98 -44.73 40.55
N HIS A 154 -0.32 -44.43 40.57
CA HIS A 154 -1.13 -44.71 41.74
C HIS A 154 -2.34 -45.58 41.52
N LYS A 155 -2.38 -46.33 40.44
CA LYS A 155 -3.56 -47.15 40.20
C LYS A 155 -3.81 -48.12 41.34
N HIS A 156 -2.76 -48.47 42.05
CA HIS A 156 -2.90 -49.40 43.17
C HIS A 156 -3.73 -48.81 44.30
N GLU A 157 -3.58 -47.51 44.53
CA GLU A 157 -4.31 -46.86 45.62
C GLU A 157 -5.20 -45.68 45.27
N LEU A 158 -6.14 -45.91 44.37
CA LEU A 158 -7.10 -44.87 43.99
C LEU A 158 -8.00 -44.73 45.20
N ASP A 159 -7.91 -45.73 46.07
CA ASP A 159 -8.63 -45.77 47.33
C ASP A 159 -8.07 -44.49 47.95
N ARG A 160 -8.85 -43.82 48.79
CA ARG A 160 -8.38 -42.57 49.40
C ARG A 160 -7.32 -41.83 48.54
N MET A 161 -7.83 -41.21 47.46
CA MET A 161 -7.08 -40.45 46.47
C MET A 161 -7.97 -39.23 46.30
N ALA A 162 -7.54 -38.06 46.78
CA ALA A 162 -8.34 -36.83 46.70
C ALA A 162 -9.43 -36.83 45.64
N LYS A 163 -10.56 -36.26 46.00
CA LYS A 163 -11.70 -36.25 45.10
C LYS A 163 -11.34 -35.91 43.66
N ALA A 164 -10.86 -34.69 43.45
CA ALA A 164 -10.49 -34.22 42.13
C ALA A 164 -9.64 -35.26 41.40
N ASP A 165 -8.53 -35.63 42.02
CA ASP A 165 -7.62 -36.61 41.45
C ASP A 165 -8.32 -37.91 41.06
N ARG A 166 -9.20 -38.40 41.93
CA ARG A 166 -9.94 -39.62 41.66
C ARG A 166 -10.81 -39.50 40.39
N PHE A 167 -11.46 -38.35 40.25
CA PHE A 167 -12.32 -38.07 39.10
C PHE A 167 -11.57 -38.24 37.78
N LEU A 168 -10.56 -37.38 37.60
CA LEU A 168 -9.72 -37.40 36.41
C LEU A 168 -9.22 -38.81 36.06
N PHE A 169 -8.68 -39.52 37.04
CA PHE A 169 -8.21 -40.89 36.77
C PHE A 169 -9.41 -41.69 36.27
N GLU A 170 -10.42 -41.75 37.12
CA GLU A 170 -11.63 -42.47 36.80
C GLU A 170 -12.09 -42.24 35.38
N MET A 171 -12.21 -40.98 34.99
CA MET A 171 -12.67 -40.64 33.64
C MET A 171 -11.66 -41.03 32.58
N SER A 172 -10.38 -40.80 32.87
CA SER A 172 -9.26 -41.10 31.98
C SER A 172 -9.30 -42.55 31.55
N ARG A 173 -9.86 -43.41 32.41
CA ARG A 173 -9.98 -44.82 32.12
C ARG A 173 -11.10 -45.12 31.14
N ILE A 174 -11.79 -44.10 30.66
CA ILE A 174 -12.86 -44.33 29.68
C ILE A 174 -12.26 -44.04 28.32
N ASN A 175 -12.45 -44.98 27.41
CA ASN A 175 -11.90 -44.84 26.09
C ASN A 175 -12.46 -43.65 25.32
N HIS A 176 -11.57 -42.81 24.79
CA HIS A 176 -11.94 -41.63 24.01
C HIS A 176 -12.89 -40.71 24.75
N TYR A 177 -12.75 -40.64 26.07
CA TYR A 177 -13.61 -39.79 26.90
C TYR A 177 -13.93 -38.41 26.32
N GLN A 178 -12.89 -37.60 26.10
CA GLN A 178 -13.08 -36.26 25.55
C GLN A 178 -13.96 -36.29 24.30
N GLN A 179 -13.73 -37.20 23.37
CA GLN A 179 -14.58 -37.25 22.19
C GLN A 179 -15.99 -37.73 22.50
N ARG A 180 -16.11 -38.79 23.29
CA ARG A 180 -17.44 -39.28 23.69
C ARG A 180 -18.18 -38.10 24.31
N LEU A 181 -17.48 -37.33 25.14
CA LEU A 181 -18.07 -36.16 25.77
C LEU A 181 -18.52 -35.19 24.69
N GLN A 182 -17.54 -34.56 24.01
CA GLN A 182 -17.80 -33.62 22.92
C GLN A 182 -18.94 -34.04 22.02
N SER A 183 -19.01 -35.34 21.72
CA SER A 183 -20.09 -35.81 20.90
C SER A 183 -21.40 -35.61 21.66
N LEU A 184 -21.47 -36.05 22.91
CA LEU A 184 -22.70 -35.87 23.67
C LEU A 184 -23.16 -34.43 23.67
N TYR A 185 -22.26 -33.50 23.99
CA TYR A 185 -22.61 -32.08 24.01
C TYR A 185 -23.20 -31.65 22.69
N PHE A 186 -22.43 -31.86 21.63
CA PHE A 186 -22.85 -31.50 20.28
C PHE A 186 -24.25 -31.99 19.99
N LYS A 187 -24.49 -33.25 20.34
CA LYS A 187 -25.78 -33.89 20.14
C LYS A 187 -26.86 -33.13 20.91
N LYS A 188 -26.73 -33.01 22.22
CA LYS A 188 -27.72 -32.30 23.02
C LYS A 188 -27.93 -30.87 22.54
N LYS A 189 -26.90 -30.29 21.94
CA LYS A 189 -26.97 -28.91 21.47
C LYS A 189 -26.93 -28.88 19.95
N PHE A 190 -27.94 -29.44 19.30
CA PHE A 190 -27.96 -29.43 17.85
C PHE A 190 -29.23 -28.83 17.37
N ALA A 191 -30.33 -29.10 18.05
CA ALA A 191 -31.62 -28.55 17.67
C ALA A 191 -31.57 -27.03 17.91
N GLU A 192 -31.17 -26.62 19.10
CA GLU A 192 -31.08 -25.21 19.43
C GLU A 192 -30.36 -24.53 18.28
N ARG A 193 -29.09 -24.86 18.15
CA ARG A 193 -28.22 -24.30 17.11
C ARG A 193 -28.82 -24.24 15.72
N VAL A 194 -29.33 -25.35 15.22
CA VAL A 194 -29.93 -25.33 13.89
C VAL A 194 -31.22 -24.52 13.88
N ALA A 195 -31.87 -24.45 15.03
CA ALA A 195 -33.11 -23.72 15.16
C ALA A 195 -32.88 -22.23 15.05
N GLU A 196 -31.90 -21.70 15.80
CA GLU A 196 -31.63 -20.27 15.76
C GLU A 196 -30.82 -19.86 14.53
N VAL A 197 -30.58 -20.82 13.65
CA VAL A 197 -29.83 -20.56 12.44
C VAL A 197 -30.78 -20.35 11.26
N LYS A 198 -31.69 -21.32 11.07
CA LYS A 198 -32.64 -21.28 9.96
C LYS A 198 -33.38 -19.96 9.76
N PRO A 199 -33.94 -19.38 10.82
CA PRO A 199 -34.65 -18.12 10.68
C PRO A 199 -33.73 -17.01 10.16
N LYS A 200 -32.52 -16.93 10.70
CA LYS A 200 -31.60 -15.89 10.25
C LYS A 200 -31.33 -16.00 8.75
N VAL A 201 -31.12 -17.21 8.24
CA VAL A 201 -30.89 -17.32 6.82
C VAL A 201 -32.18 -16.99 6.06
N GLU A 202 -33.33 -17.50 6.49
CA GLU A 202 -34.57 -17.19 5.77
C GLU A 202 -34.82 -15.69 5.82
N ALA A 203 -34.48 -15.07 6.95
CA ALA A 203 -34.66 -13.64 7.12
C ALA A 203 -33.88 -12.89 6.06
N ILE A 204 -32.75 -13.46 5.64
CA ILE A 204 -31.91 -12.87 4.60
C ILE A 204 -32.52 -13.24 3.25
N ARG A 205 -32.88 -14.52 3.09
CA ARG A 205 -33.51 -14.99 1.86
C ARG A 205 -34.70 -14.11 1.52
N SER A 206 -35.61 -13.98 2.46
CA SER A 206 -36.80 -13.17 2.30
C SER A 206 -36.42 -11.70 2.11
N GLY A 207 -35.67 -11.17 3.05
CA GLY A 207 -35.27 -9.77 2.95
C GLY A 207 -34.81 -9.44 1.54
N SER A 208 -33.82 -10.17 1.06
CA SER A 208 -33.24 -9.97 -0.27
C SER A 208 -34.30 -9.92 -1.36
N GLU A 209 -35.19 -10.90 -1.38
CA GLU A 209 -36.22 -10.95 -2.40
C GLU A 209 -37.26 -9.82 -2.26
N GLU A 210 -37.66 -9.50 -1.04
CA GLU A 210 -38.64 -8.45 -0.85
C GLU A 210 -38.17 -7.14 -1.44
N VAL A 211 -36.97 -6.71 -1.06
CA VAL A 211 -36.40 -5.47 -1.57
C VAL A 211 -36.33 -5.45 -3.09
N PHE A 212 -35.90 -6.56 -3.66
CA PHE A 212 -35.78 -6.70 -5.10
C PHE A 212 -37.08 -6.55 -5.85
N ARG A 213 -38.17 -7.04 -5.24
CA ARG A 213 -39.50 -7.03 -5.87
C ARG A 213 -40.47 -5.89 -5.53
N SER A 214 -40.26 -5.22 -4.41
CA SER A 214 -41.18 -4.15 -4.02
C SER A 214 -41.38 -3.04 -5.04
N GLY A 215 -42.58 -3.01 -5.61
CA GLY A 215 -42.90 -1.96 -6.56
C GLY A 215 -43.14 -0.69 -5.77
N ALA A 216 -43.51 -0.81 -4.50
CA ALA A 216 -43.75 0.37 -3.68
C ALA A 216 -42.43 1.07 -3.46
N LEU A 217 -41.37 0.27 -3.36
CA LEU A 217 -40.03 0.80 -3.16
C LEU A 217 -39.50 1.35 -4.47
N LYS A 218 -39.70 0.59 -5.53
CA LYS A 218 -39.27 0.99 -6.85
C LYS A 218 -39.87 2.36 -7.16
N GLN A 219 -41.19 2.50 -7.01
CA GLN A 219 -41.85 3.78 -7.29
C GLN A 219 -41.51 4.89 -6.31
N LEU A 220 -41.21 4.55 -5.08
CA LEU A 220 -40.90 5.60 -4.12
C LEU A 220 -39.59 6.20 -4.57
N LEU A 221 -38.65 5.32 -4.89
CA LEU A 221 -37.32 5.69 -5.35
C LEU A 221 -37.42 6.63 -6.55
N GLU A 222 -38.26 6.27 -7.53
CA GLU A 222 -38.43 7.09 -8.73
C GLU A 222 -38.78 8.54 -8.37
N VAL A 223 -39.86 8.73 -7.63
CA VAL A 223 -40.27 10.06 -7.24
C VAL A 223 -39.13 10.81 -6.58
N VAL A 224 -38.47 10.16 -5.63
CA VAL A 224 -37.38 10.79 -4.89
C VAL A 224 -36.35 11.33 -5.86
N LEU A 225 -36.13 10.56 -6.93
CA LEU A 225 -35.20 10.91 -7.97
C LEU A 225 -35.57 12.25 -8.53
N ALA A 226 -36.81 12.37 -9.03
CA ALA A 226 -37.31 13.62 -9.62
C ALA A 226 -37.20 14.75 -8.64
N PHE A 227 -37.56 14.52 -7.39
CA PHE A 227 -37.44 15.58 -6.39
C PHE A 227 -36.01 16.14 -6.41
N GLY A 228 -35.04 15.25 -6.28
CA GLY A 228 -33.65 15.65 -6.28
C GLY A 228 -33.26 16.40 -7.55
N ASN A 229 -33.57 15.81 -8.70
CA ASN A 229 -33.23 16.46 -9.95
C ASN A 229 -33.84 17.86 -10.05
N TYR A 230 -35.05 18.04 -9.53
CA TYR A 230 -35.68 19.35 -9.57
C TYR A 230 -35.06 20.25 -8.51
N MET A 231 -34.94 19.71 -7.31
CA MET A 231 -34.39 20.43 -6.18
C MET A 231 -32.98 20.94 -6.41
N ASN A 232 -31.97 20.30 -5.82
CA ASN A 232 -30.62 20.76 -6.02
C ASN A 232 -30.22 20.70 -7.50
N LYS A 233 -30.43 21.82 -8.19
CA LYS A 233 -30.12 21.92 -9.61
C LYS A 233 -28.64 22.29 -9.82
N GLY A 234 -28.26 22.43 -11.09
CA GLY A 234 -26.90 22.75 -11.42
C GLY A 234 -26.21 21.50 -11.94
N GLN A 235 -25.01 21.24 -11.41
CA GLN A 235 -24.22 20.08 -11.81
C GLN A 235 -24.44 19.01 -10.75
N ARG A 236 -25.21 19.39 -9.73
CA ARG A 236 -25.54 18.50 -8.61
C ARG A 236 -26.72 17.59 -8.92
N GLY A 237 -27.28 17.75 -10.12
CA GLY A 237 -28.41 16.93 -10.51
C GLY A 237 -28.12 16.01 -11.69
N ASN A 238 -29.11 15.87 -12.57
CA ASN A 238 -29.00 15.01 -13.74
C ASN A 238 -28.52 13.66 -13.32
N ALA A 239 -29.04 13.24 -12.16
CA ALA A 239 -28.72 11.95 -11.59
C ALA A 239 -29.59 10.89 -12.24
N TYR A 240 -29.14 9.64 -12.18
CA TYR A 240 -29.89 8.54 -12.74
C TYR A 240 -30.13 7.54 -11.64
N GLY A 241 -29.54 7.81 -10.48
CA GLY A 241 -29.69 6.94 -9.33
C GLY A 241 -28.97 7.56 -8.15
N PHE A 242 -29.10 6.97 -6.98
CA PHE A 242 -28.42 7.49 -5.81
C PHE A 242 -28.23 6.37 -4.81
N LYS A 243 -27.28 6.57 -3.91
CA LYS A 243 -27.00 5.59 -2.87
C LYS A 243 -28.26 5.41 -2.03
N ILE A 244 -28.72 4.17 -1.86
CA ILE A 244 -29.91 3.92 -1.04
C ILE A 244 -29.84 4.74 0.24
N SER A 245 -28.67 4.74 0.89
CA SER A 245 -28.48 5.49 2.13
C SER A 245 -29.05 6.92 2.02
N SER A 246 -29.11 7.43 0.80
CA SER A 246 -29.62 8.77 0.61
C SER A 246 -31.00 8.91 1.23
N LEU A 247 -31.75 7.82 1.24
CA LEU A 247 -33.10 7.81 1.82
C LEU A 247 -33.09 8.44 3.19
N ASN A 248 -32.15 8.02 4.02
CA ASN A 248 -32.09 8.57 5.36
C ASN A 248 -31.52 9.97 5.46
N LYS A 249 -31.51 10.69 4.35
CA LYS A 249 -31.03 12.07 4.39
C LYS A 249 -32.08 13.02 3.84
N ILE A 250 -33.21 12.45 3.42
CA ILE A 250 -34.31 13.24 2.90
C ILE A 250 -34.81 14.19 3.97
N ALA A 251 -35.13 13.66 5.14
CA ALA A 251 -35.62 14.48 6.22
C ALA A 251 -34.69 15.61 6.59
N ASP A 252 -33.44 15.55 6.12
CA ASP A 252 -32.51 16.62 6.45
C ASP A 252 -32.87 17.91 5.71
N THR A 253 -33.50 17.79 4.53
CA THR A 253 -33.90 18.98 3.78
C THR A 253 -35.18 19.54 4.42
N LYS A 254 -35.02 20.66 5.12
CA LYS A 254 -36.13 21.30 5.84
C LYS A 254 -37.01 22.23 4.97
N SER A 255 -38.30 22.27 5.26
CA SER A 255 -39.20 23.13 4.49
C SER A 255 -38.89 24.58 4.69
N SER A 256 -39.39 25.38 3.75
CA SER A 256 -39.19 26.82 3.77
C SER A 256 -40.32 27.45 4.55
N ILE A 257 -41.53 26.91 4.37
CA ILE A 257 -42.70 27.41 5.08
C ILE A 257 -42.58 27.10 6.56
N ASP A 258 -42.29 25.84 6.87
CA ASP A 258 -42.13 25.42 8.26
C ASP A 258 -40.93 24.49 8.42
N LYS A 259 -40.08 24.79 9.42
CA LYS A 259 -38.89 24.00 9.68
C LYS A 259 -39.22 22.66 10.32
N ASN A 260 -40.50 22.32 10.40
CA ASN A 260 -40.91 21.07 11.01
C ASN A 260 -41.39 20.13 9.94
N ILE A 261 -41.82 20.71 8.83
CA ILE A 261 -42.25 19.90 7.71
C ILE A 261 -40.97 19.60 6.93
N THR A 262 -40.50 18.36 7.05
CA THR A 262 -39.28 17.93 6.39
C THR A 262 -39.64 17.39 5.02
N LEU A 263 -38.66 17.32 4.12
CA LEU A 263 -38.93 16.82 2.77
C LEU A 263 -39.48 15.39 2.79
N LEU A 264 -39.24 14.65 3.86
CA LEU A 264 -39.77 13.30 3.92
C LEU A 264 -41.28 13.42 4.08
N HIS A 265 -41.71 14.27 5.00
CA HIS A 265 -43.14 14.47 5.22
C HIS A 265 -43.81 14.76 3.88
N TYR A 266 -43.31 15.78 3.18
CA TYR A 266 -43.85 16.18 1.88
C TYR A 266 -43.84 15.02 0.88
N LEU A 267 -42.71 14.32 0.83
CA LEU A 267 -42.57 13.19 -0.08
C LEU A 267 -43.72 12.22 0.19
N ILE A 268 -44.01 12.03 1.48
CA ILE A 268 -45.10 11.14 1.88
C ILE A 268 -46.45 11.67 1.45
N THR A 269 -46.74 12.90 1.86
CA THR A 269 -47.98 13.56 1.51
C THR A 269 -48.31 13.36 0.01
N ILE A 270 -47.48 13.91 -0.87
CA ILE A 270 -47.79 13.81 -2.28
C ILE A 270 -47.71 12.41 -2.88
N VAL A 271 -46.82 11.57 -2.35
CA VAL A 271 -46.68 10.22 -2.88
C VAL A 271 -48.02 9.48 -2.76
N GLU A 272 -48.64 9.63 -1.60
CA GLU A 272 -49.90 8.99 -1.31
C GLU A 272 -51.01 9.40 -2.26
N ASN A 273 -51.03 10.68 -2.63
CA ASN A 273 -52.07 11.21 -3.48
C ASN A 273 -51.77 11.23 -4.97
N LYS A 274 -50.80 10.45 -5.40
CA LYS A 274 -50.45 10.39 -6.82
C LYS A 274 -49.83 9.04 -7.13
N TYR A 275 -49.48 8.32 -6.07
CA TYR A 275 -48.88 7.01 -6.19
C TYR A 275 -49.28 6.22 -4.96
N PRO A 276 -50.55 5.83 -4.88
CA PRO A 276 -51.14 5.08 -3.78
C PRO A 276 -50.62 3.65 -3.58
N SER A 277 -50.17 3.01 -4.65
CA SER A 277 -49.64 1.65 -4.53
C SER A 277 -48.53 1.66 -3.48
N VAL A 278 -47.81 2.78 -3.42
CA VAL A 278 -46.72 2.97 -2.47
C VAL A 278 -47.17 2.79 -1.01
N LEU A 279 -48.47 2.86 -0.76
CA LEU A 279 -48.98 2.67 0.60
C LEU A 279 -48.56 1.28 1.07
N ASN A 280 -48.50 0.35 0.12
CA ASN A 280 -48.11 -1.03 0.38
C ASN A 280 -46.66 -1.27 0.71
N LEU A 281 -45.93 -0.24 1.13
CA LEU A 281 -44.50 -0.41 1.40
C LEU A 281 -44.22 -1.35 2.55
N ASN A 282 -44.62 -0.97 3.77
CA ASN A 282 -44.36 -1.84 4.92
C ASN A 282 -44.83 -3.26 4.63
N GLU A 283 -45.88 -3.36 3.83
CA GLU A 283 -46.43 -4.66 3.50
C GLU A 283 -45.42 -5.50 2.72
N GLU A 284 -44.85 -4.93 1.65
CA GLU A 284 -43.91 -5.68 0.82
C GLU A 284 -42.48 -5.70 1.30
N LEU A 285 -42.25 -5.18 2.50
CA LEU A 285 -40.94 -5.17 3.12
C LEU A 285 -41.19 -5.63 4.55
N ARG A 286 -42.09 -6.60 4.70
CA ARG A 286 -42.41 -7.09 6.02
C ARG A 286 -41.25 -7.74 6.71
N ASP A 287 -40.45 -8.48 5.95
CA ASP A 287 -39.30 -9.17 6.53
C ASP A 287 -38.02 -8.36 6.73
N ILE A 288 -38.04 -7.07 6.41
CA ILE A 288 -36.85 -6.27 6.55
C ILE A 288 -36.32 -5.99 7.96
N PRO A 289 -37.19 -5.64 8.92
CA PRO A 289 -36.60 -5.40 10.25
C PRO A 289 -36.03 -6.67 10.87
N GLN A 290 -36.64 -7.79 10.51
CA GLN A 290 -36.25 -9.11 10.99
C GLN A 290 -35.18 -9.66 10.06
N ALA A 291 -34.32 -8.79 9.54
CA ALA A 291 -33.27 -9.22 8.64
C ALA A 291 -32.18 -8.21 8.77
N ALA A 292 -32.56 -7.02 9.23
CA ALA A 292 -31.57 -5.99 9.41
C ALA A 292 -30.82 -6.35 10.68
N LYS A 293 -31.28 -7.39 11.36
CA LYS A 293 -30.67 -7.82 12.61
C LYS A 293 -29.57 -8.85 12.39
N VAL A 294 -29.80 -9.75 11.45
CA VAL A 294 -28.83 -10.80 11.14
C VAL A 294 -27.43 -10.31 10.80
N ASN A 295 -26.43 -10.77 11.55
CA ASN A 295 -25.03 -10.42 11.29
C ASN A 295 -24.39 -11.59 10.57
N MET A 296 -24.20 -11.45 9.26
CA MET A 296 -23.65 -12.53 8.44
C MET A 296 -22.35 -13.11 8.97
N THR A 297 -21.58 -12.27 9.64
CA THR A 297 -20.32 -12.71 10.22
C THR A 297 -20.65 -13.84 11.20
N GLU A 298 -21.15 -13.42 12.36
CA GLU A 298 -21.55 -14.31 13.43
C GLU A 298 -22.35 -15.48 12.90
N LEU A 299 -23.19 -15.23 11.92
CA LEU A 299 -23.99 -16.29 11.32
C LEU A 299 -23.08 -17.38 10.83
N ASP A 300 -22.08 -16.99 10.04
CA ASP A 300 -21.15 -17.94 9.49
C ASP A 300 -20.42 -18.78 10.52
N LYS A 301 -20.20 -18.22 11.71
CA LYS A 301 -19.54 -18.98 12.77
C LYS A 301 -20.50 -20.09 13.18
N GLU A 302 -21.71 -19.71 13.57
CA GLU A 302 -22.71 -20.68 13.99
C GLU A 302 -22.74 -21.77 12.95
N ILE A 303 -22.68 -21.42 11.67
CA ILE A 303 -22.73 -22.44 10.64
C ILE A 303 -21.51 -23.37 10.71
N SER A 304 -20.34 -22.82 10.96
CA SER A 304 -19.12 -23.62 11.03
C SER A 304 -19.08 -24.53 12.24
N THR A 305 -19.35 -23.98 13.42
CA THR A 305 -19.36 -24.78 14.62
C THR A 305 -20.21 -26.01 14.37
N LEU A 306 -21.23 -25.87 13.54
CA LEU A 306 -22.12 -26.98 13.19
C LEU A 306 -21.45 -27.97 12.26
N ARG A 307 -20.81 -27.45 11.21
CA ARG A 307 -20.15 -28.30 10.23
C ARG A 307 -18.96 -29.03 10.83
N SER A 308 -18.06 -28.30 11.47
CA SER A 308 -16.89 -28.95 12.06
C SER A 308 -17.31 -29.94 13.14
N GLY A 309 -18.13 -29.47 14.09
CA GLY A 309 -18.60 -30.31 15.18
C GLY A 309 -19.20 -31.59 14.66
N LEU A 310 -19.89 -31.48 13.53
CA LEU A 310 -20.52 -32.63 12.92
C LEU A 310 -19.42 -33.54 12.39
N LYS A 311 -18.40 -32.92 11.82
CA LYS A 311 -17.24 -33.64 11.28
C LYS A 311 -16.65 -34.50 12.37
N ALA A 312 -16.39 -33.89 13.52
CA ALA A 312 -15.81 -34.58 14.67
C ALA A 312 -16.67 -35.74 15.16
N VAL A 313 -17.99 -35.56 15.21
CA VAL A 313 -18.87 -36.64 15.66
C VAL A 313 -18.82 -37.79 14.69
N GLU A 314 -18.78 -37.46 13.40
CA GLU A 314 -18.72 -38.47 12.36
C GLU A 314 -17.42 -39.25 12.50
N THR A 315 -16.31 -38.53 12.70
CA THR A 315 -14.98 -39.13 12.85
C THR A 315 -14.95 -40.05 14.06
N GLU A 316 -15.42 -39.56 15.21
CA GLU A 316 -15.45 -40.39 16.41
C GLU A 316 -16.35 -41.59 16.18
N LEU A 317 -17.39 -41.43 15.37
CA LEU A 317 -18.28 -42.55 15.11
C LEU A 317 -17.50 -43.65 14.42
N GLU A 318 -16.92 -43.32 13.28
CA GLU A 318 -16.15 -44.28 12.49
C GLU A 318 -15.13 -44.95 13.37
N TYR A 319 -14.42 -44.18 14.18
CA TYR A 319 -13.43 -44.77 15.06
C TYR A 319 -14.13 -45.79 15.96
N GLN A 320 -15.05 -45.33 16.78
CA GLN A 320 -15.75 -46.22 17.70
C GLN A 320 -16.40 -47.41 17.03
N LYS A 321 -16.64 -47.32 15.73
CA LYS A 321 -17.28 -48.41 15.02
C LYS A 321 -16.25 -49.52 14.78
N SER A 322 -14.98 -49.16 14.70
CA SER A 322 -13.91 -50.12 14.47
C SER A 322 -13.33 -50.58 15.81
N GLN A 323 -14.19 -50.67 16.81
CA GLN A 323 -13.81 -51.10 18.16
C GLN A 323 -14.79 -52.16 18.63
N PRO A 324 -14.27 -53.26 19.22
CA PRO A 324 -15.11 -54.35 19.71
C PRO A 324 -16.25 -53.88 20.61
N PRO A 325 -17.45 -54.41 20.39
CA PRO A 325 -18.63 -54.03 21.18
C PRO A 325 -18.41 -54.23 22.67
N GLN A 326 -19.27 -53.62 23.48
CA GLN A 326 -19.16 -53.72 24.94
C GLN A 326 -20.49 -53.39 25.63
N PRO A 327 -20.74 -54.03 26.78
CA PRO A 327 -21.97 -53.79 27.55
C PRO A 327 -22.02 -52.36 28.10
N GLY A 328 -23.03 -51.61 27.70
CA GLY A 328 -23.16 -50.24 28.19
C GLY A 328 -22.58 -49.19 27.26
N ASP A 329 -21.79 -49.61 26.26
CA ASP A 329 -21.18 -48.69 25.31
C ASP A 329 -22.15 -48.49 24.14
N LYS A 330 -23.14 -47.63 24.34
CA LYS A 330 -24.15 -47.40 23.33
C LYS A 330 -23.84 -46.26 22.34
N PHE A 331 -22.56 -45.91 22.20
CA PHE A 331 -22.17 -44.83 21.29
C PHE A 331 -22.58 -45.10 19.86
N VAL A 332 -21.90 -46.03 19.21
CA VAL A 332 -22.20 -46.33 17.81
C VAL A 332 -23.69 -46.42 17.57
N SER A 333 -24.41 -47.04 18.49
CA SER A 333 -25.86 -47.17 18.36
C SER A 333 -26.55 -45.82 18.28
N VAL A 334 -26.42 -45.06 19.36
CA VAL A 334 -27.00 -43.72 19.54
C VAL A 334 -26.53 -42.67 18.52
N VAL A 335 -25.24 -42.70 18.21
CA VAL A 335 -24.64 -41.75 17.27
C VAL A 335 -24.87 -42.11 15.80
N SER A 336 -24.89 -43.40 15.48
CA SER A 336 -25.15 -43.77 14.09
C SER A 336 -26.52 -43.19 13.73
N GLN A 337 -27.45 -43.30 14.67
CA GLN A 337 -28.81 -42.82 14.52
C GLN A 337 -28.78 -41.30 14.39
N PHE A 338 -28.13 -40.65 15.36
CA PHE A 338 -28.00 -39.20 15.36
C PHE A 338 -27.50 -38.68 14.02
N ILE A 339 -26.25 -38.96 13.71
CA ILE A 339 -25.67 -38.48 12.47
C ILE A 339 -26.55 -38.62 11.23
N THR A 340 -27.25 -39.73 11.05
CA THR A 340 -28.10 -39.78 9.88
C THR A 340 -29.10 -38.64 9.96
N VAL A 341 -29.86 -38.61 11.05
CA VAL A 341 -30.83 -37.56 11.24
C VAL A 341 -30.15 -36.19 11.12
N ALA A 342 -29.14 -35.94 11.94
CA ALA A 342 -28.43 -34.66 11.92
C ALA A 342 -27.82 -34.30 10.56
N SER A 343 -27.06 -35.22 9.96
CA SER A 343 -26.44 -34.94 8.69
C SER A 343 -27.51 -34.54 7.67
N PHE A 344 -28.75 -34.94 7.93
CA PHE A 344 -29.84 -34.59 7.02
C PHE A 344 -30.31 -33.17 7.33
N SER A 345 -30.71 -32.93 8.57
CA SER A 345 -31.17 -31.60 8.98
C SER A 345 -30.19 -30.53 8.59
N PHE A 346 -28.90 -30.88 8.54
CA PHE A 346 -27.86 -29.92 8.19
C PHE A 346 -27.68 -29.74 6.69
N SER A 347 -27.56 -30.84 5.97
CA SER A 347 -27.38 -30.74 4.52
C SER A 347 -28.37 -29.72 4.03
N ASP A 348 -29.49 -29.64 4.73
CA ASP A 348 -30.53 -28.69 4.38
C ASP A 348 -30.03 -27.27 4.65
N VAL A 349 -29.65 -27.02 5.90
CA VAL A 349 -29.19 -25.71 6.32
C VAL A 349 -28.20 -25.18 5.32
N GLU A 350 -27.27 -26.04 4.96
CA GLU A 350 -26.22 -25.72 4.03
C GLU A 350 -26.83 -25.15 2.75
N ASP A 351 -27.82 -25.85 2.22
CA ASP A 351 -28.48 -25.41 0.99
C ASP A 351 -29.23 -24.09 1.05
N LEU A 352 -30.00 -23.88 2.11
CA LEU A 352 -30.75 -22.63 2.25
C LEU A 352 -29.80 -21.46 2.40
N LEU A 353 -28.71 -21.70 3.12
CA LEU A 353 -27.73 -20.64 3.34
C LEU A 353 -27.20 -20.15 2.00
N ALA A 354 -26.64 -21.07 1.22
CA ALA A 354 -26.08 -20.76 -0.09
C ALA A 354 -27.07 -19.98 -0.93
N GLU A 355 -28.33 -20.38 -0.84
CA GLU A 355 -29.40 -19.73 -1.57
C GLU A 355 -29.62 -18.30 -1.04
N ALA A 356 -29.65 -18.16 0.27
CA ALA A 356 -29.86 -16.86 0.87
C ALA A 356 -28.68 -15.92 0.60
N LYS A 357 -27.47 -16.48 0.62
CA LYS A 357 -26.27 -15.67 0.38
C LYS A 357 -26.28 -15.21 -1.07
N ASP A 358 -26.73 -16.09 -1.93
CA ASP A 358 -26.79 -15.81 -3.34
C ASP A 358 -27.73 -14.65 -3.63
N LEU A 359 -28.98 -14.75 -3.19
CA LEU A 359 -29.98 -13.70 -3.40
C LEU A 359 -29.60 -12.40 -2.73
N PHE A 360 -28.74 -12.47 -1.72
CA PHE A 360 -28.34 -11.25 -1.04
C PHE A 360 -27.45 -10.46 -1.95
N THR A 361 -26.36 -11.10 -2.36
CA THR A 361 -25.38 -10.49 -3.25
C THR A 361 -26.13 -9.88 -4.41
N LYS A 362 -27.13 -10.59 -4.91
CA LYS A 362 -27.94 -10.10 -6.01
C LYS A 362 -28.66 -8.81 -5.62
N ALA A 363 -29.34 -8.85 -4.49
CA ALA A 363 -30.06 -7.68 -4.03
C ALA A 363 -29.10 -6.55 -3.84
N VAL A 364 -27.94 -6.83 -3.24
CA VAL A 364 -26.95 -5.77 -3.01
C VAL A 364 -26.55 -5.08 -4.30
N LYS A 365 -26.33 -5.89 -5.34
CA LYS A 365 -25.95 -5.37 -6.64
C LYS A 365 -27.10 -4.58 -7.21
N HIS A 366 -28.31 -5.06 -6.96
CA HIS A 366 -29.48 -4.39 -7.50
C HIS A 366 -29.64 -2.98 -7.00
N PHE A 367 -29.04 -2.62 -5.88
CA PHE A 367 -29.20 -1.25 -5.42
C PHE A 367 -27.93 -0.41 -5.50
N GLY A 368 -26.99 -0.89 -6.32
CA GLY A 368 -25.74 -0.18 -6.54
C GLY A 368 -24.67 -0.35 -5.49
N GLU A 369 -24.91 -1.16 -4.47
CA GLU A 369 -23.90 -1.35 -3.44
C GLU A 369 -22.74 -2.17 -3.97
N GLU A 370 -21.55 -1.86 -3.46
CA GLU A 370 -20.31 -2.54 -3.87
C GLU A 370 -20.30 -4.03 -3.55
N ALA A 371 -19.84 -4.82 -4.51
CA ALA A 371 -19.74 -6.27 -4.41
C ALA A 371 -19.94 -6.80 -2.99
N GLY A 372 -18.88 -7.35 -2.38
CA GLY A 372 -19.03 -7.87 -1.04
C GLY A 372 -18.54 -6.94 0.03
N LYS A 373 -18.89 -5.67 -0.04
CA LYS A 373 -18.43 -4.75 0.97
C LYS A 373 -19.53 -4.32 1.95
N ILE A 374 -20.69 -4.97 1.85
CA ILE A 374 -21.82 -4.64 2.71
C ILE A 374 -22.51 -5.87 3.28
N GLN A 375 -22.79 -5.86 4.58
CA GLN A 375 -23.46 -7.00 5.22
C GLN A 375 -24.95 -6.73 5.38
N PRO A 376 -25.73 -7.79 5.62
CA PRO A 376 -27.17 -7.65 5.81
C PRO A 376 -27.57 -6.67 6.93
N ASP A 377 -26.99 -6.83 8.11
CA ASP A 377 -27.31 -5.95 9.21
C ASP A 377 -27.28 -4.49 8.79
N GLU A 378 -26.34 -4.15 7.91
CA GLU A 378 -26.19 -2.77 7.46
C GLU A 378 -26.99 -2.47 6.21
N PHE A 379 -27.02 -3.43 5.30
CA PHE A 379 -27.76 -3.27 4.05
C PHE A 379 -29.21 -3.02 4.40
N PHE A 380 -29.85 -4.05 4.95
CA PHE A 380 -31.24 -3.96 5.36
C PHE A 380 -31.38 -2.95 6.49
N GLY A 381 -30.26 -2.62 7.13
CA GLY A 381 -30.36 -1.63 8.18
C GLY A 381 -30.89 -0.36 7.54
N ILE A 382 -30.23 0.03 6.45
CA ILE A 382 -30.59 1.23 5.70
C ILE A 382 -32.08 1.36 5.47
N PHE A 383 -32.70 0.27 5.01
CA PHE A 383 -34.12 0.24 4.73
C PHE A 383 -34.94 0.30 6.01
N ASP A 384 -34.55 -0.49 7.01
CA ASP A 384 -35.27 -0.49 8.27
C ASP A 384 -35.28 0.93 8.84
N GLN A 385 -34.16 1.61 8.75
CA GLN A 385 -34.08 2.98 9.26
C GLN A 385 -35.08 3.80 8.49
N PHE A 386 -35.13 3.59 7.18
CA PHE A 386 -36.04 4.37 6.38
C PHE A 386 -37.50 4.17 6.81
N LEU A 387 -37.92 2.91 6.83
CA LEU A 387 -39.28 2.52 7.20
C LEU A 387 -39.70 3.19 8.51
N GLN A 388 -38.75 3.37 9.42
CA GLN A 388 -39.09 4.04 10.66
C GLN A 388 -39.42 5.45 10.26
N ALA A 389 -38.39 6.22 9.94
CA ALA A 389 -38.53 7.61 9.52
C ALA A 389 -39.81 7.91 8.74
N VAL A 390 -40.23 6.96 7.90
CA VAL A 390 -41.43 7.08 7.08
C VAL A 390 -42.67 6.91 7.96
N SER A 391 -42.68 5.84 8.77
CA SER A 391 -43.83 5.59 9.63
C SER A 391 -44.05 6.69 10.67
N GLU A 392 -42.97 7.32 11.11
CA GLU A 392 -43.11 8.38 12.11
C GLU A 392 -43.35 9.74 11.49
N ALA A 393 -43.14 9.85 10.20
CA ALA A 393 -43.38 11.12 9.52
C ALA A 393 -44.84 11.10 9.11
N LYS A 394 -45.27 9.95 8.58
CA LYS A 394 -46.64 9.78 8.14
C LYS A 394 -47.54 10.07 9.32
N GLN A 395 -47.02 9.80 10.50
CA GLN A 395 -47.74 10.03 11.74
C GLN A 395 -47.79 11.52 12.00
N GLU A 396 -46.60 12.10 12.22
CA GLU A 396 -46.51 13.53 12.47
C GLU A 396 -47.34 14.22 11.41
N ASN A 397 -47.39 13.62 10.23
CA ASN A 397 -48.14 14.16 9.14
C ASN A 397 -49.61 14.31 9.50
N GLU A 398 -50.18 13.26 10.08
CA GLU A 398 -51.59 13.29 10.46
C GLU A 398 -51.86 14.24 11.64
N ASN A 399 -50.91 14.34 12.55
CA ASN A 399 -51.05 15.23 13.70
C ASN A 399 -51.36 16.64 13.22
N MET A 400 -50.51 17.18 12.36
CA MET A 400 -50.75 18.52 11.88
C MET A 400 -51.97 18.55 10.97
N ARG A 401 -52.27 17.40 10.34
CA ARG A 401 -53.40 17.27 9.44
C ARG A 401 -54.71 17.46 10.21
N LYS A 402 -54.63 17.30 11.52
CA LYS A 402 -55.80 17.44 12.38
C LYS A 402 -55.74 18.75 13.18
N LYS A 403 -54.55 19.14 13.60
CA LYS A 403 -54.38 20.36 14.34
C LYS A 403 -54.73 21.53 13.43
N LYS A 404 -54.59 21.34 12.13
CA LYS A 404 -54.91 22.40 11.18
C LYS A 404 -56.40 22.34 10.83
N GLU A 405 -57.01 21.17 10.94
CA GLU A 405 -58.43 21.05 10.64
C GLU A 405 -59.21 21.67 11.79
N GLU A 406 -58.71 21.46 13.00
CA GLU A 406 -59.34 22.01 14.19
C GLU A 406 -59.28 23.54 14.12
N GLU A 407 -58.15 24.07 13.65
CA GLU A 407 -57.99 25.51 13.56
C GLU A 407 -58.77 26.14 12.41
N GLU A 408 -59.20 25.32 11.46
CA GLU A 408 -59.98 25.84 10.35
C GLU A 408 -61.46 25.80 10.70
N ARG A 409 -61.75 25.27 11.89
CA ARG A 409 -63.11 25.16 12.39
C ARG A 409 -63.20 25.93 13.71
N ARG A 410 -62.09 25.92 14.47
CA ARG A 410 -61.97 26.58 15.78
C ARG A 410 -61.53 28.05 15.78
N ALA A 411 -61.34 28.61 14.59
CA ALA A 411 -60.99 30.02 14.47
C ALA A 411 -62.36 30.64 14.25
N ARG A 412 -63.35 29.75 14.20
CA ARG A 412 -64.76 30.09 13.99
C ARG A 412 -65.43 30.38 15.34
N MET A 413 -65.21 29.48 16.30
CA MET A 413 -65.77 29.64 17.64
C MET A 413 -65.13 30.79 18.39
N GLU A 414 -64.22 31.52 17.74
CA GLU A 414 -63.54 32.64 18.37
C GLU A 414 -63.44 33.90 17.52
N ALA A 415 -63.56 33.76 16.21
CA ALA A 415 -63.48 34.92 15.31
C ALA A 415 -64.86 35.51 15.07
N GLN A 416 -65.85 34.98 15.77
CA GLN A 416 -67.22 35.46 15.64
C GLN A 416 -67.88 35.66 17.00
N LEU A 417 -67.35 34.97 18.03
CA LEU A 417 -67.89 35.12 19.37
C LEU A 417 -67.26 36.35 20.02
N LYS A 418 -66.63 37.17 19.20
CA LYS A 418 -66.00 38.40 19.64
C LYS A 418 -66.70 39.59 18.99
N GLU A 419 -67.86 39.30 18.38
CA GLU A 419 -68.66 40.32 17.72
C GLU A 419 -69.82 40.76 18.61
N MET B 1 -21.94 10.12 -20.94
CA MET B 1 -21.67 9.72 -22.35
C MET B 1 -22.38 8.42 -22.64
N GLY B 2 -22.64 8.16 -23.92
CA GLY B 2 -23.32 6.93 -24.31
C GLY B 2 -24.80 7.13 -24.56
N LEU B 3 -25.32 6.43 -25.56
CA LEU B 3 -26.74 6.53 -25.93
C LEU B 3 -27.66 6.07 -24.80
N ALA B 4 -27.25 5.06 -24.06
CA ALA B 4 -28.06 4.55 -22.97
C ALA B 4 -28.64 5.70 -22.15
N LEU B 5 -27.79 6.43 -21.45
CA LEU B 5 -28.25 7.55 -20.63
C LEU B 5 -28.68 8.69 -21.53
N LYS B 6 -29.68 8.44 -22.36
CA LYS B 6 -30.20 9.46 -23.26
C LYS B 6 -31.34 10.18 -22.56
N LYS B 7 -31.07 10.69 -21.36
CA LYS B 7 -32.08 11.42 -20.60
C LYS B 7 -32.42 12.62 -21.48
N LYS B 8 -33.38 13.43 -21.08
CA LYS B 8 -33.75 14.57 -21.92
C LYS B 8 -34.46 15.73 -21.26
N SER B 9 -35.77 15.61 -21.18
CA SER B 9 -36.62 16.64 -20.63
C SER B 9 -36.38 16.98 -19.16
N ILE B 10 -35.61 18.04 -18.94
CA ILE B 10 -35.29 18.49 -17.58
C ILE B 10 -36.06 19.75 -17.18
N PRO B 11 -37.24 19.59 -16.55
CA PRO B 11 -37.94 20.83 -16.17
C PRO B 11 -37.26 21.34 -14.91
N GLN B 12 -36.63 22.51 -14.98
CA GLN B 12 -35.97 23.02 -13.79
C GLN B 12 -36.65 24.26 -13.21
N PRO B 13 -36.55 24.44 -11.89
CA PRO B 13 -37.12 25.56 -11.13
C PRO B 13 -36.76 26.97 -11.56
N THR B 14 -37.79 27.80 -11.69
CA THR B 14 -37.58 29.18 -12.08
C THR B 14 -36.85 29.93 -10.99
N ASN B 15 -37.08 29.50 -9.75
CA ASN B 15 -36.43 30.12 -8.59
C ASN B 15 -35.56 29.11 -7.84
N ALA B 16 -34.74 29.62 -6.93
CA ALA B 16 -33.88 28.76 -6.15
C ALA B 16 -34.68 27.98 -5.12
N LEU B 17 -34.26 26.73 -4.86
CA LEU B 17 -34.91 25.85 -3.90
C LEU B 17 -33.89 25.37 -2.89
N LYS B 18 -34.33 24.65 -1.86
CA LYS B 18 -33.39 24.11 -0.89
C LYS B 18 -32.84 22.88 -1.59
N SER B 19 -31.70 22.37 -1.13
CA SER B 19 -31.11 21.20 -1.77
C SER B 19 -31.46 19.92 -1.03
N PHE B 20 -31.33 18.79 -1.72
CA PHE B 20 -31.64 17.47 -1.12
C PHE B 20 -30.45 16.90 -0.32
N ASN B 21 -29.28 16.80 -0.95
CA ASN B 21 -28.07 16.28 -0.28
C ASN B 21 -27.91 14.77 -0.37
N TRP B 22 -28.15 14.22 -1.56
CA TRP B 22 -27.99 12.80 -1.76
C TRP B 22 -26.57 12.46 -2.16
N SER B 23 -26.39 11.26 -2.62
CA SER B 23 -25.09 10.78 -3.04
C SER B 23 -25.38 10.12 -4.36
N LYS B 24 -25.20 10.86 -5.45
CA LYS B 24 -25.49 10.29 -6.75
C LYS B 24 -24.68 9.06 -7.08
N LEU B 25 -25.23 8.26 -7.97
CA LEU B 25 -24.63 7.03 -8.41
C LEU B 25 -24.04 7.34 -9.79
N PRO B 26 -22.75 7.03 -9.99
CA PRO B 26 -22.10 7.30 -11.28
C PRO B 26 -22.76 6.53 -12.42
N GLU B 27 -22.82 7.18 -13.58
CA GLU B 27 -23.44 6.60 -14.76
C GLU B 27 -22.99 5.16 -15.01
N ASN B 28 -21.69 4.91 -14.81
CA ASN B 28 -21.09 3.59 -15.02
C ASN B 28 -21.61 2.52 -14.08
N LYS B 29 -21.66 2.85 -12.79
CA LYS B 29 -22.14 1.93 -11.76
C LYS B 29 -23.65 1.73 -11.85
N LEU B 30 -24.26 2.26 -12.89
CA LEU B 30 -25.70 2.19 -13.10
C LEU B 30 -26.24 0.96 -13.80
N GLU B 31 -25.37 0.16 -14.40
CA GLU B 31 -25.86 -1.01 -15.15
C GLU B 31 -26.35 -2.15 -14.30
N GLY B 32 -27.41 -2.79 -14.76
CA GLY B 32 -27.97 -3.91 -14.03
C GLY B 32 -28.41 -3.57 -12.62
N THR B 33 -29.00 -2.39 -12.43
CA THR B 33 -29.48 -1.97 -11.12
C THR B 33 -30.94 -1.60 -11.28
N VAL B 34 -31.58 -1.18 -10.18
CA VAL B 34 -32.97 -0.79 -10.25
C VAL B 34 -33.11 0.37 -11.20
N TRP B 35 -32.21 1.34 -11.05
CA TRP B 35 -32.26 2.55 -11.86
C TRP B 35 -32.42 2.33 -13.37
N THR B 36 -32.23 1.10 -13.84
CA THR B 36 -32.40 0.78 -15.25
C THR B 36 -33.89 0.77 -15.54
N GLU B 37 -34.72 0.64 -14.50
CA GLU B 37 -36.17 0.60 -14.65
C GLU B 37 -36.87 1.82 -14.06
N ILE B 38 -36.10 2.81 -13.63
CA ILE B 38 -36.69 3.97 -13.02
C ILE B 38 -36.44 5.16 -13.90
N ASP B 39 -37.49 5.91 -14.19
CA ASP B 39 -37.38 7.09 -15.02
C ASP B 39 -38.09 8.25 -14.40
N ASP B 40 -37.34 9.14 -13.75
CA ASP B 40 -37.92 10.29 -13.09
C ASP B 40 -38.72 11.19 -14.02
N THR B 41 -38.61 10.94 -15.31
CA THR B 41 -39.35 11.72 -16.29
C THR B 41 -40.83 11.50 -16.06
N LYS B 42 -41.19 10.23 -15.88
CA LYS B 42 -42.57 9.84 -15.64
C LYS B 42 -43.22 10.60 -14.49
N VAL B 43 -42.43 10.97 -13.49
CA VAL B 43 -42.97 11.68 -12.35
C VAL B 43 -43.31 13.12 -12.64
N PHE B 44 -42.46 13.80 -13.39
CA PHE B 44 -42.70 15.22 -13.70
C PHE B 44 -44.01 15.48 -14.41
N LYS B 45 -44.50 14.49 -15.15
CA LYS B 45 -45.75 14.65 -15.87
C LYS B 45 -46.93 14.67 -14.89
N ILE B 46 -46.65 14.46 -13.61
CA ILE B 46 -47.70 14.40 -12.59
C ILE B 46 -47.45 15.32 -11.38
N LEU B 47 -46.19 15.69 -11.17
CA LEU B 47 -45.85 16.55 -10.04
C LEU B 47 -46.33 17.99 -10.17
N ASP B 48 -46.85 18.53 -9.06
CA ASP B 48 -47.33 19.91 -9.01
C ASP B 48 -46.15 20.80 -8.67
N LEU B 49 -45.24 20.93 -9.63
CA LEU B 49 -44.03 21.72 -9.46
C LEU B 49 -44.19 23.06 -8.75
N GLU B 50 -45.18 23.84 -9.13
CA GLU B 50 -45.37 25.15 -8.51
C GLU B 50 -45.53 24.99 -7.00
N ASP B 51 -46.18 23.92 -6.57
CA ASP B 51 -46.38 23.69 -5.14
C ASP B 51 -45.03 23.48 -4.48
N LEU B 52 -44.29 22.50 -4.99
CA LEU B 52 -42.97 22.14 -4.48
C LEU B 52 -42.13 23.39 -4.26
N GLU B 53 -41.97 24.17 -5.33
CA GLU B 53 -41.16 25.38 -5.28
C GLU B 53 -41.49 26.32 -4.14
N ARG B 54 -42.77 26.61 -3.91
CA ARG B 54 -43.10 27.52 -2.82
C ARG B 54 -42.94 26.86 -1.47
N THR B 55 -43.04 25.54 -1.44
CA THR B 55 -42.89 24.78 -0.19
C THR B 55 -41.41 24.72 0.28
N PHE B 56 -40.49 24.62 -0.67
CA PHE B 56 -39.07 24.56 -0.35
C PHE B 56 -38.24 25.63 -1.03
N SER B 57 -38.51 26.88 -0.70
CA SER B 57 -37.77 27.99 -1.30
C SER B 57 -36.40 28.09 -0.69
N ALA B 58 -35.44 28.54 -1.49
CA ALA B 58 -34.08 28.74 -1.02
C ALA B 58 -34.14 29.95 -0.09
N TYR B 59 -35.07 30.87 -0.37
CA TYR B 59 -35.26 32.08 0.43
C TYR B 59 -36.35 31.86 1.47
N GLN B 60 -36.05 32.18 2.73
CA GLN B 60 -36.99 32.03 3.82
C GLN B 60 -36.86 33.10 4.87
N ARG B 61 -37.87 33.20 5.74
CA ARG B 61 -37.82 34.23 6.78
C ARG B 61 -36.69 33.96 7.77
N GLN B 62 -36.12 35.08 8.23
CA GLN B 62 -34.99 35.14 9.15
C GLN B 62 -34.88 34.03 10.20
N GLN B 63 -34.54 32.83 9.74
CA GLN B 63 -34.36 31.69 10.63
C GLN B 63 -33.47 32.17 11.77
N ASP B 64 -34.10 32.56 12.88
CA ASP B 64 -33.41 33.10 14.05
C ASP B 64 -32.33 32.21 14.67
N PHE B 65 -31.33 32.87 15.24
CA PHE B 65 -30.18 32.21 15.87
C PHE B 65 -30.42 30.85 16.50
N PHE B 66 -29.31 30.14 16.72
CA PHE B 66 -29.30 28.81 17.31
C PHE B 66 -30.32 28.66 18.45
N VAL B 89 -37.16 41.27 4.01
CA VAL B 89 -36.14 40.64 4.84
C VAL B 89 -36.08 39.12 4.72
N LYS B 90 -35.58 38.63 3.58
CA LYS B 90 -35.48 37.20 3.32
C LYS B 90 -34.06 36.70 3.64
N GLU B 91 -33.91 35.38 3.76
CA GLU B 91 -32.62 34.77 4.03
C GLU B 91 -32.43 33.64 3.03
N LEU B 92 -31.21 33.43 2.54
CA LEU B 92 -30.96 32.36 1.59
C LEU B 92 -30.26 31.18 2.28
N SER B 93 -30.88 30.01 2.21
CA SER B 93 -30.33 28.80 2.82
C SER B 93 -30.48 27.60 1.90
N VAL B 94 -29.37 27.08 1.41
CA VAL B 94 -29.38 25.94 0.50
C VAL B 94 -29.02 24.65 1.23
N ILE B 95 -27.95 24.71 2.03
CA ILE B 95 -27.46 23.58 2.80
C ILE B 95 -28.61 22.94 3.57
N ASP B 96 -28.59 21.61 3.70
CA ASP B 96 -29.67 20.95 4.42
C ASP B 96 -29.65 21.30 5.90
N GLY B 97 -30.80 21.17 6.54
CA GLY B 97 -30.89 21.50 7.95
C GLY B 97 -29.93 20.76 8.88
N ARG B 98 -29.67 19.49 8.59
CA ARG B 98 -28.76 18.75 9.45
C ARG B 98 -27.43 19.46 9.46
N ARG B 99 -26.70 19.35 8.36
CA ARG B 99 -25.39 20.00 8.28
C ARG B 99 -25.41 21.45 8.72
N ALA B 100 -26.42 22.20 8.27
CA ALA B 100 -26.56 23.61 8.62
C ALA B 100 -26.47 23.85 10.11
N GLN B 101 -27.22 23.05 10.86
CA GLN B 101 -27.26 23.15 12.33
C GLN B 101 -25.93 22.85 13.02
N ASN B 102 -25.34 21.70 12.73
CA ASN B 102 -24.08 21.33 13.33
C ASN B 102 -23.02 22.38 13.06
N CYS B 103 -23.14 23.03 11.90
CA CYS B 103 -22.20 24.05 11.50
C CYS B 103 -22.38 25.28 12.38
N ASN B 104 -23.63 25.67 12.61
CA ASN B 104 -23.92 26.85 13.44
C ASN B 104 -23.50 26.58 14.89
N ILE B 105 -23.66 25.34 15.33
CA ILE B 105 -23.24 25.00 16.69
C ILE B 105 -21.74 25.19 16.73
N LEU B 106 -21.04 24.72 15.69
CA LEU B 106 -19.60 24.88 15.66
C LEU B 106 -19.22 26.34 15.72
N LEU B 107 -19.75 27.10 14.76
CA LEU B 107 -19.47 28.51 14.67
C LEU B 107 -19.63 29.23 16.02
N SER B 108 -20.71 28.91 16.71
CA SER B 108 -21.00 29.51 18.01
C SER B 108 -19.90 29.25 19.06
N ARG B 109 -19.36 28.03 19.09
CA ARG B 109 -18.30 27.72 20.05
C ARG B 109 -17.00 28.38 19.60
N LEU B 110 -16.85 28.48 18.28
CA LEU B 110 -15.66 29.06 17.69
C LEU B 110 -15.52 30.56 17.93
N LYS B 111 -16.59 31.31 17.69
CA LYS B 111 -16.52 32.73 17.94
C LYS B 111 -15.42 33.51 17.18
N LEU B 112 -15.44 33.39 15.86
CA LEU B 112 -14.50 34.07 14.95
C LEU B 112 -15.24 34.42 13.65
N SER B 113 -15.06 35.63 13.12
CA SER B 113 -15.74 35.98 11.88
C SER B 113 -15.11 35.17 10.77
N ASN B 114 -15.82 34.96 9.66
CA ASN B 114 -15.27 34.19 8.56
C ASN B 114 -13.93 34.80 8.16
N ASP B 115 -13.87 36.13 8.15
CA ASP B 115 -12.64 36.81 7.78
C ASP B 115 -11.47 36.39 8.67
N GLU B 116 -11.69 36.40 9.97
CA GLU B 116 -10.65 36.02 10.92
C GLU B 116 -10.24 34.59 10.68
N ILE B 117 -11.22 33.69 10.55
CA ILE B 117 -10.90 32.28 10.30
C ILE B 117 -10.01 32.17 9.06
N LYS B 118 -10.49 32.71 7.94
CA LYS B 118 -9.73 32.67 6.70
C LYS B 118 -8.29 33.11 6.95
N ARG B 119 -8.13 34.26 7.59
CA ARG B 119 -6.80 34.78 7.88
C ARG B 119 -5.98 33.77 8.69
N ALA B 120 -6.61 33.15 9.68
CA ALA B 120 -5.91 32.19 10.50
C ALA B 120 -5.38 31.00 9.70
N ILE B 121 -6.24 30.34 8.91
CA ILE B 121 -5.74 29.20 8.15
C ILE B 121 -4.76 29.62 7.04
N LEU B 122 -4.71 30.90 6.70
CA LEU B 122 -3.79 31.37 5.66
C LEU B 122 -2.46 31.73 6.29
N THR B 123 -2.44 31.84 7.61
CA THR B 123 -1.25 32.17 8.37
C THR B 123 -0.86 31.00 9.28
N MET B 124 -1.45 29.83 9.05
CA MET B 124 -1.15 28.68 9.88
C MET B 124 -1.31 29.10 11.32
N ASP B 125 -2.35 29.92 11.53
CA ASP B 125 -2.74 30.45 12.83
C ASP B 125 -1.62 31.06 13.66
N GLU B 126 -1.11 32.20 13.21
CA GLU B 126 -0.04 32.89 13.91
C GLU B 126 -0.53 33.56 15.19
N GLN B 127 -1.80 33.97 15.20
CA GLN B 127 -2.39 34.62 16.37
C GLN B 127 -2.93 33.60 17.35
N GLU B 128 -2.74 32.32 17.03
CA GLU B 128 -3.20 31.23 17.87
C GLU B 128 -4.67 31.42 18.26
N ASP B 129 -5.53 31.56 17.25
CA ASP B 129 -6.96 31.74 17.47
C ASP B 129 -7.71 30.44 17.26
N LEU B 130 -7.03 29.45 16.68
CA LEU B 130 -7.65 28.16 16.41
C LEU B 130 -7.09 26.99 17.25
N PRO B 131 -7.76 26.68 18.37
CA PRO B 131 -7.35 25.58 19.26
C PRO B 131 -7.50 24.20 18.63
N LYS B 132 -6.68 23.27 19.12
CA LYS B 132 -6.69 21.92 18.60
C LYS B 132 -8.07 21.31 18.51
N ASP B 133 -8.88 21.50 19.55
CA ASP B 133 -10.23 20.95 19.57
C ASP B 133 -11.12 21.52 18.49
N MET B 134 -10.89 22.79 18.18
CA MET B 134 -11.66 23.47 17.14
C MET B 134 -11.26 22.99 15.74
N LEU B 135 -9.95 22.98 15.47
CA LEU B 135 -9.46 22.52 14.17
C LEU B 135 -10.01 21.15 13.87
N GLU B 136 -10.08 20.31 14.90
CA GLU B 136 -10.57 18.96 14.72
C GLU B 136 -12.01 19.03 14.27
N GLN B 137 -12.71 20.01 14.82
CA GLN B 137 -14.12 20.24 14.51
C GLN B 137 -14.26 20.79 13.09
N LEU B 138 -13.50 21.85 12.80
CA LEU B 138 -13.46 22.48 11.48
C LEU B 138 -13.31 21.41 10.40
N LEU B 139 -12.44 20.45 10.67
CA LEU B 139 -12.16 19.35 9.76
C LEU B 139 -13.38 18.48 9.46
N LYS B 140 -14.40 18.58 10.31
CA LYS B 140 -15.63 17.82 10.15
C LYS B 140 -16.60 18.49 9.17
N PHE B 141 -16.52 19.81 9.04
CA PHE B 141 -17.42 20.54 8.14
C PHE B 141 -16.69 21.36 7.09
N VAL B 142 -16.11 20.68 6.10
CA VAL B 142 -15.40 21.37 5.03
C VAL B 142 -16.32 21.34 3.79
N PRO B 143 -16.43 22.48 3.08
CA PRO B 143 -17.28 22.51 1.90
C PRO B 143 -16.87 21.51 0.84
N GLU B 144 -17.73 20.52 0.62
CA GLU B 144 -17.49 19.49 -0.37
C GLU B 144 -17.74 20.00 -1.78
N LYS B 145 -17.37 19.18 -2.76
CA LYS B 145 -17.52 19.47 -4.17
C LYS B 145 -18.94 19.97 -4.41
N SER B 146 -19.91 19.15 -4.01
CA SER B 146 -21.33 19.45 -4.16
C SER B 146 -21.72 20.85 -3.70
N ASP B 147 -21.38 21.18 -2.46
CA ASP B 147 -21.71 22.48 -1.90
C ASP B 147 -21.22 23.65 -2.71
N ILE B 148 -19.93 23.65 -3.05
CA ILE B 148 -19.40 24.75 -3.83
C ILE B 148 -20.28 24.97 -5.05
N ASP B 149 -20.55 23.89 -5.80
CA ASP B 149 -21.39 23.98 -6.98
C ASP B 149 -22.74 24.58 -6.68
N LEU B 150 -23.41 24.06 -5.63
CA LEU B 150 -24.72 24.55 -5.25
C LEU B 150 -24.69 25.98 -4.74
N LEU B 151 -23.59 26.37 -4.11
CA LEU B 151 -23.48 27.72 -3.58
C LEU B 151 -22.95 28.72 -4.62
N GLU B 152 -22.45 28.23 -5.74
CA GLU B 152 -21.92 29.11 -6.78
C GLU B 152 -22.99 30.05 -7.33
N GLU B 153 -24.14 29.49 -7.66
CA GLU B 153 -25.23 30.28 -8.22
C GLU B 153 -25.68 31.43 -7.35
N HIS B 154 -24.92 31.76 -6.30
CA HIS B 154 -25.36 32.84 -5.43
C HIS B 154 -24.28 33.81 -5.02
N LYS B 155 -23.15 33.80 -5.71
CA LYS B 155 -22.07 34.70 -5.33
C LYS B 155 -22.55 36.13 -5.31
N HIS B 156 -23.54 36.45 -6.12
CA HIS B 156 -24.06 37.81 -6.19
C HIS B 156 -24.72 38.25 -4.90
N GLU B 157 -25.30 37.29 -4.18
CA GLU B 157 -26.00 37.58 -2.93
C GLU B 157 -25.54 36.80 -1.71
N LEU B 158 -24.24 36.74 -1.50
CA LEU B 158 -23.73 36.06 -0.32
C LEU B 158 -24.16 37.00 0.82
N ASP B 159 -24.69 38.14 0.37
CA ASP B 159 -25.24 39.20 1.17
C ASP B 159 -26.41 38.47 1.81
N ARG B 160 -26.61 38.62 3.12
CA ARG B 160 -27.70 37.90 3.76
C ARG B 160 -27.88 36.51 3.09
N MET B 161 -27.01 35.59 3.50
CA MET B 161 -26.96 34.22 3.03
C MET B 161 -26.79 33.56 4.38
N ALA B 162 -27.65 32.59 4.69
CA ALA B 162 -27.62 31.90 5.98
C ALA B 162 -26.22 31.75 6.54
N LYS B 163 -26.07 32.00 7.83
CA LYS B 163 -24.77 31.91 8.46
C LYS B 163 -24.03 30.66 8.00
N ALA B 164 -24.66 29.50 8.17
CA ALA B 164 -24.02 28.26 7.76
C ALA B 164 -23.58 28.29 6.30
N ASP B 165 -24.52 28.63 5.43
CA ASP B 165 -24.26 28.69 3.99
C ASP B 165 -23.15 29.66 3.64
N ARG B 166 -23.13 30.81 4.31
CA ARG B 166 -22.11 31.81 4.06
C ARG B 166 -20.71 31.29 4.39
N PHE B 167 -20.57 30.61 5.52
CA PHE B 167 -19.29 30.08 5.97
C PHE B 167 -18.70 29.10 4.95
N LEU B 168 -19.45 28.07 4.62
CA LEU B 168 -19.02 27.06 3.66
C LEU B 168 -18.51 27.70 2.38
N PHE B 169 -19.18 28.75 1.92
CA PHE B 169 -18.75 29.43 0.70
C PHE B 169 -17.45 30.18 0.96
N GLU B 170 -17.48 31.07 1.94
CA GLU B 170 -16.29 31.84 2.27
C GLU B 170 -15.05 30.96 2.34
N MET B 171 -15.15 29.80 2.98
CA MET B 171 -14.00 28.91 3.09
C MET B 171 -13.72 28.23 1.77
N SER B 172 -14.77 27.79 1.09
CA SER B 172 -14.58 27.14 -0.19
C SER B 172 -13.83 28.06 -1.16
N ARG B 173 -13.80 29.35 -0.88
CA ARG B 173 -13.09 30.27 -1.75
C ARG B 173 -11.60 30.33 -1.40
N ILE B 174 -11.19 29.55 -0.40
CA ILE B 174 -9.78 29.50 0.01
C ILE B 174 -9.16 28.35 -0.74
N ASN B 175 -8.00 28.57 -1.31
CA ASN B 175 -7.34 27.54 -2.08
C ASN B 175 -6.81 26.37 -1.25
N HIS B 176 -7.23 25.16 -1.61
CA HIS B 176 -6.78 23.96 -0.91
C HIS B 176 -7.08 24.07 0.57
N TYR B 177 -8.26 24.60 0.88
CA TYR B 177 -8.70 24.78 2.26
C TYR B 177 -8.57 23.47 3.04
N GLN B 178 -9.10 22.39 2.46
CA GLN B 178 -9.03 21.07 3.10
C GLN B 178 -7.64 20.84 3.63
N GLN B 179 -6.70 20.65 2.70
CA GLN B 179 -5.31 20.42 3.07
C GLN B 179 -4.71 21.51 3.95
N ARG B 180 -5.03 22.76 3.67
CA ARG B 180 -4.52 23.86 4.50
C ARG B 180 -4.89 23.58 5.95
N LEU B 181 -6.11 23.11 6.17
CA LEU B 181 -6.59 22.81 7.51
C LEU B 181 -5.84 21.60 8.05
N GLN B 182 -6.08 20.45 7.43
CA GLN B 182 -5.44 19.21 7.85
C GLN B 182 -3.98 19.41 8.21
N SER B 183 -3.26 20.26 7.46
CA SER B 183 -1.87 20.48 7.78
C SER B 183 -1.76 21.25 9.07
N LEU B 184 -2.55 22.31 9.21
CA LEU B 184 -2.50 23.12 10.41
C LEU B 184 -2.82 22.30 11.65
N TYR B 185 -3.75 21.38 11.52
CA TYR B 185 -4.13 20.53 12.64
C TYR B 185 -2.96 19.61 12.98
N PHE B 186 -2.44 18.91 11.97
CA PHE B 186 -1.32 17.99 12.10
C PHE B 186 -0.12 18.67 12.75
N LYS B 187 0.14 19.90 12.32
CA LYS B 187 1.24 20.66 12.87
C LYS B 187 1.01 20.85 14.38
N LYS B 188 -0.19 21.31 14.74
CA LYS B 188 -0.54 21.53 16.14
C LYS B 188 -0.45 20.24 16.94
N LYS B 189 -0.81 19.13 16.31
CA LYS B 189 -0.76 17.84 16.99
C LYS B 189 0.39 17.00 16.48
N PHE B 190 1.61 17.38 16.82
CA PHE B 190 2.75 16.62 16.36
C PHE B 190 3.67 16.37 17.53
N ALA B 191 3.85 17.40 18.36
CA ALA B 191 4.70 17.27 19.54
C ALA B 191 4.07 16.19 20.40
N GLU B 192 2.80 16.36 20.70
CA GLU B 192 2.08 15.40 21.50
C GLU B 192 2.23 14.00 20.94
N ARG B 193 1.77 13.79 19.73
CA ARG B 193 1.86 12.47 19.12
C ARG B 193 3.26 11.87 19.23
N VAL B 194 4.29 12.63 18.89
CA VAL B 194 5.64 12.09 18.95
C VAL B 194 6.02 11.79 20.40
N ALA B 195 5.61 12.66 21.31
CA ALA B 195 5.92 12.46 22.71
C ALA B 195 5.30 11.19 23.25
N GLU B 196 4.03 10.95 22.93
CA GLU B 196 3.36 9.76 23.44
C GLU B 196 3.80 8.48 22.77
N VAL B 197 4.66 8.57 21.76
CA VAL B 197 5.08 7.33 21.12
C VAL B 197 6.47 6.93 21.53
N LYS B 198 7.33 7.91 21.78
CA LYS B 198 8.71 7.61 22.15
C LYS B 198 8.83 6.69 23.37
N PRO B 199 8.18 7.05 24.48
CA PRO B 199 8.28 6.19 25.66
C PRO B 199 7.76 4.79 25.41
N LYS B 200 6.73 4.67 24.59
CA LYS B 200 6.21 3.35 24.33
C LYS B 200 7.26 2.51 23.60
N VAL B 201 7.86 3.09 22.56
CA VAL B 201 8.85 2.36 21.80
C VAL B 201 10.06 2.09 22.69
N GLU B 202 10.40 3.02 23.57
CA GLU B 202 11.53 2.81 24.45
C GLU B 202 11.24 1.67 25.42
N ALA B 203 10.05 1.71 26.00
CA ALA B 203 9.60 0.71 26.95
C ALA B 203 9.69 -0.69 26.38
N ILE B 204 9.58 -0.84 25.06
CA ILE B 204 9.69 -2.16 24.47
C ILE B 204 11.18 -2.45 24.27
N ARG B 205 11.92 -1.43 23.85
CA ARG B 205 13.37 -1.56 23.66
C ARG B 205 13.94 -2.00 24.99
N SER B 206 13.73 -1.16 25.99
CA SER B 206 14.21 -1.42 27.33
C SER B 206 13.73 -2.75 27.87
N GLY B 207 12.45 -3.05 27.71
CA GLY B 207 11.93 -4.30 28.20
C GLY B 207 12.57 -5.49 27.52
N SER B 208 12.59 -5.48 26.19
CA SER B 208 13.19 -6.57 25.46
C SER B 208 14.60 -6.88 25.96
N GLU B 209 15.37 -5.83 26.25
CA GLU B 209 16.73 -6.00 26.72
C GLU B 209 16.80 -6.60 28.10
N GLU B 210 16.21 -5.93 29.07
CA GLU B 210 16.25 -6.40 30.44
C GLU B 210 15.98 -7.86 30.57
N VAL B 211 14.86 -8.32 30.00
CA VAL B 211 14.50 -9.72 30.07
C VAL B 211 15.60 -10.60 29.51
N PHE B 212 16.22 -10.13 28.43
CA PHE B 212 17.28 -10.87 27.77
C PHE B 212 18.55 -11.00 28.59
N ARG B 213 18.88 -10.00 29.38
CA ARG B 213 20.10 -10.05 30.15
C ARG B 213 19.99 -10.21 31.67
N SER B 214 18.81 -10.40 32.21
CA SER B 214 18.70 -10.55 33.65
C SER B 214 19.20 -11.88 34.15
N GLY B 215 20.19 -11.83 35.02
CA GLY B 215 20.75 -13.04 35.56
C GLY B 215 19.79 -13.60 36.58
N ALA B 216 19.20 -12.71 37.37
CA ALA B 216 18.25 -13.12 38.40
C ALA B 216 17.16 -13.94 37.77
N LEU B 217 16.72 -13.51 36.59
CA LEU B 217 15.66 -14.22 35.91
C LEU B 217 16.19 -15.54 35.41
N LYS B 218 17.39 -15.54 34.85
CA LYS B 218 17.94 -16.77 34.30
C LYS B 218 18.15 -17.79 35.41
N GLN B 219 18.76 -17.38 36.52
CA GLN B 219 18.98 -18.32 37.59
C GLN B 219 17.66 -18.78 38.17
N LEU B 220 16.68 -17.88 38.18
CA LEU B 220 15.36 -18.22 38.71
C LEU B 220 14.83 -19.42 37.93
N LEU B 221 14.78 -19.27 36.62
CA LEU B 221 14.30 -20.36 35.77
C LEU B 221 15.06 -21.66 36.01
N GLU B 222 16.37 -21.57 36.18
CA GLU B 222 17.14 -22.79 36.40
C GLU B 222 16.61 -23.59 37.60
N VAL B 223 16.47 -22.91 38.73
CA VAL B 223 15.98 -23.55 39.93
C VAL B 223 14.56 -24.08 39.74
N VAL B 224 13.71 -23.33 39.05
CA VAL B 224 12.35 -23.78 38.82
C VAL B 224 12.40 -25.09 38.05
N LEU B 225 13.17 -25.12 36.97
CA LEU B 225 13.32 -26.34 36.16
C LEU B 225 13.69 -27.55 37.04
N ALA B 226 14.65 -27.35 37.95
CA ALA B 226 15.07 -28.44 38.83
C ALA B 226 13.85 -28.94 39.53
N PHE B 227 13.15 -28.01 40.20
CA PHE B 227 11.91 -28.30 40.96
C PHE B 227 10.97 -29.12 40.12
N GLY B 228 10.53 -28.53 39.01
CA GLY B 228 9.62 -29.24 38.13
C GLY B 228 10.12 -30.63 37.74
N ASN B 229 11.42 -30.79 37.56
CA ASN B 229 11.93 -32.11 37.18
C ASN B 229 11.93 -33.10 38.34
N TYR B 230 12.29 -32.64 39.53
CA TYR B 230 12.28 -33.53 40.68
C TYR B 230 10.84 -33.78 41.05
N MET B 231 10.05 -32.70 41.01
CA MET B 231 8.65 -32.75 41.33
C MET B 231 7.86 -33.72 40.45
N ASN B 232 7.11 -33.23 39.47
CA ASN B 232 6.32 -34.11 38.62
C ASN B 232 7.17 -35.07 37.84
N LYS B 233 7.63 -36.13 38.50
CA LYS B 233 8.46 -37.11 37.82
C LYS B 233 7.65 -37.97 36.84
N GLY B 234 8.26 -39.03 36.35
CA GLY B 234 7.61 -39.90 35.38
C GLY B 234 8.01 -39.40 34.00
N GLN B 235 7.08 -39.44 33.05
CA GLN B 235 7.37 -38.97 31.71
C GLN B 235 7.01 -37.51 31.69
N ARG B 236 6.55 -37.01 32.82
CA ARG B 236 6.15 -35.61 32.94
C ARG B 236 7.34 -34.69 33.16
N GLY B 237 8.50 -35.30 33.33
CA GLY B 237 9.70 -34.52 33.55
C GLY B 237 10.68 -34.61 32.41
N ASN B 238 11.96 -34.62 32.75
CA ASN B 238 13.02 -34.70 31.77
C ASN B 238 12.80 -33.56 30.80
N ALA B 239 12.54 -32.39 31.35
CA ALA B 239 12.29 -31.21 30.56
C ALA B 239 13.57 -30.39 30.48
N TYR B 240 13.74 -29.70 29.35
CA TYR B 240 14.91 -28.86 29.17
C TYR B 240 14.51 -27.40 29.17
N GLY B 241 13.20 -27.16 29.18
CA GLY B 241 12.73 -25.80 29.21
C GLY B 241 11.22 -25.82 29.28
N PHE B 242 10.61 -24.68 29.58
CA PHE B 242 9.15 -24.59 29.68
C PHE B 242 8.63 -23.20 29.28
N LYS B 243 7.38 -23.11 28.86
CA LYS B 243 6.80 -21.84 28.47
C LYS B 243 6.83 -20.87 29.65
N ILE B 244 7.31 -19.64 29.42
CA ILE B 244 7.41 -18.69 30.52
C ILE B 244 6.12 -18.55 31.32
N SER B 245 5.00 -18.73 30.64
CA SER B 245 3.70 -18.66 31.31
C SER B 245 3.70 -19.60 32.51
N SER B 246 4.33 -20.76 32.34
CA SER B 246 4.41 -21.73 33.42
C SER B 246 4.70 -20.99 34.71
N LEU B 247 5.46 -19.91 34.60
CA LEU B 247 5.81 -19.17 35.78
C LEU B 247 4.57 -18.89 36.64
N ASN B 248 3.52 -18.38 36.00
CA ASN B 248 2.32 -18.05 36.74
C ASN B 248 1.45 -19.23 37.16
N LYS B 249 2.02 -20.44 37.16
CA LYS B 249 1.29 -21.63 37.59
C LYS B 249 2.04 -22.31 38.71
N ILE B 250 3.11 -21.66 39.18
CA ILE B 250 3.93 -22.20 40.25
C ILE B 250 3.15 -22.17 41.56
N ALA B 251 2.44 -21.05 41.80
CA ALA B 251 1.64 -20.91 43.00
C ALA B 251 0.49 -21.92 42.99
N ASP B 252 0.09 -22.41 41.82
CA ASP B 252 -0.98 -23.41 41.78
C ASP B 252 -0.61 -24.62 42.64
N THR B 253 0.67 -24.97 42.68
CA THR B 253 1.07 -26.13 43.47
C THR B 253 1.15 -25.75 44.95
N LYS B 254 0.29 -26.41 45.74
CA LYS B 254 0.20 -26.12 47.16
C LYS B 254 1.00 -27.09 48.02
N SER B 255 1.57 -26.59 49.10
CA SER B 255 2.34 -27.43 50.03
C SER B 255 1.42 -28.43 50.75
N SER B 256 2.01 -29.49 51.25
CA SER B 256 1.22 -30.50 51.96
C SER B 256 1.23 -30.22 53.45
N ILE B 257 2.18 -29.40 53.87
CA ILE B 257 2.30 -29.02 55.27
C ILE B 257 1.28 -27.95 55.61
N ASP B 258 1.20 -26.94 54.74
CA ASP B 258 0.28 -25.83 54.90
C ASP B 258 -0.25 -25.49 53.52
N LYS B 259 -1.57 -25.46 53.39
CA LYS B 259 -2.23 -25.15 52.12
C LYS B 259 -2.05 -23.69 51.70
N ASN B 260 -1.41 -22.89 52.54
CA ASN B 260 -1.19 -21.49 52.24
C ASN B 260 0.23 -21.22 51.77
N ILE B 261 1.13 -22.13 52.10
CA ILE B 261 2.51 -22.01 51.67
C ILE B 261 2.52 -22.63 50.27
N THR B 262 2.57 -21.77 49.26
CA THR B 262 2.56 -22.20 47.87
C THR B 262 3.97 -22.38 47.35
N LEU B 263 4.13 -23.28 46.37
CA LEU B 263 5.43 -23.55 45.75
C LEU B 263 6.24 -22.29 45.49
N LEU B 264 5.56 -21.23 45.07
CA LEU B 264 6.21 -19.95 44.79
C LEU B 264 6.83 -19.42 46.07
N HIS B 265 6.13 -19.58 47.19
CA HIS B 265 6.65 -19.15 48.48
C HIS B 265 7.95 -19.88 48.76
N TYR B 266 7.91 -21.19 48.49
CA TYR B 266 9.06 -22.06 48.70
C TYR B 266 10.23 -21.66 47.82
N LEU B 267 9.99 -21.68 46.51
CA LEU B 267 11.02 -21.32 45.55
C LEU B 267 11.66 -20.04 46.06
N ILE B 268 10.84 -19.10 46.51
CA ILE B 268 11.35 -17.83 47.01
C ILE B 268 12.23 -17.99 48.23
N THR B 269 11.77 -18.69 49.26
CA THR B 269 12.63 -18.86 50.43
C THR B 269 13.94 -19.56 50.09
N ILE B 270 13.90 -20.68 49.37
CA ILE B 270 15.16 -21.36 49.08
C ILE B 270 16.07 -20.58 48.13
N VAL B 271 15.49 -19.93 47.12
CA VAL B 271 16.30 -19.18 46.17
C VAL B 271 17.04 -18.03 46.86
N GLU B 272 16.41 -17.41 47.84
CA GLU B 272 17.01 -16.31 48.56
C GLU B 272 18.20 -16.80 49.36
N ASN B 273 18.14 -18.04 49.81
CA ASN B 273 19.20 -18.59 50.64
C ASN B 273 20.22 -19.50 49.96
N LYS B 274 20.24 -19.50 48.64
CA LYS B 274 21.17 -20.34 47.89
C LYS B 274 21.41 -19.70 46.54
N TYR B 275 20.82 -18.53 46.35
CA TYR B 275 20.92 -17.79 45.12
C TYR B 275 20.58 -16.34 45.38
N PRO B 276 21.33 -15.71 46.29
CA PRO B 276 21.15 -14.31 46.67
C PRO B 276 21.09 -13.33 45.49
N SER B 277 21.84 -13.61 44.43
CA SER B 277 21.84 -12.69 43.29
C SER B 277 20.42 -12.47 42.76
N VAL B 278 19.57 -13.50 42.87
CA VAL B 278 18.21 -13.40 42.37
C VAL B 278 17.44 -12.24 43.00
N LEU B 279 17.86 -11.84 44.20
CA LEU B 279 17.23 -10.73 44.89
C LEU B 279 17.09 -9.48 44.00
N ASN B 280 18.04 -9.28 43.09
CA ASN B 280 18.02 -8.12 42.20
C ASN B 280 17.15 -8.32 40.95
N LEU B 281 16.16 -9.21 41.05
CA LEU B 281 15.26 -9.48 39.93
C LEU B 281 14.47 -8.24 39.48
N ASN B 282 13.77 -7.61 40.42
CA ASN B 282 12.95 -6.44 40.10
C ASN B 282 13.77 -5.30 39.54
N GLU B 283 14.98 -5.15 40.05
CA GLU B 283 15.81 -4.08 39.60
C GLU B 283 16.29 -4.34 38.17
N GLU B 284 16.56 -5.59 37.81
CA GLU B 284 17.01 -5.82 36.43
C GLU B 284 15.83 -6.02 35.48
N LEU B 285 14.65 -5.75 36.00
CA LEU B 285 13.42 -5.86 35.23
C LEU B 285 12.58 -4.65 35.56
N ARG B 286 13.21 -3.51 35.82
CA ARG B 286 12.45 -2.34 36.19
C ARG B 286 11.53 -1.80 35.13
N ASP B 287 11.87 -1.97 33.86
CA ASP B 287 11.00 -1.42 32.84
C ASP B 287 9.92 -2.39 32.37
N ILE B 288 9.83 -3.55 33.01
CA ILE B 288 8.83 -4.57 32.63
C ILE B 288 7.40 -4.08 32.76
N PRO B 289 7.05 -3.50 33.92
CA PRO B 289 5.70 -2.98 34.11
C PRO B 289 5.28 -1.98 33.02
N GLN B 290 6.10 -0.96 32.81
CA GLN B 290 5.84 0.05 31.78
C GLN B 290 6.28 -0.46 30.43
N ALA B 291 5.84 -1.65 30.08
CA ALA B 291 6.20 -2.26 28.80
C ALA B 291 5.17 -3.32 28.61
N ALA B 292 4.54 -3.68 29.72
CA ALA B 292 3.48 -4.68 29.73
C ALA B 292 2.22 -3.98 29.25
N LYS B 293 2.24 -2.64 29.28
CA LYS B 293 1.11 -1.83 28.86
C LYS B 293 1.13 -1.48 27.38
N VAL B 294 2.32 -1.40 26.80
CA VAL B 294 2.43 -1.05 25.39
C VAL B 294 1.77 -2.08 24.46
N ASN B 295 0.83 -1.61 23.63
CA ASN B 295 0.11 -2.48 22.68
C ASN B 295 0.66 -2.25 21.29
N MET B 296 1.40 -3.22 20.77
CA MET B 296 2.00 -3.08 19.46
C MET B 296 1.03 -2.62 18.38
N THR B 297 -0.14 -3.23 18.34
CA THR B 297 -1.10 -2.83 17.33
C THR B 297 -1.31 -1.31 17.42
N GLU B 298 -2.02 -0.87 18.45
CA GLU B 298 -2.30 0.54 18.66
C GLU B 298 -1.11 1.40 18.29
N LEU B 299 0.05 1.02 18.83
CA LEU B 299 1.31 1.72 18.60
C LEU B 299 1.56 1.89 17.10
N ASP B 300 1.41 0.81 16.34
CA ASP B 300 1.63 0.90 14.91
C ASP B 300 0.74 1.95 14.24
N LYS B 301 -0.46 2.12 14.79
CA LYS B 301 -1.43 3.10 14.28
C LYS B 301 -0.83 4.48 14.45
N GLU B 302 -0.60 4.83 15.71
CA GLU B 302 -0.07 6.12 16.02
C GLU B 302 1.13 6.39 15.14
N ILE B 303 1.85 5.34 14.76
CA ILE B 303 3.00 5.54 13.91
C ILE B 303 2.57 5.94 12.51
N SER B 304 1.60 5.22 11.95
CA SER B 304 1.11 5.50 10.59
C SER B 304 0.46 6.89 10.50
N THR B 305 -0.37 7.19 11.50
CA THR B 305 -1.03 8.48 11.58
C THR B 305 0.02 9.57 11.34
N LEU B 306 1.18 9.39 11.98
CA LEU B 306 2.28 10.33 11.88
C LEU B 306 2.96 10.22 10.52
N ARG B 307 3.16 9.00 10.04
CA ARG B 307 3.80 8.82 8.73
C ARG B 307 2.95 9.41 7.62
N SER B 308 1.76 8.83 7.40
CA SER B 308 0.87 9.32 6.35
C SER B 308 0.64 10.82 6.49
N GLY B 309 0.37 11.25 7.72
CA GLY B 309 0.14 12.67 7.99
C GLY B 309 1.26 13.52 7.43
N LEU B 310 2.48 13.09 7.67
CA LEU B 310 3.65 13.80 7.17
C LEU B 310 3.61 13.85 5.66
N LYS B 311 3.43 12.69 5.03
CA LYS B 311 3.38 12.64 3.58
C LYS B 311 2.37 13.65 3.03
N ALA B 312 1.21 13.72 3.68
CA ALA B 312 0.16 14.66 3.28
C ALA B 312 0.73 16.06 3.29
N VAL B 313 1.32 16.45 4.41
CA VAL B 313 1.91 17.78 4.59
C VAL B 313 2.94 18.10 3.52
N GLU B 314 3.84 17.16 3.26
CA GLU B 314 4.89 17.37 2.26
C GLU B 314 4.26 17.58 0.89
N THR B 315 3.29 16.74 0.57
CA THR B 315 2.63 16.86 -0.71
C THR B 315 1.98 18.23 -0.85
N GLU B 316 1.27 18.65 0.19
CA GLU B 316 0.61 19.94 0.19
C GLU B 316 1.63 21.08 0.15
N LEU B 317 2.79 20.87 0.76
CA LEU B 317 3.85 21.89 0.75
C LEU B 317 4.34 22.07 -0.68
N GLU B 318 4.63 20.96 -1.35
CA GLU B 318 5.09 21.00 -2.72
C GLU B 318 4.09 21.71 -3.60
N TYR B 319 2.84 21.26 -3.58
CA TYR B 319 1.82 21.91 -4.39
C TYR B 319 1.89 23.42 -4.11
N GLN B 320 1.77 23.78 -2.84
CA GLN B 320 1.80 25.17 -2.45
C GLN B 320 3.01 25.94 -2.96
N LYS B 321 4.14 25.25 -3.07
CA LYS B 321 5.35 25.90 -3.56
C LYS B 321 5.22 26.24 -5.06
N SER B 322 4.39 25.49 -5.78
CA SER B 322 4.20 25.72 -7.21
C SER B 322 3.15 26.79 -7.52
N GLN B 323 2.78 27.58 -6.52
CA GLN B 323 1.79 28.64 -6.70
C GLN B 323 2.43 30.00 -6.44
N PRO B 324 1.94 31.06 -7.11
CA PRO B 324 2.46 32.41 -6.94
C PRO B 324 2.22 32.91 -5.52
N PRO B 325 3.21 33.60 -4.94
CA PRO B 325 3.08 34.13 -3.58
C PRO B 325 1.81 34.95 -3.44
N GLN B 326 1.49 35.34 -2.20
CA GLN B 326 0.30 36.13 -1.92
C GLN B 326 0.39 36.75 -0.54
N PRO B 327 -0.33 37.86 -0.31
CA PRO B 327 -0.34 38.56 0.98
C PRO B 327 -1.06 37.74 2.03
N GLY B 328 -0.37 37.42 3.12
CA GLY B 328 -1.02 36.63 4.16
C GLY B 328 -0.99 35.13 4.02
N ASP B 329 -0.50 34.60 2.88
CA ASP B 329 -0.45 33.15 2.70
C ASP B 329 0.92 32.64 3.10
N LYS B 330 1.16 32.55 4.40
CA LYS B 330 2.44 32.09 4.89
C LYS B 330 2.53 30.57 5.03
N PHE B 331 1.88 29.86 4.11
CA PHE B 331 1.92 28.41 4.18
C PHE B 331 3.32 27.91 3.99
N VAL B 332 3.74 27.90 2.73
CA VAL B 332 5.08 27.45 2.38
C VAL B 332 6.12 27.90 3.40
N SER B 333 6.04 29.16 3.80
CA SER B 333 6.99 29.70 4.77
C SER B 333 6.97 28.82 6.02
N VAL B 334 5.86 28.85 6.72
CA VAL B 334 5.62 28.10 7.93
C VAL B 334 5.79 26.57 7.81
N VAL B 335 5.23 26.00 6.75
CA VAL B 335 5.30 24.56 6.56
C VAL B 335 6.68 24.06 6.21
N SER B 336 7.39 24.75 5.33
CA SER B 336 8.73 24.31 4.98
C SER B 336 9.58 24.24 6.24
N GLN B 337 9.38 25.19 7.15
CA GLN B 337 10.10 25.21 8.42
C GLN B 337 9.69 24.02 9.25
N PHE B 338 8.39 23.74 9.30
CA PHE B 338 7.86 22.61 10.07
C PHE B 338 8.46 21.28 9.60
N ILE B 339 8.12 20.89 8.37
CA ILE B 339 8.63 19.65 7.79
C ILE B 339 10.11 19.41 8.05
N THR B 340 10.92 20.45 7.95
CA THR B 340 12.34 20.29 8.23
C THR B 340 12.43 19.63 9.59
N VAL B 341 12.05 20.39 10.61
CA VAL B 341 12.07 19.96 12.01
C VAL B 341 11.35 18.64 12.24
N ALA B 342 10.13 18.57 11.73
CA ALA B 342 9.31 17.38 11.86
C ALA B 342 10.00 16.18 11.24
N SER B 343 10.16 16.23 9.91
CA SER B 343 10.78 15.16 9.13
C SER B 343 12.01 14.56 9.79
N PHE B 344 12.76 15.40 10.50
CA PHE B 344 13.94 14.93 11.19
C PHE B 344 13.51 14.10 12.39
N SER B 345 12.86 14.77 13.35
CA SER B 345 12.38 14.12 14.57
C SER B 345 11.66 12.79 14.33
N PHE B 346 10.94 12.69 13.22
CA PHE B 346 10.24 11.46 12.92
C PHE B 346 11.17 10.44 12.32
N SER B 347 12.10 10.89 11.48
CA SER B 347 13.02 9.94 10.88
C SER B 347 13.60 9.18 12.04
N ASP B 348 13.73 9.89 13.15
CA ASP B 348 14.28 9.36 14.39
C ASP B 348 13.35 8.32 15.01
N VAL B 349 12.10 8.71 15.25
CA VAL B 349 11.14 7.79 15.85
C VAL B 349 11.14 6.49 15.07
N GLU B 350 11.06 6.59 13.76
CA GLU B 350 11.02 5.40 12.95
C GLU B 350 12.29 4.56 13.10
N ASP B 351 13.43 5.20 13.42
CA ASP B 351 14.70 4.50 13.62
C ASP B 351 14.60 3.61 14.87
N LEU B 352 14.24 4.25 15.99
CA LEU B 352 14.08 3.59 17.28
C LEU B 352 13.01 2.51 17.24
N LEU B 353 11.96 2.77 16.50
CA LEU B 353 10.89 1.81 16.40
C LEU B 353 11.43 0.50 15.88
N ALA B 354 11.97 0.50 14.66
CA ALA B 354 12.51 -0.73 14.08
C ALA B 354 13.47 -1.40 15.05
N GLU B 355 14.29 -0.59 15.72
CA GLU B 355 15.23 -1.11 16.68
C GLU B 355 14.44 -1.90 17.72
N ALA B 356 13.52 -1.21 18.38
CA ALA B 356 12.68 -1.81 19.41
C ALA B 356 11.98 -3.08 18.94
N LYS B 357 11.32 -3.00 17.78
CA LYS B 357 10.62 -4.16 17.26
C LYS B 357 11.61 -5.30 17.02
N ASP B 358 12.82 -4.94 16.58
CA ASP B 358 13.86 -5.90 16.30
C ASP B 358 14.23 -6.64 17.58
N LEU B 359 14.53 -5.87 18.63
CA LEU B 359 14.90 -6.42 19.93
C LEU B 359 13.79 -7.23 20.58
N PHE B 360 12.55 -6.91 20.26
CA PHE B 360 11.44 -7.62 20.80
C PHE B 360 11.38 -9.04 20.28
N THR B 361 11.24 -9.22 18.97
CA THR B 361 11.19 -10.57 18.44
C THR B 361 12.41 -11.39 18.92
N LYS B 362 13.55 -10.72 19.11
CA LYS B 362 14.76 -11.39 19.58
C LYS B 362 14.48 -11.99 20.95
N ALA B 363 13.96 -11.16 21.85
CA ALA B 363 13.61 -11.58 23.20
C ALA B 363 12.54 -12.65 23.14
N VAL B 364 11.55 -12.44 22.29
CA VAL B 364 10.48 -13.41 22.14
C VAL B 364 11.07 -14.78 21.87
N LYS B 365 11.84 -14.91 20.80
CA LYS B 365 12.44 -16.19 20.45
C LYS B 365 13.32 -16.66 21.58
N HIS B 366 13.93 -15.71 22.27
CA HIS B 366 14.82 -16.09 23.36
C HIS B 366 14.14 -16.87 24.48
N PHE B 367 12.84 -16.73 24.62
CA PHE B 367 12.17 -17.48 25.67
C PHE B 367 11.25 -18.60 25.19
N GLY B 368 11.43 -19.00 23.93
CA GLY B 368 10.61 -20.06 23.39
C GLY B 368 9.33 -19.64 22.69
N GLU B 369 8.86 -18.42 22.88
CA GLU B 369 7.60 -17.98 22.24
C GLU B 369 7.65 -17.95 20.72
N GLU B 370 6.60 -18.46 20.08
CA GLU B 370 6.58 -18.52 18.61
C GLU B 370 6.77 -17.18 17.92
N ALA B 371 7.40 -17.25 16.75
CA ALA B 371 7.69 -16.10 15.89
C ALA B 371 6.89 -14.84 16.23
N GLY B 372 6.10 -14.35 15.29
CA GLY B 372 5.33 -13.15 15.56
C GLY B 372 3.92 -13.44 16.03
N LYS B 373 3.79 -14.24 17.07
CA LYS B 373 2.47 -14.58 17.57
C LYS B 373 2.09 -13.99 18.92
N ILE B 374 2.99 -13.24 19.53
CA ILE B 374 2.67 -12.62 20.82
C ILE B 374 3.15 -11.19 20.84
N GLN B 375 2.36 -10.31 21.45
CA GLN B 375 2.68 -8.88 21.53
C GLN B 375 3.29 -8.53 22.88
N PRO B 376 3.92 -7.36 22.98
CA PRO B 376 4.52 -7.00 24.27
C PRO B 376 3.59 -6.92 25.47
N ASP B 377 2.39 -6.35 25.30
CA ASP B 377 1.52 -6.28 26.47
C ASP B 377 1.31 -7.65 27.09
N GLU B 378 1.29 -8.70 26.28
CA GLU B 378 1.09 -10.03 26.82
C GLU B 378 2.43 -10.64 27.20
N PHE B 379 3.38 -10.60 26.27
CA PHE B 379 4.71 -11.14 26.52
C PHE B 379 5.15 -10.58 27.87
N PHE B 380 5.40 -9.28 27.92
CA PHE B 380 5.83 -8.63 29.15
C PHE B 380 4.75 -8.77 30.19
N GLY B 381 3.55 -9.07 29.73
CA GLY B 381 2.45 -9.25 30.66
C GLY B 381 2.81 -10.41 31.56
N ILE B 382 3.27 -11.47 30.92
CA ILE B 382 3.65 -12.68 31.59
C ILE B 382 4.62 -12.49 32.75
N PHE B 383 5.65 -11.65 32.54
CA PHE B 383 6.65 -11.42 33.57
C PHE B 383 6.14 -10.45 34.59
N ASP B 384 5.37 -9.46 34.13
CA ASP B 384 4.81 -8.47 35.02
C ASP B 384 3.93 -9.14 36.07
N GLN B 385 3.12 -10.10 35.64
CA GLN B 385 2.25 -10.82 36.56
C GLN B 385 3.08 -11.63 37.52
N PHE B 386 4.11 -12.28 37.02
CA PHE B 386 4.97 -13.07 37.87
C PHE B 386 5.64 -12.17 38.90
N LEU B 387 6.20 -11.05 38.45
CA LEU B 387 6.87 -10.14 39.38
C LEU B 387 5.96 -9.72 40.53
N GLN B 388 4.65 -9.66 40.28
CA GLN B 388 3.70 -9.30 41.34
C GLN B 388 3.64 -10.52 42.23
N ALA B 389 3.12 -11.59 41.66
CA ALA B 389 3.03 -12.87 42.34
C ALA B 389 4.22 -13.09 43.30
N VAL B 390 5.41 -12.76 42.80
CA VAL B 390 6.62 -12.92 43.57
C VAL B 390 6.66 -11.93 44.71
N SER B 391 6.36 -10.68 44.39
CA SER B 391 6.38 -9.62 45.37
C SER B 391 5.51 -9.87 46.58
N GLU B 392 4.26 -10.24 46.32
CA GLU B 392 3.34 -10.46 47.42
C GLU B 392 3.58 -11.76 48.17
N ALA B 393 4.22 -12.72 47.53
CA ALA B 393 4.49 -13.97 48.21
C ALA B 393 5.70 -13.73 49.11
N LYS B 394 6.63 -12.93 48.60
CA LYS B 394 7.84 -12.62 49.37
C LYS B 394 7.38 -11.93 50.63
N GLN B 395 6.31 -11.15 50.52
CA GLN B 395 5.79 -10.46 51.69
C GLN B 395 5.06 -11.46 52.57
N GLU B 396 4.13 -12.22 51.99
CA GLU B 396 3.40 -13.23 52.74
C GLU B 396 4.40 -14.09 53.52
N ASN B 397 5.60 -14.25 52.96
CA ASN B 397 6.65 -15.04 53.59
C ASN B 397 7.20 -14.37 54.84
N GLU B 398 7.40 -13.05 54.78
CA GLU B 398 7.94 -12.33 55.93
C GLU B 398 6.92 -12.40 57.07
N ASN B 399 5.64 -12.18 56.74
CA ASN B 399 4.57 -12.22 57.73
C ASN B 399 4.62 -13.52 58.50
N MET B 400 4.70 -14.63 57.77
CA MET B 400 4.74 -15.91 58.42
C MET B 400 6.05 -16.07 59.20
N ARG B 401 7.12 -15.43 58.74
CA ARG B 401 8.39 -15.54 59.46
C ARG B 401 8.32 -14.81 60.78
N LYS B 402 7.49 -13.77 60.87
CA LYS B 402 7.35 -13.03 62.10
C LYS B 402 6.35 -13.72 63.00
N LYS B 403 5.22 -14.13 62.42
CA LYS B 403 4.22 -14.82 63.22
C LYS B 403 4.85 -16.07 63.80
N LYS B 404 5.81 -16.65 63.10
CA LYS B 404 6.49 -17.84 63.62
C LYS B 404 7.51 -17.49 64.69
N GLU B 405 8.12 -16.31 64.61
CA GLU B 405 9.09 -15.94 65.62
C GLU B 405 8.40 -15.58 66.93
N GLU B 406 7.31 -14.82 66.86
CA GLU B 406 6.60 -14.47 68.08
C GLU B 406 6.05 -15.74 68.70
N GLU B 407 5.64 -16.68 67.84
CA GLU B 407 5.10 -17.95 68.31
C GLU B 407 6.16 -18.78 69.00
N GLU B 408 7.42 -18.44 68.73
CA GLU B 408 8.53 -19.16 69.33
C GLU B 408 9.06 -18.48 70.59
N ARG B 409 8.79 -17.20 70.75
CA ARG B 409 9.24 -16.51 71.95
C ARG B 409 8.24 -16.85 73.02
N ARG B 410 7.06 -17.24 72.59
CA ARG B 410 6.06 -17.64 73.54
C ARG B 410 6.52 -19.01 74.02
N ALA B 411 6.63 -19.95 73.09
CA ALA B 411 7.06 -21.30 73.43
C ALA B 411 8.20 -21.31 74.44
N ARG B 412 9.21 -20.47 74.19
CA ARG B 412 10.37 -20.37 75.08
C ARG B 412 9.94 -19.98 76.50
N MET B 413 9.45 -18.75 76.64
CA MET B 413 9.01 -18.21 77.93
C MET B 413 7.89 -19.04 78.56
N GLU B 414 6.91 -19.45 77.77
CA GLU B 414 5.82 -20.25 78.28
C GLU B 414 6.40 -21.46 78.98
N ALA B 415 7.48 -21.99 78.41
CA ALA B 415 8.16 -23.15 78.97
C ALA B 415 8.99 -22.66 80.17
N GLN B 416 9.81 -21.64 79.92
CA GLN B 416 10.66 -21.03 80.95
C GLN B 416 9.90 -20.78 82.24
N LEU B 417 8.72 -20.16 82.12
CA LEU B 417 7.88 -19.86 83.26
C LEU B 417 7.46 -21.15 83.96
N LYS B 418 6.62 -21.95 83.31
CA LYS B 418 6.19 -23.20 83.92
C LYS B 418 7.46 -23.98 84.27
N LYS C 8 29.50 49.15 -6.32
CA LYS C 8 29.68 48.52 -7.66
C LYS C 8 30.94 48.99 -8.38
N SER C 9 30.99 50.29 -8.68
CA SER C 9 32.14 50.87 -9.37
C SER C 9 32.56 50.03 -10.58
N ILE C 10 31.87 50.18 -11.70
CA ILE C 10 32.27 49.41 -12.85
C ILE C 10 32.53 50.23 -14.10
N PRO C 11 33.69 50.00 -14.72
CA PRO C 11 34.05 50.71 -15.94
C PRO C 11 33.34 50.01 -17.08
N GLN C 12 32.54 50.73 -17.84
CA GLN C 12 31.84 50.12 -18.97
C GLN C 12 32.59 50.48 -20.24
N PRO C 13 32.61 49.57 -21.22
CA PRO C 13 33.30 49.80 -22.49
C PRO C 13 32.80 51.01 -23.29
N THR C 14 33.74 51.72 -23.89
CA THR C 14 33.39 52.88 -24.68
C THR C 14 32.63 52.44 -25.92
N ASN C 15 32.99 51.28 -26.46
CA ASN C 15 32.32 50.74 -27.66
C ASN C 15 31.64 49.39 -27.43
N ALA C 16 30.78 49.03 -28.37
CA ALA C 16 30.02 47.78 -28.30
C ALA C 16 30.97 46.59 -28.39
N LEU C 17 30.64 45.53 -27.66
CA LEU C 17 31.45 44.30 -27.64
C LEU C 17 30.58 43.08 -27.85
N LYS C 18 31.18 41.92 -27.99
CA LYS C 18 30.40 40.70 -28.17
C LYS C 18 29.85 40.34 -26.78
N SER C 19 28.71 39.64 -26.73
CA SER C 19 28.13 39.26 -25.43
C SER C 19 28.67 37.93 -24.92
N PHE C 20 28.59 37.71 -23.62
CA PHE C 20 29.09 36.47 -23.01
C PHE C 20 28.05 35.34 -23.09
N ASN C 21 26.84 35.61 -22.61
CA ASN C 21 25.72 34.65 -22.60
C ASN C 21 25.77 33.66 -21.45
N TRP C 22 25.99 34.18 -20.26
CA TRP C 22 26.01 33.31 -19.10
C TRP C 22 24.56 33.22 -18.60
N SER C 23 24.41 32.75 -17.37
CA SER C 23 23.11 32.66 -16.74
C SER C 23 23.36 33.24 -15.38
N LYS C 24 22.98 34.51 -15.22
CA LYS C 24 23.19 35.18 -13.95
C LYS C 24 22.43 34.56 -12.78
N LEU C 25 22.98 34.73 -11.58
CA LEU C 25 22.38 34.21 -10.36
C LEU C 25 21.71 35.38 -9.62
N PRO C 26 20.44 35.21 -9.20
CA PRO C 26 19.67 36.23 -8.48
C PRO C 26 20.38 36.65 -7.21
N GLU C 27 20.36 37.93 -6.88
CA GLU C 27 21.07 38.37 -5.68
C GLU C 27 20.67 37.58 -4.44
N ASN C 28 19.42 37.16 -4.38
CA ASN C 28 18.90 36.40 -3.24
C ASN C 28 19.63 35.08 -3.05
N LYS C 29 19.59 34.21 -4.06
CA LYS C 29 20.26 32.91 -3.99
C LYS C 29 21.78 33.04 -3.96
N LEU C 30 22.27 34.22 -3.62
CA LEU C 30 23.69 34.49 -3.59
C LEU C 30 24.32 34.34 -2.22
N GLU C 31 23.49 34.21 -1.19
CA GLU C 31 23.97 34.09 0.18
C GLU C 31 24.69 32.76 0.39
N GLY C 32 25.74 32.79 1.20
CA GLY C 32 26.48 31.58 1.54
C GLY C 32 26.96 30.72 0.38
N THR C 33 27.54 31.36 -0.62
CA THR C 33 28.07 30.63 -1.75
C THR C 33 29.41 31.29 -2.05
N VAL C 34 30.16 30.73 -2.98
CA VAL C 34 31.46 31.29 -3.31
C VAL C 34 31.41 32.79 -3.58
N TRP C 35 30.44 33.23 -4.37
CA TRP C 35 30.30 34.64 -4.75
C TRP C 35 30.41 35.62 -3.60
N THR C 36 30.26 35.10 -2.38
CA THR C 36 30.37 35.90 -1.17
C THR C 36 31.82 36.28 -0.94
N GLU C 37 32.72 35.53 -1.58
CA GLU C 37 34.15 35.78 -1.46
C GLU C 37 34.77 36.28 -2.76
N ILE C 38 33.96 36.57 -3.76
CA ILE C 38 34.51 37.00 -5.04
C ILE C 38 34.10 38.42 -5.41
N ASP C 39 35.09 39.23 -5.77
CA ASP C 39 34.80 40.60 -6.13
C ASP C 39 35.45 40.99 -7.45
N ASP C 40 34.62 41.11 -8.49
CA ASP C 40 35.08 41.47 -9.83
C ASP C 40 35.78 42.83 -9.88
N THR C 41 35.61 43.62 -8.83
CA THR C 41 36.23 44.93 -8.78
C THR C 41 37.74 44.75 -8.76
N LYS C 42 38.21 43.79 -7.96
CA LYS C 42 39.64 43.54 -7.87
C LYS C 42 40.25 43.26 -9.23
N VAL C 43 39.49 42.60 -10.10
CA VAL C 43 40.01 42.27 -11.41
C VAL C 43 40.16 43.45 -12.36
N PHE C 44 39.25 44.40 -12.30
CA PHE C 44 39.35 45.53 -13.22
C PHE C 44 40.57 46.40 -13.00
N LYS C 45 41.14 46.32 -11.81
CA LYS C 45 42.34 47.09 -11.48
C LYS C 45 43.58 46.42 -12.06
N ILE C 46 43.38 45.38 -12.87
CA ILE C 46 44.51 44.68 -13.44
C ILE C 46 44.32 44.35 -14.92
N LEU C 47 43.07 44.32 -15.36
CA LEU C 47 42.80 44.02 -16.76
C LEU C 47 43.18 45.13 -17.73
N ASP C 48 43.61 44.74 -18.92
CA ASP C 48 43.99 45.66 -19.97
C ASP C 48 42.72 45.85 -20.76
N LEU C 49 41.74 46.51 -20.15
CA LEU C 49 40.45 46.71 -20.79
C LEU C 49 40.46 47.04 -22.28
N GLU C 50 41.35 47.94 -22.69
CA GLU C 50 41.45 48.33 -24.09
C GLU C 50 41.83 47.16 -25.00
N ASP C 51 42.65 46.26 -24.48
CA ASP C 51 43.04 45.09 -25.26
C ASP C 51 41.77 44.26 -25.48
N LEU C 52 41.06 43.97 -24.40
CA LEU C 52 39.83 43.18 -24.47
C LEU C 52 38.88 43.71 -25.55
N GLU C 53 38.54 44.99 -25.45
CA GLU C 53 37.61 45.57 -26.40
C GLU C 53 38.02 45.31 -27.84
N ARG C 54 39.23 45.69 -28.21
CA ARG C 54 39.67 45.47 -29.59
C ARG C 54 39.54 44.00 -30.00
N THR C 55 39.82 43.09 -29.07
CA THR C 55 39.72 41.65 -29.37
C THR C 55 38.29 41.18 -29.58
N PHE C 56 37.36 41.71 -28.78
CA PHE C 56 35.98 41.31 -28.89
C PHE C 56 34.98 42.42 -29.20
N SER C 57 35.18 43.09 -30.33
CA SER C 57 34.27 44.16 -30.70
C SER C 57 33.00 43.65 -31.33
N ALA C 58 31.94 44.43 -31.18
CA ALA C 58 30.66 44.06 -31.74
C ALA C 58 30.77 44.09 -33.25
N TYR C 59 31.63 44.99 -33.75
CA TYR C 59 31.84 45.14 -35.19
C TYR C 59 33.02 44.30 -35.64
N GLN C 60 32.82 43.57 -36.73
CA GLN C 60 33.84 42.71 -37.27
C GLN C 60 33.63 42.56 -38.78
N ARG C 61 34.62 41.98 -39.43
CA ARG C 61 34.58 41.79 -40.88
C ARG C 61 33.48 40.81 -41.31
N GLN C 62 32.85 41.13 -42.44
CA GLN C 62 31.75 40.37 -43.03
C GLN C 62 31.91 38.86 -43.16
N GLN C 63 31.06 38.08 -42.51
CA GLN C 63 31.13 36.62 -42.62
C GLN C 63 30.00 36.04 -43.45
N ASP C 64 30.36 35.36 -44.54
CA ASP C 64 29.39 34.77 -45.45
C ASP C 64 29.46 33.25 -45.44
N LYS C 88 35.36 51.26 -46.70
CA LYS C 88 35.21 50.39 -45.54
C LYS C 88 33.76 49.93 -45.36
N VAL C 89 33.60 48.66 -45.02
CA VAL C 89 32.29 48.05 -44.82
C VAL C 89 32.38 47.00 -43.71
N LYS C 90 31.92 47.34 -42.52
CA LYS C 90 31.97 46.39 -41.41
C LYS C 90 30.60 45.77 -41.12
N GLU C 91 30.60 44.72 -40.29
CA GLU C 91 29.37 44.00 -39.92
C GLU C 91 29.13 44.08 -38.43
N LEU C 92 27.86 44.13 -38.01
CA LEU C 92 27.54 44.19 -36.58
C LEU C 92 27.04 42.83 -36.06
N SER C 93 27.72 42.29 -35.07
CA SER C 93 27.33 41.02 -34.53
C SER C 93 27.54 40.93 -33.04
N VAL C 94 26.44 40.79 -32.29
CA VAL C 94 26.54 40.66 -30.84
C VAL C 94 26.13 39.30 -30.33
N ILE C 95 25.09 38.70 -30.91
CA ILE C 95 24.66 37.39 -30.46
C ILE C 95 25.85 36.44 -30.58
N ASP C 96 25.97 35.51 -29.62
CA ASP C 96 27.07 34.55 -29.59
C ASP C 96 27.13 33.63 -30.82
N GLY C 97 28.35 33.28 -31.22
CA GLY C 97 28.53 32.43 -32.39
C GLY C 97 27.65 31.20 -32.44
N ARG C 98 27.54 30.51 -31.31
CA ARG C 98 26.74 29.31 -31.20
C ARG C 98 25.32 29.57 -31.66
N ARG C 99 24.61 30.44 -30.95
CA ARG C 99 23.23 30.79 -31.31
C ARG C 99 23.11 31.31 -32.74
N ALA C 100 23.97 32.27 -33.07
CA ALA C 100 24.01 32.91 -34.38
C ALA C 100 24.05 31.88 -35.49
N GLN C 101 24.81 30.82 -35.24
CA GLN C 101 25.00 29.70 -36.15
C GLN C 101 23.64 29.06 -36.44
N ASN C 102 23.08 28.51 -35.38
CA ASN C 102 21.77 27.85 -35.42
C ASN C 102 20.76 28.63 -36.24
N CYS C 103 20.70 29.93 -36.00
CA CYS C 103 19.77 30.81 -36.70
C CYS C 103 20.06 30.77 -38.18
N ASN C 104 21.31 31.02 -38.53
CA ASN C 104 21.75 31.02 -39.93
C ASN C 104 21.29 29.72 -40.57
N ILE C 105 21.57 28.63 -39.87
CA ILE C 105 21.17 27.33 -40.35
C ILE C 105 19.70 27.35 -40.69
N LEU C 106 18.87 27.68 -39.70
CA LEU C 106 17.43 27.72 -39.89
C LEU C 106 17.00 28.64 -41.02
N LEU C 107 17.52 29.86 -41.01
CA LEU C 107 17.16 30.84 -42.02
C LEU C 107 17.46 30.36 -43.43
N SER C 108 18.48 29.51 -43.56
CA SER C 108 18.84 28.99 -44.87
C SER C 108 17.68 28.16 -45.45
N ARG C 109 17.18 27.22 -44.65
CA ARG C 109 16.08 26.37 -45.08
C ARG C 109 14.73 27.10 -45.16
N LEU C 110 14.52 28.10 -44.31
CA LEU C 110 13.27 28.85 -44.36
C LEU C 110 13.12 29.55 -45.71
N LYS C 111 14.12 30.35 -46.09
CA LYS C 111 14.11 31.07 -47.35
C LYS C 111 12.99 32.09 -47.45
N LEU C 112 13.00 33.04 -46.52
CA LEU C 112 11.98 34.07 -46.45
C LEU C 112 12.57 35.34 -45.85
N SER C 113 12.24 36.50 -46.41
CA SER C 113 12.76 37.74 -45.85
C SER C 113 12.11 37.94 -44.49
N ASN C 114 12.82 38.61 -43.58
CA ASN C 114 12.25 38.84 -42.27
C ASN C 114 10.91 39.53 -42.47
N ASP C 115 10.82 40.32 -43.54
CA ASP C 115 9.60 41.05 -43.88
C ASP C 115 8.47 40.06 -44.14
N GLU C 116 8.78 38.99 -44.87
CA GLU C 116 7.81 37.94 -45.19
C GLU C 116 7.32 37.22 -43.94
N ILE C 117 8.26 36.66 -43.18
CA ILE C 117 7.92 35.94 -41.97
C ILE C 117 7.07 36.80 -41.04
N LYS C 118 7.47 38.04 -40.85
CA LYS C 118 6.73 38.95 -39.99
C LYS C 118 5.28 38.95 -40.42
N ARG C 119 5.04 39.13 -41.72
CA ARG C 119 3.67 39.16 -42.23
C ARG C 119 2.99 37.81 -41.98
N ALA C 120 3.74 36.73 -42.21
CA ALA C 120 3.20 35.39 -42.02
C ALA C 120 2.64 35.22 -40.62
N ILE C 121 3.47 35.36 -39.59
CA ILE C 121 2.98 35.17 -38.23
C ILE C 121 2.02 36.28 -37.73
N LEU C 122 1.79 37.29 -38.56
CA LEU C 122 0.86 38.36 -38.19
C LEU C 122 -0.48 37.95 -38.79
N THR C 123 -0.39 37.15 -39.85
CA THR C 123 -1.53 36.67 -40.61
C THR C 123 -1.84 35.22 -40.28
N MET C 124 -1.23 34.71 -39.22
CA MET C 124 -1.43 33.31 -38.87
C MET C 124 -1.21 32.48 -40.13
N ASP C 125 -0.23 32.90 -40.91
CA ASP C 125 0.17 32.27 -42.17
C ASP C 125 -0.95 32.03 -43.15
N GLU C 126 -1.52 33.11 -43.66
CA GLU C 126 -2.61 33.01 -44.64
C GLU C 126 -2.06 32.46 -45.95
N GLN C 127 -0.87 32.90 -46.31
CA GLN C 127 -0.23 32.46 -47.54
C GLN C 127 0.27 31.02 -47.50
N GLU C 128 0.30 30.43 -46.32
CA GLU C 128 0.77 29.04 -46.20
C GLU C 128 2.28 28.97 -46.48
N ASP C 129 3.05 29.91 -45.94
CA ASP C 129 4.49 29.95 -46.16
C ASP C 129 5.31 29.30 -45.06
N LEU C 130 4.71 29.16 -43.88
CA LEU C 130 5.37 28.57 -42.74
C LEU C 130 4.96 27.11 -42.49
N PRO C 131 5.79 26.15 -42.94
CA PRO C 131 5.59 24.71 -42.81
C PRO C 131 5.62 24.24 -41.35
N LYS C 132 4.92 23.15 -41.05
CA LYS C 132 4.88 22.62 -39.69
C LYS C 132 6.26 22.51 -39.06
N ASP C 133 7.16 21.86 -39.77
CA ASP C 133 8.52 21.61 -39.27
C ASP C 133 9.37 22.84 -39.06
N MET C 134 9.08 23.92 -39.77
CA MET C 134 9.87 25.13 -39.57
C MET C 134 9.37 25.91 -38.37
N LEU C 135 8.05 25.90 -38.17
CA LEU C 135 7.47 26.59 -37.03
C LEU C 135 8.07 25.96 -35.76
N GLU C 136 8.22 24.64 -35.79
CA GLU C 136 8.77 23.96 -34.63
C GLU C 136 10.19 24.44 -34.43
N GLN C 137 10.88 24.72 -35.52
CA GLN C 137 12.25 25.20 -35.45
C GLN C 137 12.30 26.66 -35.02
N LEU C 138 11.43 27.48 -35.60
CA LEU C 138 11.37 28.90 -35.25
C LEU C 138 11.23 29.02 -33.73
N LEU C 139 10.34 28.20 -33.18
CA LEU C 139 10.08 28.20 -31.76
C LEU C 139 11.31 28.02 -30.88
N LYS C 140 12.31 27.31 -31.36
CA LYS C 140 13.51 27.11 -30.54
C LYS C 140 14.41 28.34 -30.55
N PHE C 141 14.18 29.26 -31.47
CA PHE C 141 15.02 30.45 -31.57
C PHE C 141 14.23 31.74 -31.57
N VAL C 142 13.64 32.05 -30.41
CA VAL C 142 12.85 33.29 -30.23
C VAL C 142 13.69 34.28 -29.44
N PRO C 143 13.60 35.57 -29.79
CA PRO C 143 14.34 36.63 -29.13
C PRO C 143 14.16 36.73 -27.63
N GLU C 144 15.04 36.12 -26.86
CA GLU C 144 14.94 36.19 -25.40
C GLU C 144 15.01 37.65 -24.98
N LYS C 145 14.75 37.92 -23.70
CA LYS C 145 14.77 39.29 -23.23
C LYS C 145 16.19 39.87 -23.25
N SER C 146 17.16 39.07 -22.85
CA SER C 146 18.55 39.54 -22.84
C SER C 146 18.96 40.05 -24.20
N ASP C 147 18.46 39.39 -25.24
CA ASP C 147 18.75 39.76 -26.62
C ASP C 147 18.18 41.09 -27.03
N ILE C 148 16.89 41.29 -26.82
CA ILE C 148 16.30 42.55 -27.22
C ILE C 148 17.01 43.71 -26.53
N ASP C 149 17.30 43.55 -25.25
CA ASP C 149 17.99 44.60 -24.51
C ASP C 149 19.41 44.84 -25.05
N LEU C 150 20.07 43.77 -25.50
CA LEU C 150 21.41 43.87 -26.03
C LEU C 150 21.43 44.42 -27.45
N LEU C 151 20.39 44.10 -28.22
CA LEU C 151 20.29 44.53 -29.60
C LEU C 151 19.66 45.92 -29.77
N GLU C 152 19.02 46.41 -28.71
CA GLU C 152 18.38 47.72 -28.78
C GLU C 152 19.34 48.86 -29.02
N GLU C 153 20.51 48.81 -28.38
CA GLU C 153 21.48 49.86 -28.54
C GLU C 153 21.94 50.03 -29.98
N HIS C 154 21.35 49.26 -30.91
CA HIS C 154 21.75 49.34 -32.32
C HIS C 154 20.61 49.58 -33.28
N LYS C 155 19.54 50.18 -32.77
CA LYS C 155 18.35 50.47 -33.58
C LYS C 155 18.74 51.30 -34.79
N HIS C 156 19.68 52.23 -34.57
CA HIS C 156 20.15 53.14 -35.61
C HIS C 156 20.83 52.47 -36.79
N GLU C 157 21.57 51.40 -36.52
CA GLU C 157 22.30 50.68 -37.58
C GLU C 157 21.82 49.25 -37.81
N LEU C 158 20.51 49.07 -37.96
CA LEU C 158 19.96 47.74 -38.19
C LEU C 158 20.49 47.28 -39.53
N ASP C 159 20.65 48.23 -40.44
CA ASP C 159 21.17 47.87 -41.75
C ASP C 159 22.60 47.39 -41.51
N ARG C 160 23.04 46.46 -42.34
CA ARG C 160 24.36 45.89 -42.18
C ARG C 160 24.57 45.56 -40.69
N MET C 161 23.86 44.54 -40.26
CA MET C 161 23.85 43.98 -38.92
C MET C 161 23.73 42.51 -39.29
N ALA C 162 24.65 41.70 -38.79
CA ALA C 162 24.69 40.26 -39.10
C ALA C 162 23.29 39.65 -39.26
N LYS C 163 23.13 38.84 -40.32
CA LYS C 163 21.85 38.20 -40.58
C LYS C 163 21.20 37.74 -39.29
N ALA C 164 21.82 36.77 -38.64
CA ALA C 164 21.30 36.23 -37.39
C ALA C 164 20.79 37.31 -36.45
N ASP C 165 21.65 38.26 -36.11
CA ASP C 165 21.25 39.32 -35.19
C ASP C 165 20.07 40.16 -35.70
N ARG C 166 20.04 40.44 -36.99
CA ARG C 166 18.94 41.24 -37.53
C ARG C 166 17.60 40.52 -37.34
N PHE C 167 17.61 39.22 -37.60
CA PHE C 167 16.42 38.37 -37.47
C PHE C 167 15.78 38.56 -36.10
N LEU C 168 16.51 38.12 -35.07
CA LEU C 168 16.04 38.24 -33.70
C LEU C 168 15.48 39.64 -33.47
N PHE C 169 16.22 40.66 -33.87
CA PHE C 169 15.72 42.02 -33.70
C PHE C 169 14.37 42.12 -34.40
N GLU C 170 14.41 41.96 -35.72
CA GLU C 170 13.19 42.03 -36.54
C GLU C 170 12.00 41.36 -35.88
N MET C 171 12.13 40.10 -35.47
CA MET C 171 11.02 39.43 -34.82
C MET C 171 10.69 40.08 -33.48
N SER C 172 11.70 40.35 -32.68
CA SER C 172 11.53 40.97 -31.36
C SER C 172 10.67 42.23 -31.41
N ARG C 173 10.53 42.80 -32.60
CA ARG C 173 9.74 44.02 -32.79
C ARG C 173 8.27 43.70 -33.07
N ILE C 174 7.92 42.43 -33.02
CA ILE C 174 6.54 42.01 -33.23
C ILE C 174 5.97 41.72 -31.85
N ASN C 175 4.76 42.24 -31.60
CA ASN C 175 4.10 42.08 -30.31
C ASN C 175 3.73 40.63 -29.99
N HIS C 176 4.09 40.17 -28.79
CA HIS C 176 3.79 38.81 -28.34
C HIS C 176 4.23 37.75 -29.35
N TYR C 177 5.46 37.93 -29.87
CA TYR C 177 6.03 37.02 -30.86
C TYR C 177 5.90 35.56 -30.43
N GLN C 178 6.56 35.22 -29.34
CA GLN C 178 6.53 33.86 -28.82
C GLN C 178 5.14 33.26 -28.94
N GLN C 179 4.18 33.86 -28.24
CA GLN C 179 2.80 33.40 -28.24
C GLN C 179 2.17 33.33 -29.62
N ARG C 180 2.19 34.44 -30.34
CA ARG C 180 1.59 34.43 -31.65
C ARG C 180 2.12 33.24 -32.46
N LEU C 181 3.40 32.89 -32.25
CA LEU C 181 4.03 31.78 -32.96
C LEU C 181 3.44 30.51 -32.43
N GLN C 182 3.65 30.30 -31.12
CA GLN C 182 3.11 29.14 -30.39
C GLN C 182 1.71 28.84 -30.89
N SER C 183 0.91 29.88 -31.01
CA SER C 183 -0.45 29.74 -31.47
C SER C 183 -0.46 29.12 -32.84
N LEU C 184 0.20 29.78 -33.80
CA LEU C 184 0.20 29.25 -35.17
C LEU C 184 0.63 27.79 -35.26
N TYR C 185 1.70 27.43 -34.55
CA TYR C 185 2.18 26.06 -34.57
C TYR C 185 1.06 25.13 -34.06
N PHE C 186 0.55 25.43 -32.87
CA PHE C 186 -0.51 24.62 -32.29
C PHE C 186 -1.68 24.47 -33.24
N LYS C 187 -2.14 25.57 -33.80
CA LYS C 187 -3.24 25.52 -34.75
C LYS C 187 -2.97 24.50 -35.86
N LYS C 188 -1.86 24.65 -36.56
CA LYS C 188 -1.53 23.74 -37.66
C LYS C 188 -1.44 22.30 -37.16
N LYS C 189 -0.98 22.14 -35.93
CA LYS C 189 -0.86 20.80 -35.34
C LYS C 189 -1.96 20.59 -34.30
N PHE C 190 -3.19 20.41 -34.78
CA PHE C 190 -4.32 20.18 -33.90
C PHE C 190 -5.13 19.04 -34.46
N ALA C 191 -5.36 19.07 -35.77
CA ALA C 191 -6.12 18.02 -36.43
C ALA C 191 -5.35 16.72 -36.20
N GLU C 192 -4.09 16.68 -36.62
CA GLU C 192 -3.28 15.49 -36.43
C GLU C 192 -3.35 15.00 -34.99
N ARG C 193 -2.96 15.84 -34.04
CA ARG C 193 -2.97 15.45 -32.64
C ARG C 193 -4.29 14.81 -32.25
N VAL C 194 -5.39 15.52 -32.48
CA VAL C 194 -6.71 15.02 -32.14
C VAL C 194 -7.09 13.72 -32.84
N ALA C 195 -6.70 13.60 -34.11
CA ALA C 195 -7.02 12.40 -34.87
C ALA C 195 -6.32 11.17 -34.34
N GLU C 196 -5.06 11.30 -33.95
CA GLU C 196 -4.32 10.15 -33.44
C GLU C 196 -4.67 9.85 -31.98
N VAL C 197 -5.51 10.72 -31.39
CA VAL C 197 -5.95 10.55 -30.00
C VAL C 197 -7.23 9.76 -29.89
N LYS C 198 -8.26 10.19 -30.61
CA LYS C 198 -9.56 9.52 -30.58
C LYS C 198 -9.54 8.00 -30.78
N PRO C 199 -8.94 7.51 -31.88
CA PRO C 199 -8.92 6.06 -32.07
C PRO C 199 -8.22 5.38 -30.91
N LYS C 200 -7.27 6.08 -30.29
CA LYS C 200 -6.54 5.53 -29.16
C LYS C 200 -7.50 5.38 -27.99
N VAL C 201 -8.31 6.41 -27.74
CA VAL C 201 -9.27 6.36 -26.66
C VAL C 201 -10.34 5.33 -26.98
N GLU C 202 -10.88 5.37 -28.19
CA GLU C 202 -11.94 4.44 -28.57
C GLU C 202 -11.53 2.98 -28.54
N ALA C 203 -10.26 2.70 -28.85
CA ALA C 203 -9.78 1.33 -28.85
C ALA C 203 -9.75 0.83 -27.40
N ILE C 204 -9.61 1.75 -26.46
CA ILE C 204 -9.61 1.35 -25.07
C ILE C 204 -11.04 1.14 -24.63
N ARG C 205 -11.92 2.07 -24.97
CA ARG C 205 -13.32 1.94 -24.59
C ARG C 205 -13.90 0.68 -25.22
N SER C 206 -13.60 0.46 -26.49
CA SER C 206 -14.11 -0.71 -27.19
C SER C 206 -13.47 -1.93 -26.58
N GLY C 207 -12.16 -1.87 -26.37
CA GLY C 207 -11.46 -3.00 -25.78
C GLY C 207 -12.08 -3.44 -24.46
N SER C 208 -12.11 -2.53 -23.49
CA SER C 208 -12.68 -2.81 -22.18
C SER C 208 -14.04 -3.47 -22.30
N GLU C 209 -14.84 -2.95 -23.22
CA GLU C 209 -16.17 -3.46 -23.48
C GLU C 209 -16.13 -4.91 -23.94
N GLU C 210 -15.62 -5.16 -25.14
CA GLU C 210 -15.55 -6.52 -25.69
C GLU C 210 -15.16 -7.53 -24.63
N VAL C 211 -14.11 -7.21 -23.91
CA VAL C 211 -13.59 -8.07 -22.87
C VAL C 211 -14.67 -8.46 -21.85
N PHE C 212 -15.30 -7.43 -21.30
CA PHE C 212 -16.34 -7.58 -20.28
C PHE C 212 -17.57 -8.31 -20.78
N ARG C 213 -17.79 -8.30 -22.09
CA ARG C 213 -18.97 -8.92 -22.66
C ARG C 213 -18.83 -10.21 -23.47
N SER C 214 -17.61 -10.60 -23.81
CA SER C 214 -17.46 -11.83 -24.59
C SER C 214 -17.87 -13.08 -23.81
N GLY C 215 -18.91 -13.74 -24.30
CA GLY C 215 -19.38 -14.97 -23.66
C GLY C 215 -18.44 -16.07 -24.08
N ALA C 216 -17.83 -15.92 -25.26
CA ALA C 216 -16.89 -16.90 -25.75
C ALA C 216 -15.76 -16.93 -24.73
N LEU C 217 -15.32 -15.74 -24.32
CA LEU C 217 -14.26 -15.60 -23.35
C LEU C 217 -14.69 -16.17 -22.00
N LYS C 218 -15.86 -15.77 -21.53
CA LYS C 218 -16.33 -16.27 -20.25
C LYS C 218 -16.42 -17.79 -20.27
N GLN C 219 -16.98 -18.33 -21.33
CA GLN C 219 -17.14 -19.77 -21.42
C GLN C 219 -15.79 -20.50 -21.51
N LEU C 220 -14.85 -19.95 -22.28
CA LEU C 220 -13.55 -20.56 -22.40
C LEU C 220 -12.88 -20.64 -21.04
N LEU C 221 -12.98 -19.55 -20.28
CA LEU C 221 -12.40 -19.53 -18.94
C LEU C 221 -12.98 -20.59 -18.01
N GLU C 222 -14.30 -20.76 -18.05
CA GLU C 222 -14.95 -21.75 -17.19
C GLU C 222 -14.42 -23.16 -17.49
N VAL C 223 -14.25 -23.46 -18.77
CA VAL C 223 -13.72 -24.75 -19.19
C VAL C 223 -12.29 -24.92 -18.64
N VAL C 224 -11.47 -23.89 -18.86
CA VAL C 224 -10.09 -23.91 -18.38
C VAL C 224 -10.08 -24.22 -16.90
N LEU C 225 -10.88 -23.49 -16.13
CA LEU C 225 -10.93 -23.71 -14.69
C LEU C 225 -11.13 -25.17 -14.39
N ALA C 226 -12.03 -25.80 -15.15
CA ALA C 226 -12.33 -27.22 -14.99
C ALA C 226 -11.03 -27.98 -15.06
N PHE C 227 -10.43 -27.95 -16.24
CA PHE C 227 -9.16 -28.63 -16.50
C PHE C 227 -8.19 -28.43 -15.35
N GLY C 228 -7.89 -27.19 -15.03
CA GLY C 228 -6.99 -26.93 -13.94
C GLY C 228 -7.41 -27.63 -12.68
N ASN C 229 -8.70 -27.56 -12.34
CA ASN C 229 -9.13 -28.23 -11.13
C ASN C 229 -8.99 -29.75 -11.24
N TYR C 230 -9.25 -30.31 -12.41
CA TYR C 230 -9.11 -31.75 -12.59
C TYR C 230 -7.65 -32.12 -12.60
N MET C 231 -6.84 -31.39 -13.38
CA MET C 231 -5.42 -31.69 -13.48
C MET C 231 -4.58 -31.51 -12.22
N ASN C 232 -4.11 -30.30 -11.89
CA ASN C 232 -3.33 -30.20 -10.67
C ASN C 232 -4.22 -30.37 -9.45
N LYS C 233 -4.30 -31.61 -8.96
CA LYS C 233 -5.12 -31.93 -7.80
C LYS C 233 -4.38 -31.66 -6.48
N GLY C 234 -5.08 -31.89 -5.38
CA GLY C 234 -4.51 -31.66 -4.08
C GLY C 234 -5.00 -30.35 -3.50
N GLN C 235 -4.09 -29.57 -2.95
CA GLN C 235 -4.39 -28.28 -2.35
C GLN C 235 -4.13 -27.28 -3.45
N ARG C 236 -3.70 -27.82 -4.58
CA ARG C 236 -3.36 -27.08 -5.80
C ARG C 236 -4.59 -26.60 -6.58
N GLY C 237 -5.72 -27.23 -6.33
CA GLY C 237 -6.93 -26.87 -7.02
C GLY C 237 -8.00 -26.20 -6.19
N ASN C 238 -9.24 -26.64 -6.41
CA ASN C 238 -10.38 -26.08 -5.71
C ASN C 238 -10.27 -24.58 -5.80
N ALA C 239 -9.96 -24.14 -7.02
CA ALA C 239 -9.82 -22.73 -7.34
C ALA C 239 -11.15 -22.25 -7.91
N TYR C 240 -11.45 -20.98 -7.69
CA TYR C 240 -12.69 -20.43 -8.20
C TYR C 240 -12.38 -19.36 -9.23
N GLY C 241 -11.08 -19.19 -9.51
CA GLY C 241 -10.63 -18.23 -10.49
C GLY C 241 -9.11 -18.15 -10.56
N PHE C 242 -8.57 -17.60 -11.64
CA PHE C 242 -7.13 -17.48 -11.79
C PHE C 242 -6.76 -16.21 -12.52
N LYS C 243 -5.53 -15.74 -12.35
CA LYS C 243 -5.08 -14.53 -13.05
C LYS C 243 -5.13 -14.79 -14.55
N ILE C 244 -5.74 -13.87 -15.29
CA ILE C 244 -5.89 -14.02 -16.73
C ILE C 244 -4.60 -14.44 -17.42
N SER C 245 -3.48 -13.84 -17.02
CA SER C 245 -2.19 -14.17 -17.64
C SER C 245 -1.94 -15.66 -17.60
N SER C 246 -2.58 -16.35 -16.67
CA SER C 246 -2.40 -17.79 -16.56
C SER C 246 -2.72 -18.41 -17.92
N LEU C 247 -3.51 -17.68 -18.69
CA LEU C 247 -3.91 -18.08 -20.03
C LEU C 247 -2.70 -18.43 -20.89
N ASN C 248 -1.69 -17.58 -20.82
CA ASN C 248 -0.50 -17.81 -21.61
C ASN C 248 0.46 -18.84 -21.02
N LYS C 249 0.01 -19.64 -20.06
CA LYS C 249 0.88 -20.68 -19.49
C LYS C 249 0.21 -22.02 -19.67
N ILE C 250 -0.86 -22.03 -20.47
CA ILE C 250 -1.59 -23.25 -20.76
C ILE C 250 -0.68 -24.13 -21.59
N ALA C 251 -0.19 -23.57 -22.69
CA ALA C 251 0.71 -24.26 -23.60
C ALA C 251 1.90 -24.90 -22.88
N ASP C 252 2.29 -24.34 -21.73
CA ASP C 252 3.41 -24.90 -20.98
C ASP C 252 3.16 -26.36 -20.61
N THR C 253 1.91 -26.69 -20.31
CA THR C 253 1.56 -28.07 -19.95
C THR C 253 1.48 -28.90 -21.22
N LYS C 254 2.47 -29.77 -21.44
CA LYS C 254 2.48 -30.61 -22.64
C LYS C 254 1.94 -32.02 -22.41
N SER C 255 1.42 -32.62 -23.48
CA SER C 255 0.84 -33.97 -23.45
C SER C 255 1.79 -35.07 -23.05
N SER C 256 1.21 -36.21 -22.66
CA SER C 256 2.00 -37.36 -22.27
C SER C 256 2.13 -38.21 -23.51
N ILE C 257 1.12 -38.18 -24.36
CA ILE C 257 1.14 -38.95 -25.60
C ILE C 257 2.19 -38.35 -26.54
N ASP C 258 2.04 -37.06 -26.83
CA ASP C 258 2.98 -36.37 -27.69
C ASP C 258 3.37 -35.06 -27.04
N LYS C 259 4.67 -34.82 -26.92
CA LYS C 259 5.18 -33.61 -26.31
C LYS C 259 5.04 -32.40 -27.23
N ASN C 260 4.19 -32.51 -28.22
CA ASN C 260 3.96 -31.40 -29.15
C ASN C 260 2.52 -30.93 -29.09
N ILE C 261 1.62 -31.80 -28.64
CA ILE C 261 0.23 -31.40 -28.51
C ILE C 261 0.12 -30.80 -27.10
N THR C 262 0.02 -29.48 -27.07
CA THR C 262 -0.06 -28.74 -25.81
C THR C 262 -1.48 -28.74 -25.26
N LEU C 263 -1.58 -28.60 -23.94
CA LEU C 263 -2.88 -28.56 -23.31
C LEU C 263 -3.72 -27.54 -24.07
N LEU C 264 -3.07 -26.51 -24.60
CA LEU C 264 -3.78 -25.47 -25.34
C LEU C 264 -4.41 -26.06 -26.58
N HIS C 265 -3.68 -26.92 -27.28
CA HIS C 265 -4.24 -27.53 -28.48
C HIS C 265 -5.46 -28.37 -28.09
N TYR C 266 -5.32 -29.15 -27.03
CA TYR C 266 -6.43 -29.99 -26.57
C TYR C 266 -7.64 -29.14 -26.15
N LEU C 267 -7.40 -28.15 -25.29
CA LEU C 267 -8.47 -27.26 -24.82
C LEU C 267 -9.25 -26.73 -26.02
N ILE C 268 -8.55 -26.49 -27.12
CA ILE C 268 -9.20 -25.98 -28.33
C ILE C 268 -10.01 -27.06 -29.01
N THR C 269 -9.42 -28.24 -29.16
CA THR C 269 -10.12 -29.32 -29.82
C THR C 269 -11.45 -29.63 -29.13
N ILE C 270 -11.43 -29.93 -27.83
CA ILE C 270 -12.68 -30.24 -27.14
C ILE C 270 -13.60 -29.03 -26.95
N VAL C 271 -13.04 -27.83 -26.97
CA VAL C 271 -13.87 -26.63 -26.78
C VAL C 271 -14.81 -26.45 -27.96
N GLU C 272 -14.30 -26.64 -29.18
CA GLU C 272 -15.10 -26.49 -30.38
C GLU C 272 -16.15 -27.57 -30.52
N ASN C 273 -15.87 -28.77 -29.99
CA ASN C 273 -16.79 -29.89 -30.08
C ASN C 273 -17.63 -30.11 -28.84
N LYS C 274 -17.77 -29.07 -28.03
CA LYS C 274 -18.56 -29.13 -26.80
C LYS C 274 -19.03 -27.73 -26.45
N TYR C 275 -18.36 -26.74 -27.02
CA TYR C 275 -18.69 -25.34 -26.79
C TYR C 275 -18.42 -24.54 -28.05
N PRO C 276 -19.12 -24.86 -29.15
CA PRO C 276 -18.97 -24.19 -30.44
C PRO C 276 -19.14 -22.66 -30.38
N SER C 277 -19.87 -22.20 -29.37
CA SER C 277 -20.11 -20.78 -29.17
C SER C 277 -18.79 -20.00 -29.14
N VAL C 278 -17.80 -20.61 -28.48
CA VAL C 278 -16.49 -20.01 -28.33
C VAL C 278 -15.77 -19.73 -29.65
N LEU C 279 -16.22 -20.38 -30.72
CA LEU C 279 -15.61 -20.18 -32.04
C LEU C 279 -15.61 -18.70 -32.40
N ASN C 280 -16.65 -18.01 -31.94
CA ASN C 280 -16.80 -16.60 -32.22
C ASN C 280 -16.01 -15.72 -31.26
N LEU C 281 -14.88 -16.20 -30.76
CA LEU C 281 -14.11 -15.41 -29.80
C LEU C 281 -13.29 -14.29 -30.48
N ASN C 282 -12.47 -14.62 -31.46
CA ASN C 282 -11.70 -13.58 -32.12
C ASN C 282 -12.66 -12.47 -32.50
N GLU C 283 -13.83 -12.89 -32.99
CA GLU C 283 -14.84 -11.96 -33.44
C GLU C 283 -15.35 -11.00 -32.38
N GLU C 284 -15.58 -11.46 -31.15
CA GLU C 284 -16.07 -10.56 -30.11
C GLU C 284 -14.96 -9.91 -29.29
N LEU C 285 -13.74 -10.03 -29.81
CA LEU C 285 -12.56 -9.43 -29.21
C LEU C 285 -11.76 -8.85 -30.37
N ARG C 286 -12.47 -8.33 -31.36
CA ARG C 286 -11.82 -7.78 -32.54
C ARG C 286 -11.04 -6.51 -32.30
N ASP C 287 -11.44 -5.75 -31.29
CA ASP C 287 -10.75 -4.51 -30.99
C ASP C 287 -9.70 -4.61 -29.92
N ILE C 288 -9.25 -5.81 -29.59
CA ILE C 288 -8.24 -5.94 -28.56
C ILE C 288 -6.81 -5.85 -29.07
N PRO C 289 -6.53 -6.29 -30.31
CA PRO C 289 -5.15 -6.18 -30.76
C PRO C 289 -4.80 -4.69 -30.92
N GLN C 290 -5.79 -3.94 -31.41
CA GLN C 290 -5.67 -2.51 -31.61
C GLN C 290 -6.04 -1.80 -30.34
N ALA C 291 -5.51 -2.25 -29.22
CA ALA C 291 -5.81 -1.63 -27.93
C ALA C 291 -4.75 -2.14 -26.97
N ALA C 292 -4.10 -3.22 -27.37
CA ALA C 292 -3.03 -3.77 -26.55
C ALA C 292 -1.84 -2.87 -26.85
N LYS C 293 -1.97 -2.07 -27.91
CA LYS C 293 -0.91 -1.17 -28.33
C LYS C 293 -0.99 0.24 -27.75
N VAL C 294 -2.18 0.67 -27.35
CA VAL C 294 -2.34 2.00 -26.77
C VAL C 294 -1.63 2.08 -25.43
N ASN C 295 -0.82 3.12 -25.24
CA ASN C 295 -0.12 3.29 -23.98
C ASN C 295 -0.79 4.41 -23.20
N MET C 296 -1.47 4.07 -22.12
CA MET C 296 -2.18 5.06 -21.32
C MET C 296 -1.36 6.24 -20.82
N THR C 297 -0.13 6.00 -20.39
CA THR C 297 0.67 7.11 -19.90
C THR C 297 0.93 8.11 -21.04
N GLU C 298 1.57 7.62 -22.11
CA GLU C 298 1.87 8.43 -23.28
C GLU C 298 0.62 9.17 -23.75
N LEU C 299 -0.48 8.43 -23.87
CA LEU C 299 -1.72 9.05 -24.31
C LEU C 299 -2.15 10.16 -23.37
N ASP C 300 -1.89 10.01 -22.07
CA ASP C 300 -2.28 11.08 -21.18
C ASP C 300 -1.49 12.35 -21.46
N LYS C 301 -0.25 12.20 -21.92
CA LYS C 301 0.56 13.37 -22.26
C LYS C 301 -0.08 14.05 -23.47
N GLU C 302 -0.22 13.28 -24.54
CA GLU C 302 -0.83 13.76 -25.76
C GLU C 302 -2.07 14.59 -25.45
N ILE C 303 -2.82 14.18 -24.46
CA ILE C 303 -4.03 14.90 -24.08
C ILE C 303 -3.72 16.20 -23.36
N SER C 304 -2.71 16.17 -22.48
CA SER C 304 -2.36 17.37 -21.75
C SER C 304 -1.79 18.44 -22.68
N THR C 305 -0.82 18.05 -23.50
CA THR C 305 -0.22 18.98 -24.42
C THR C 305 -1.38 19.64 -25.21
N LEU C 306 -2.48 18.91 -25.36
CA LEU C 306 -3.65 19.41 -26.08
C LEU C 306 -4.42 20.39 -25.22
N ARG C 307 -4.59 20.06 -23.94
CA ARG C 307 -5.33 20.94 -23.04
C ARG C 307 -4.55 22.20 -22.71
N SER C 308 -3.34 22.04 -22.20
CA SER C 308 -2.49 23.17 -21.85
C SER C 308 -2.37 24.09 -23.07
N GLY C 309 -1.89 23.51 -24.18
CA GLY C 309 -1.73 24.24 -25.41
C GLY C 309 -2.92 25.10 -25.72
N LEU C 310 -4.12 24.55 -25.57
CA LEU C 310 -5.31 25.33 -25.86
C LEU C 310 -5.52 26.40 -24.79
N LYS C 311 -5.13 26.10 -23.55
CA LYS C 311 -5.27 27.08 -22.48
C LYS C 311 -4.40 28.28 -22.83
N ALA C 312 -3.21 28.00 -23.36
CA ALA C 312 -2.28 29.06 -23.74
C ALA C 312 -2.84 29.89 -24.90
N VAL C 313 -3.41 29.22 -25.90
CA VAL C 313 -3.96 29.91 -27.06
C VAL C 313 -5.15 30.78 -26.70
N GLU C 314 -5.90 30.39 -25.67
CA GLU C 314 -7.04 31.17 -25.22
C GLU C 314 -6.55 32.38 -24.44
N THR C 315 -5.60 32.18 -23.55
CA THR C 315 -5.07 33.29 -22.78
C THR C 315 -4.48 34.30 -23.75
N GLU C 316 -3.81 33.80 -24.78
CA GLU C 316 -3.20 34.67 -25.78
C GLU C 316 -4.26 35.41 -26.58
N LEU C 317 -5.37 34.74 -26.88
CA LEU C 317 -6.43 35.40 -27.63
C LEU C 317 -7.03 36.52 -26.80
N GLU C 318 -7.28 36.25 -25.52
CA GLU C 318 -7.87 37.25 -24.64
C GLU C 318 -6.96 38.47 -24.55
N TYR C 319 -5.65 38.24 -24.43
CA TYR C 319 -4.73 39.37 -24.36
C TYR C 319 -4.84 40.18 -25.64
N GLN C 320 -4.56 39.55 -26.78
CA GLN C 320 -4.62 40.22 -28.07
C GLN C 320 -5.98 40.86 -28.32
N LYS C 321 -6.99 40.43 -27.57
CA LYS C 321 -8.32 41.00 -27.71
C LYS C 321 -8.33 42.35 -27.00
N SER C 322 -7.54 42.45 -25.94
CA SER C 322 -7.46 43.67 -25.13
C SER C 322 -6.47 44.70 -25.67
N GLN C 323 -6.22 44.67 -26.98
CA GLN C 323 -5.32 45.66 -27.58
C GLN C 323 -5.81 46.17 -28.93
N PRO C 324 -5.59 47.48 -29.18
CA PRO C 324 -5.99 48.18 -30.41
C PRO C 324 -5.75 47.39 -31.68
N PRO C 325 -6.76 47.35 -32.57
CA PRO C 325 -6.63 46.62 -33.82
C PRO C 325 -5.52 47.22 -34.66
N GLN C 326 -5.25 46.60 -35.80
CA GLN C 326 -4.23 47.07 -36.73
C GLN C 326 -4.25 46.30 -38.05
N PRO C 327 -3.76 46.93 -39.13
CA PRO C 327 -3.72 46.30 -40.47
C PRO C 327 -2.76 45.12 -40.54
N GLY C 328 -3.29 43.96 -40.91
CA GLY C 328 -2.46 42.77 -41.03
C GLY C 328 -2.44 41.86 -39.81
N ASP C 329 -2.80 42.38 -38.64
CA ASP C 329 -2.80 41.58 -37.41
C ASP C 329 -4.09 40.78 -37.31
N LYS C 330 -4.16 39.70 -38.09
CA LYS C 330 -5.32 38.82 -38.14
C LYS C 330 -5.41 37.80 -36.99
N PHE C 331 -4.74 38.07 -35.88
CA PHE C 331 -4.75 37.14 -34.75
C PHE C 331 -6.16 36.88 -34.22
N VAL C 332 -6.67 37.83 -33.44
CA VAL C 332 -8.01 37.72 -32.84
C VAL C 332 -9.04 37.19 -33.83
N SER C 333 -8.90 37.57 -35.10
CA SER C 333 -9.82 37.12 -36.15
C SER C 333 -9.81 35.61 -36.35
N VAL C 334 -8.68 35.10 -36.84
CA VAL C 334 -8.53 33.67 -37.11
C VAL C 334 -8.42 32.79 -35.87
N VAL C 335 -7.90 33.36 -34.77
CA VAL C 335 -7.75 32.63 -33.52
C VAL C 335 -9.08 32.45 -32.78
N SER C 336 -9.91 33.50 -32.75
CA SER C 336 -11.22 33.42 -32.09
C SER C 336 -12.08 32.40 -32.83
N GLN C 337 -11.93 32.36 -34.15
CA GLN C 337 -12.65 31.42 -34.99
C GLN C 337 -12.13 30.02 -34.65
N PHE C 338 -10.82 29.91 -34.48
CA PHE C 338 -10.19 28.65 -34.15
C PHE C 338 -10.71 28.11 -32.81
N ILE C 339 -10.36 28.78 -31.71
CA ILE C 339 -10.78 28.36 -30.38
C ILE C 339 -12.20 27.78 -30.35
N THR C 340 -13.12 28.41 -31.05
CA THR C 340 -14.49 27.90 -31.09
C THR C 340 -14.45 26.47 -31.60
N VAL C 341 -14.18 26.31 -32.89
CA VAL C 341 -14.11 24.97 -33.50
C VAL C 341 -13.21 24.01 -32.70
N ALA C 342 -12.10 24.51 -32.19
CA ALA C 342 -11.18 23.70 -31.41
C ALA C 342 -11.79 23.27 -30.07
N SER C 343 -12.05 24.25 -29.19
CA SER C 343 -12.62 24.00 -27.86
C SER C 343 -13.79 23.03 -27.92
N PHE C 344 -14.42 22.97 -29.08
CA PHE C 344 -15.56 22.08 -29.32
C PHE C 344 -15.09 20.65 -29.50
N SER C 345 -14.35 20.41 -30.58
CA SER C 345 -13.85 19.08 -30.90
C SER C 345 -13.07 18.47 -29.75
N PHE C 346 -12.43 19.31 -28.94
CA PHE C 346 -11.65 18.82 -27.80
C PHE C 346 -12.52 18.50 -26.59
N SER C 347 -13.44 19.40 -26.26
CA SER C 347 -14.31 19.20 -25.12
C SER C 347 -14.93 17.81 -25.21
N ASP C 348 -15.07 17.29 -26.42
CA ASP C 348 -15.63 15.95 -26.52
C ASP C 348 -14.55 14.88 -26.31
N VAL C 349 -13.37 15.10 -26.87
CA VAL C 349 -12.27 14.15 -26.70
C VAL C 349 -12.11 13.93 -25.21
N GLU C 350 -12.15 15.02 -24.47
CA GLU C 350 -12.04 14.98 -23.04
C GLU C 350 -13.07 14.02 -22.47
N ASP C 351 -14.31 14.12 -22.95
CA ASP C 351 -15.36 13.25 -22.42
C ASP C 351 -15.20 11.77 -22.75
N LEU C 352 -14.96 11.44 -24.02
CA LEU C 352 -14.79 10.04 -24.37
C LEU C 352 -13.65 9.42 -23.56
N LEU C 353 -12.66 10.26 -23.24
CA LEU C 353 -11.49 9.82 -22.47
C LEU C 353 -11.94 9.25 -21.13
N ALA C 354 -12.51 10.13 -20.31
CA ALA C 354 -12.99 9.76 -18.99
C ALA C 354 -13.88 8.52 -19.06
N GLU C 355 -14.76 8.47 -20.05
CA GLU C 355 -15.61 7.31 -20.21
C GLU C 355 -14.71 6.09 -20.43
N ALA C 356 -13.81 6.19 -21.40
CA ALA C 356 -12.89 5.10 -21.74
C ALA C 356 -12.04 4.68 -20.56
N LYS C 357 -11.55 5.65 -19.79
CA LYS C 357 -10.71 5.32 -18.66
C LYS C 357 -11.52 4.61 -17.57
N ASP C 358 -12.78 5.01 -17.42
CA ASP C 358 -13.66 4.38 -16.44
C ASP C 358 -14.00 2.95 -16.84
N LEU C 359 -14.38 2.72 -18.10
CA LEU C 359 -14.69 1.36 -18.52
C LEU C 359 -13.46 0.46 -18.42
N PHE C 360 -12.27 1.05 -18.45
CA PHE C 360 -11.08 0.23 -18.33
C PHE C 360 -11.02 -0.32 -16.92
N THR C 361 -10.90 0.58 -15.93
CA THR C 361 -10.81 0.15 -14.53
C THR C 361 -11.93 -0.85 -14.24
N LYS C 362 -13.10 -0.63 -14.82
CA LYS C 362 -14.21 -1.55 -14.64
C LYS C 362 -13.80 -2.92 -15.16
N ALA C 363 -13.35 -2.99 -16.41
CA ALA C 363 -12.92 -4.25 -17.01
C ALA C 363 -11.74 -4.85 -16.23
N VAL C 364 -10.86 -3.99 -15.75
CA VAL C 364 -9.71 -4.42 -14.98
C VAL C 364 -10.19 -5.22 -13.77
N LYS C 365 -10.97 -4.57 -12.91
CA LYS C 365 -11.49 -5.22 -11.72
C LYS C 365 -12.32 -6.43 -12.10
N HIS C 366 -12.94 -6.39 -13.26
CA HIS C 366 -13.77 -7.52 -13.65
C HIS C 366 -12.96 -8.79 -13.87
N PHE C 367 -11.65 -8.69 -14.05
CA PHE C 367 -10.87 -9.90 -14.27
C PHE C 367 -9.88 -10.27 -13.16
N GLY C 368 -10.05 -9.65 -12.01
CA GLY C 368 -9.19 -9.94 -10.88
C GLY C 368 -8.02 -9.02 -10.73
N GLU C 369 -7.56 -8.42 -11.82
CA GLU C 369 -6.42 -7.52 -11.72
C GLU C 369 -6.65 -6.43 -10.70
N GLU C 370 -5.59 -6.06 -9.99
CA GLU C 370 -5.69 -5.04 -8.96
C GLU C 370 -5.91 -3.64 -9.53
N ALA C 371 -6.79 -2.88 -8.87
CA ALA C 371 -7.14 -1.52 -9.29
C ALA C 371 -5.89 -0.81 -9.80
N GLY C 372 -6.03 0.22 -10.62
CA GLY C 372 -4.88 0.93 -11.14
C GLY C 372 -3.43 0.39 -11.13
N LYS C 373 -3.22 -0.92 -11.20
CA LYS C 373 -1.86 -1.48 -11.22
C LYS C 373 -1.47 -2.10 -12.56
N ILE C 374 -2.37 -2.01 -13.54
CA ILE C 374 -2.07 -2.57 -14.86
C ILE C 374 -2.56 -1.60 -15.91
N GLN C 375 -1.79 -1.49 -17.00
CA GLN C 375 -2.12 -0.57 -18.08
C GLN C 375 -2.72 -1.31 -19.27
N PRO C 376 -3.41 -0.58 -20.15
CA PRO C 376 -4.02 -1.22 -21.32
C PRO C 376 -3.00 -2.05 -22.06
N ASP C 377 -1.89 -1.43 -22.43
CA ASP C 377 -0.84 -2.11 -23.16
C ASP C 377 -0.53 -3.50 -22.62
N GLU C 378 -0.47 -3.62 -21.30
CA GLU C 378 -0.17 -4.90 -20.66
C GLU C 378 -1.44 -5.74 -20.52
N PHE C 379 -2.50 -5.09 -20.05
CA PHE C 379 -3.80 -5.72 -19.84
C PHE C 379 -4.25 -6.43 -21.10
N PHE C 380 -4.59 -5.65 -22.13
CA PHE C 380 -5.04 -6.22 -23.37
C PHE C 380 -3.93 -7.03 -24.01
N GLY C 381 -2.71 -6.74 -23.58
CA GLY C 381 -1.60 -7.50 -24.11
C GLY C 381 -1.89 -8.96 -23.87
N ILE C 382 -2.10 -9.33 -22.60
CA ILE C 382 -2.37 -10.71 -22.22
C ILE C 382 -3.39 -11.42 -23.11
N PHE C 383 -4.46 -10.73 -23.46
CA PHE C 383 -5.48 -11.34 -24.31
C PHE C 383 -4.94 -11.47 -25.70
N ASP C 384 -4.33 -10.39 -26.17
CA ASP C 384 -3.78 -10.37 -27.51
C ASP C 384 -2.79 -11.50 -27.71
N GLN C 385 -1.90 -11.67 -26.75
CA GLN C 385 -0.91 -12.73 -26.82
C GLN C 385 -1.65 -14.07 -26.81
N PHE C 386 -2.72 -14.14 -26.01
CA PHE C 386 -3.50 -15.36 -25.93
C PHE C 386 -4.16 -15.69 -27.27
N LEU C 387 -4.81 -14.69 -27.86
CA LEU C 387 -5.48 -14.88 -29.13
C LEU C 387 -4.51 -15.43 -30.14
N GLN C 388 -3.26 -15.02 -30.04
CA GLN C 388 -2.26 -15.52 -30.96
C GLN C 388 -2.10 -17.01 -30.69
N ALA C 389 -1.48 -17.35 -29.55
CA ALA C 389 -1.25 -18.73 -29.15
C ALA C 389 -2.40 -19.67 -29.52
N VAL C 390 -3.61 -19.11 -29.53
CA VAL C 390 -4.83 -19.84 -29.87
C VAL C 390 -4.91 -20.05 -31.38
N SER C 391 -4.76 -18.97 -32.14
CA SER C 391 -4.85 -19.05 -33.59
C SER C 391 -3.80 -19.98 -34.21
N GLU C 392 -2.57 -19.92 -33.73
CA GLU C 392 -1.52 -20.76 -34.28
C GLU C 392 -1.64 -22.21 -33.80
N ALA C 393 -2.26 -22.40 -32.65
CA ALA C 393 -2.45 -23.74 -32.10
C ALA C 393 -3.59 -24.35 -32.89
N LYS C 394 -4.60 -23.53 -33.15
CA LYS C 394 -5.78 -23.93 -33.91
C LYS C 394 -5.35 -24.45 -35.27
N GLN C 395 -4.36 -23.79 -35.87
CA GLN C 395 -3.87 -24.22 -37.18
C GLN C 395 -3.01 -25.47 -36.99
N GLU C 396 -2.09 -25.41 -36.03
CA GLU C 396 -1.23 -26.55 -35.77
C GLU C 396 -2.10 -27.77 -35.55
N ASN C 397 -3.26 -27.55 -34.93
CA ASN C 397 -4.18 -28.65 -34.67
C ASN C 397 -4.73 -29.21 -35.97
N GLU C 398 -4.87 -28.36 -36.98
CA GLU C 398 -5.37 -28.82 -38.27
C GLU C 398 -4.31 -29.60 -39.03
N ASN C 399 -3.06 -29.15 -38.95
CA ASN C 399 -1.97 -29.83 -39.63
C ASN C 399 -1.88 -31.26 -39.13
N MET C 400 -2.06 -31.42 -37.82
CA MET C 400 -2.05 -32.72 -37.17
C MET C 400 -3.21 -33.54 -37.74
N ARG C 401 -4.34 -32.86 -37.96
CA ARG C 401 -5.54 -33.51 -38.46
C ARG C 401 -5.40 -34.00 -39.90
N LYS C 402 -4.46 -33.42 -40.64
CA LYS C 402 -4.21 -33.82 -42.03
C LYS C 402 -3.26 -35.00 -42.06
N LYS C 403 -2.11 -34.85 -41.42
CA LYS C 403 -1.13 -35.94 -41.37
C LYS C 403 -1.86 -37.19 -40.93
N LYS C 404 -2.77 -37.01 -39.98
CA LYS C 404 -3.57 -38.10 -39.44
C LYS C 404 -4.37 -38.76 -40.54
N GLU C 405 -5.04 -37.93 -41.34
CA GLU C 405 -5.87 -38.40 -42.45
C GLU C 405 -5.01 -39.24 -43.36
N GLU C 406 -3.95 -38.61 -43.87
CA GLU C 406 -2.99 -39.24 -44.76
C GLU C 406 -2.55 -40.57 -44.18
N GLU C 407 -2.30 -40.57 -42.89
CA GLU C 407 -1.87 -41.74 -42.12
C GLU C 407 -2.85 -42.89 -42.22
N GLU C 408 -4.13 -42.56 -42.14
CA GLU C 408 -5.24 -43.52 -42.19
C GLU C 408 -5.45 -44.03 -43.62
N ARG C 409 -4.82 -43.32 -44.55
CA ARG C 409 -4.81 -43.58 -46.00
C ARG C 409 -5.45 -44.85 -46.50
N LYS D 8 -18.27 -27.69 -5.01
CA LYS D 8 -17.64 -28.65 -4.06
C LYS D 8 -17.57 -30.08 -4.61
N SER D 9 -18.46 -30.42 -5.53
CA SER D 9 -18.44 -31.76 -6.12
C SER D 9 -17.34 -31.80 -7.18
N ILE D 10 -16.14 -32.21 -6.78
CA ILE D 10 -15.03 -32.28 -7.71
C ILE D 10 -14.57 -33.67 -8.09
N PRO D 11 -14.72 -34.01 -9.38
CA PRO D 11 -14.30 -35.32 -9.88
C PRO D 11 -12.78 -35.29 -10.00
N GLN D 12 -12.08 -36.09 -9.21
CA GLN D 12 -10.62 -36.09 -9.29
C GLN D 12 -10.14 -37.28 -10.10
N PRO D 13 -9.03 -37.10 -10.82
CA PRO D 13 -8.46 -38.18 -11.64
C PRO D 13 -8.04 -39.42 -10.85
N THR D 14 -8.24 -40.57 -11.48
CA THR D 14 -7.88 -41.85 -10.88
C THR D 14 -6.34 -41.99 -10.85
N ASN D 15 -5.68 -41.46 -11.89
CA ASN D 15 -4.23 -41.51 -12.00
C ASN D 15 -3.64 -40.10 -12.02
N ALA D 16 -2.33 -39.99 -11.92
CA ALA D 16 -1.68 -38.69 -11.93
C ALA D 16 -1.60 -38.09 -13.33
N LEU D 17 -1.67 -36.77 -13.41
CA LEU D 17 -1.62 -36.07 -14.68
C LEU D 17 -0.60 -34.93 -14.69
N LYS D 18 -0.38 -34.34 -15.86
CA LYS D 18 0.55 -33.22 -15.98
C LYS D 18 -0.11 -32.05 -15.24
N SER D 19 0.71 -31.11 -14.76
CA SER D 19 0.17 -29.96 -14.06
C SER D 19 -0.15 -28.84 -15.03
N PHE D 20 -0.91 -27.85 -14.56
CA PHE D 20 -1.27 -26.73 -15.40
C PHE D 20 -0.33 -25.53 -15.22
N ASN D 21 -0.08 -25.17 -13.96
CA ASN D 21 0.83 -24.08 -13.63
C ASN D 21 0.17 -22.71 -13.77
N TRP D 22 -1.07 -22.61 -13.33
CA TRP D 22 -1.77 -21.34 -13.40
C TRP D 22 -1.37 -20.48 -12.21
N SER D 23 -2.13 -19.41 -11.98
CA SER D 23 -1.89 -18.51 -10.87
C SER D 23 -3.26 -18.31 -10.23
N LYS D 24 -3.65 -19.23 -9.36
CA LYS D 24 -4.95 -19.15 -8.70
C LYS D 24 -5.22 -17.77 -8.13
N LEU D 25 -6.49 -17.50 -7.85
CA LEU D 25 -6.91 -16.23 -7.27
C LEU D 25 -7.59 -16.46 -5.91
N PRO D 26 -7.06 -15.81 -4.85
CA PRO D 26 -7.62 -15.93 -3.51
C PRO D 26 -9.12 -15.70 -3.52
N GLU D 27 -9.86 -16.50 -2.76
CA GLU D 27 -11.31 -16.33 -2.74
C GLU D 27 -11.71 -14.92 -2.36
N ASN D 28 -10.82 -14.24 -1.63
CA ASN D 28 -11.02 -12.85 -1.21
C ASN D 28 -11.29 -11.96 -2.42
N LYS D 29 -10.27 -11.82 -3.25
CA LYS D 29 -10.33 -10.99 -4.45
C LYS D 29 -11.21 -11.59 -5.53
N LEU D 30 -12.08 -12.52 -5.17
CA LEU D 30 -12.93 -13.17 -6.15
C LEU D 30 -14.28 -12.46 -6.30
N GLU D 31 -14.60 -11.60 -5.35
CA GLU D 31 -15.87 -10.87 -5.39
C GLU D 31 -16.00 -9.88 -6.53
N GLY D 32 -17.20 -9.82 -7.11
CA GLY D 32 -17.47 -8.91 -8.20
C GLY D 32 -16.52 -9.02 -9.39
N THR D 33 -16.26 -10.25 -9.83
CA THR D 33 -15.41 -10.46 -10.99
C THR D 33 -16.14 -11.42 -11.89
N VAL D 34 -15.55 -11.79 -13.02
CA VAL D 34 -16.20 -12.71 -13.92
C VAL D 34 -16.42 -14.04 -13.23
N TRP D 35 -15.50 -14.44 -12.37
CA TRP D 35 -15.62 -15.72 -11.70
C TRP D 35 -16.94 -15.89 -10.96
N THR D 36 -17.55 -14.77 -10.61
CA THR D 36 -18.85 -14.74 -9.95
C THR D 36 -19.86 -15.56 -10.75
N GLU D 37 -19.82 -15.42 -12.07
CA GLU D 37 -20.75 -16.12 -12.95
C GLU D 37 -20.15 -17.33 -13.69
N ILE D 38 -19.06 -17.86 -13.17
CA ILE D 38 -18.42 -19.02 -13.80
C ILE D 38 -18.40 -20.18 -12.83
N ASP D 39 -18.80 -21.35 -13.30
CA ASP D 39 -18.80 -22.53 -12.44
C ASP D 39 -18.26 -23.73 -13.21
N ASP D 40 -17.06 -24.15 -12.84
CA ASP D 40 -16.39 -25.27 -13.48
C ASP D 40 -17.18 -26.57 -13.40
N THR D 41 -18.14 -26.62 -12.48
CA THR D 41 -18.95 -27.82 -12.32
C THR D 41 -19.75 -28.08 -13.60
N LYS D 42 -20.32 -27.02 -14.16
CA LYS D 42 -21.12 -27.13 -15.38
C LYS D 42 -20.33 -27.85 -16.46
N VAL D 43 -19.01 -27.66 -16.45
CA VAL D 43 -18.14 -28.24 -17.44
C VAL D 43 -17.88 -29.73 -17.29
N PHE D 44 -17.74 -30.20 -16.05
CA PHE D 44 -17.47 -31.62 -15.83
C PHE D 44 -18.59 -32.51 -16.31
N LYS D 45 -19.80 -31.97 -16.40
CA LYS D 45 -20.94 -32.76 -16.85
C LYS D 45 -20.88 -32.99 -18.34
N ILE D 46 -19.89 -32.40 -19.00
CA ILE D 46 -19.77 -32.52 -20.44
C ILE D 46 -18.41 -33.06 -20.92
N LEU D 47 -17.37 -32.87 -20.10
CA LEU D 47 -16.03 -33.32 -20.46
C LEU D 47 -15.83 -34.82 -20.37
N ASP D 48 -15.08 -35.37 -21.33
CA ASP D 48 -14.80 -36.78 -21.36
C ASP D 48 -13.50 -37.03 -20.61
N LEU D 49 -13.56 -36.84 -19.29
CA LEU D 49 -12.41 -37.02 -18.41
C LEU D 49 -11.49 -38.15 -18.84
N GLU D 50 -12.04 -39.33 -19.07
CA GLU D 50 -11.24 -40.48 -19.48
C GLU D 50 -10.31 -40.11 -20.62
N ASP D 51 -10.79 -39.27 -21.54
CA ASP D 51 -9.98 -38.83 -22.67
C ASP D 51 -8.81 -37.99 -22.18
N LEU D 52 -9.12 -36.94 -21.42
CA LEU D 52 -8.11 -36.04 -20.88
C LEU D 52 -6.98 -36.83 -20.20
N GLU D 53 -7.34 -37.63 -19.20
CA GLU D 53 -6.39 -38.44 -18.46
C GLU D 53 -5.35 -39.11 -19.35
N ARG D 54 -5.80 -39.85 -20.37
CA ARG D 54 -4.85 -40.53 -21.22
C ARG D 54 -3.99 -39.61 -22.09
N THR D 55 -4.48 -38.41 -22.37
CA THR D 55 -3.71 -37.50 -23.20
C THR D 55 -2.65 -36.72 -22.41
N PHE D 56 -2.90 -36.47 -21.13
CA PHE D 56 -1.96 -35.73 -20.30
C PHE D 56 -1.58 -36.46 -19.02
N SER D 57 -1.07 -37.68 -19.17
CA SER D 57 -0.67 -38.50 -18.03
C SER D 57 0.65 -38.03 -17.46
N ALA D 58 0.81 -38.18 -16.16
CA ALA D 58 2.04 -37.78 -15.50
C ALA D 58 3.15 -38.69 -16.03
N TYR D 59 2.80 -39.94 -16.30
CA TYR D 59 3.75 -40.93 -16.81
C TYR D 59 3.77 -40.94 -18.33
N GLN D 60 4.96 -40.85 -18.90
CA GLN D 60 5.14 -40.84 -20.34
C GLN D 60 6.44 -41.52 -20.72
N ARG D 61 6.64 -41.74 -22.02
CA ARG D 61 7.87 -42.40 -22.48
C ARG D 61 9.13 -41.56 -22.24
N GLN D 62 10.23 -42.28 -22.01
CA GLN D 62 11.55 -41.73 -21.72
C GLN D 62 11.94 -40.39 -22.31
N GLN D 63 11.75 -39.34 -21.50
CA GLN D 63 12.07 -37.97 -21.86
C GLN D 63 13.58 -37.70 -21.77
N ASP D 64 14.26 -37.70 -22.92
CA ASP D 64 15.70 -37.45 -22.96
C ASP D 64 16.00 -35.96 -22.82
N LEU D 87 8.70 -55.19 -13.96
CA LEU D 87 8.70 -53.82 -14.49
C LEU D 87 8.09 -53.75 -15.90
N LYS D 88 8.13 -52.55 -16.47
CA LYS D 88 7.61 -52.27 -17.81
C LYS D 88 7.30 -50.77 -17.98
N VAL D 89 8.32 -49.89 -17.97
CA VAL D 89 8.00 -48.47 -18.09
C VAL D 89 8.98 -47.35 -18.31
N LYS D 90 8.44 -46.16 -18.06
CA LYS D 90 9.19 -44.94 -18.23
C LYS D 90 9.19 -43.95 -17.08
N GLU D 91 9.11 -42.66 -17.42
CA GLU D 91 9.22 -41.63 -16.41
C GLU D 91 7.97 -40.99 -15.90
N LEU D 92 8.19 -40.20 -14.85
CA LEU D 92 7.14 -39.44 -14.19
C LEU D 92 7.59 -37.99 -14.31
N SER D 93 6.72 -37.14 -14.83
CA SER D 93 7.02 -35.73 -14.97
C SER D 93 5.76 -34.92 -14.77
N VAL D 94 5.73 -34.09 -13.75
CA VAL D 94 4.56 -33.27 -13.51
C VAL D 94 4.85 -31.82 -13.87
N ILE D 95 6.03 -31.33 -13.50
CA ILE D 95 6.42 -29.95 -13.82
C ILE D 95 6.18 -29.66 -15.28
N ASP D 96 5.72 -28.46 -15.58
CA ASP D 96 5.44 -28.06 -16.94
C ASP D 96 6.67 -28.07 -17.84
N GLY D 97 6.46 -28.44 -19.11
CA GLY D 97 7.53 -28.51 -20.08
C GLY D 97 8.46 -27.30 -20.06
N ARG D 98 7.89 -26.10 -20.04
CA ARG D 98 8.69 -24.89 -20.01
C ARG D 98 9.70 -24.94 -18.88
N ARG D 99 9.21 -24.82 -17.64
CA ARG D 99 10.11 -24.84 -16.51
C ARG D 99 11.02 -26.07 -16.49
N ALA D 100 10.46 -27.23 -16.81
CA ALA D 100 11.23 -28.47 -16.82
C ALA D 100 12.48 -28.36 -17.69
N GLN D 101 12.31 -27.81 -18.88
CA GLN D 101 13.42 -27.68 -19.80
C GLN D 101 14.49 -26.73 -19.27
N ASN D 102 14.08 -25.52 -18.94
CA ASN D 102 15.00 -24.52 -18.43
C ASN D 102 15.80 -25.07 -17.25
N CYS D 103 15.20 -26.03 -16.55
CA CYS D 103 15.86 -26.66 -15.41
C CYS D 103 16.92 -27.65 -15.89
N ASN D 104 16.62 -28.38 -16.95
CA ASN D 104 17.56 -29.35 -17.52
C ASN D 104 18.73 -28.62 -18.15
N ILE D 105 18.46 -27.49 -18.79
CA ILE D 105 19.51 -26.69 -19.40
C ILE D 105 20.48 -26.29 -18.27
N LEU D 106 19.91 -25.84 -17.15
CA LEU D 106 20.70 -25.44 -15.98
C LEU D 106 21.54 -26.58 -15.41
N LEU D 107 20.91 -27.71 -15.15
CA LEU D 107 21.62 -28.86 -14.59
C LEU D 107 22.76 -29.33 -15.49
N SER D 108 22.58 -29.20 -16.81
CA SER D 108 23.60 -29.62 -17.75
C SER D 108 24.89 -28.81 -17.63
N ARG D 109 24.77 -27.49 -17.50
CA ARG D 109 25.93 -26.65 -17.36
C ARG D 109 26.51 -26.73 -15.96
N LEU D 110 25.71 -27.20 -15.01
CA LEU D 110 26.14 -27.30 -13.62
C LEU D 110 27.01 -28.54 -13.37
N LYS D 111 26.62 -29.67 -13.96
CA LYS D 111 27.36 -30.92 -13.81
C LYS D 111 27.67 -31.35 -12.38
N LEU D 112 26.62 -31.58 -11.58
CA LEU D 112 26.75 -32.02 -10.20
C LEU D 112 25.52 -32.85 -9.86
N SER D 113 25.68 -33.83 -8.99
CA SER D 113 24.54 -34.66 -8.59
C SER D 113 23.71 -33.90 -7.58
N ASN D 114 22.44 -34.32 -7.43
CA ASN D 114 21.54 -33.68 -6.48
C ASN D 114 22.18 -33.73 -5.10
N ASP D 115 22.78 -34.86 -4.79
CA ASP D 115 23.41 -35.03 -3.50
C ASP D 115 24.59 -34.08 -3.29
N GLU D 116 25.37 -33.83 -4.33
CA GLU D 116 26.51 -32.92 -4.19
C GLU D 116 26.01 -31.47 -4.04
N ILE D 117 24.99 -31.10 -4.81
CA ILE D 117 24.43 -29.76 -4.72
C ILE D 117 23.97 -29.56 -3.28
N LYS D 118 23.12 -30.47 -2.83
CA LYS D 118 22.59 -30.42 -1.48
C LYS D 118 23.75 -30.14 -0.52
N ARG D 119 24.72 -31.03 -0.54
CA ARG D 119 25.88 -30.90 0.31
C ARG D 119 26.50 -29.52 0.12
N ALA D 120 26.57 -29.05 -1.12
CA ALA D 120 27.15 -27.75 -1.40
C ALA D 120 26.45 -26.62 -0.65
N ILE D 121 25.13 -26.48 -0.82
CA ILE D 121 24.40 -25.41 -0.13
C ILE D 121 24.25 -25.62 1.38
N LEU D 122 24.59 -26.81 1.86
CA LEU D 122 24.51 -27.11 3.28
C LEU D 122 25.81 -26.76 3.98
N THR D 123 26.88 -26.67 3.18
CA THR D 123 28.22 -26.34 3.67
C THR D 123 28.59 -24.94 3.23
N MET D 124 27.65 -24.23 2.62
CA MET D 124 27.94 -22.90 2.16
C MET D 124 29.13 -23.00 1.21
N ASP D 125 29.02 -23.96 0.28
CA ASP D 125 30.00 -24.23 -0.76
C ASP D 125 31.43 -24.31 -0.28
N GLU D 126 31.71 -25.30 0.55
CA GLU D 126 33.05 -25.49 1.12
C GLU D 126 34.10 -25.84 0.07
N GLN D 127 33.81 -26.83 -0.76
CA GLN D 127 34.76 -27.24 -1.79
C GLN D 127 34.68 -26.34 -3.01
N GLU D 128 33.97 -25.21 -2.87
CA GLU D 128 33.84 -24.26 -3.96
C GLU D 128 33.35 -24.86 -5.30
N ASP D 129 32.24 -25.59 -5.25
CA ASP D 129 31.68 -26.22 -6.45
C ASP D 129 30.62 -25.40 -7.14
N LEU D 130 30.10 -24.40 -6.43
CA LEU D 130 29.05 -23.53 -6.94
C LEU D 130 29.50 -22.11 -7.27
N PRO D 131 29.89 -21.88 -8.53
CA PRO D 131 30.36 -20.59 -9.04
C PRO D 131 29.30 -19.49 -9.07
N LYS D 132 29.75 -18.26 -8.88
CA LYS D 132 28.88 -17.10 -8.86
C LYS D 132 27.76 -17.10 -9.90
N ASP D 133 28.11 -17.40 -11.15
CA ASP D 133 27.10 -17.37 -12.20
C ASP D 133 26.11 -18.50 -12.16
N MET D 134 26.45 -19.60 -11.49
CA MET D 134 25.52 -20.72 -11.38
C MET D 134 24.49 -20.43 -10.27
N LEU D 135 24.97 -19.98 -9.12
CA LEU D 135 24.11 -19.62 -7.99
C LEU D 135 23.07 -18.65 -8.49
N GLU D 136 23.51 -17.82 -9.42
CA GLU D 136 22.69 -16.82 -10.05
C GLU D 136 21.52 -17.54 -10.72
N GLN D 137 21.85 -18.60 -11.46
CA GLN D 137 20.87 -19.42 -12.19
C GLN D 137 19.97 -20.21 -11.27
N LEU D 138 20.58 -20.94 -10.34
CA LEU D 138 19.86 -21.74 -9.38
C LEU D 138 18.74 -20.91 -8.73
N LEU D 139 19.10 -19.69 -8.31
CA LEU D 139 18.14 -18.81 -7.68
C LEU D 139 16.89 -18.61 -8.52
N LYS D 140 16.99 -18.85 -9.83
CA LYS D 140 15.84 -18.67 -10.72
C LYS D 140 14.94 -19.91 -10.76
N PHE D 141 15.46 -21.05 -10.34
CA PHE D 141 14.73 -22.30 -10.35
C PHE D 141 14.61 -22.92 -8.98
N VAL D 142 13.90 -22.26 -8.08
CA VAL D 142 13.72 -22.80 -6.74
C VAL D 142 12.32 -23.40 -6.65
N PRO D 143 12.19 -24.58 -6.01
CA PRO D 143 10.87 -25.22 -5.90
C PRO D 143 9.83 -24.38 -5.14
N GLU D 144 8.85 -23.88 -5.87
CA GLU D 144 7.76 -23.06 -5.33
C GLU D 144 6.88 -23.94 -4.44
N LYS D 145 5.99 -23.32 -3.65
CA LYS D 145 5.14 -24.12 -2.78
C LYS D 145 4.27 -25.05 -3.60
N SER D 146 3.75 -24.54 -4.72
CA SER D 146 2.91 -25.36 -5.58
C SER D 146 3.61 -26.66 -5.95
N ASP D 147 4.89 -26.56 -6.31
CA ASP D 147 5.69 -27.72 -6.69
C ASP D 147 5.79 -28.74 -5.58
N ILE D 148 6.22 -28.30 -4.41
CA ILE D 148 6.33 -29.18 -3.26
C ILE D 148 5.08 -30.06 -3.16
N ASP D 149 3.93 -29.41 -2.98
CA ASP D 149 2.64 -30.09 -2.85
C ASP D 149 2.41 -31.03 -4.02
N LEU D 150 2.65 -30.51 -5.21
CA LEU D 150 2.48 -31.24 -6.45
C LEU D 150 3.31 -32.51 -6.49
N LEU D 151 4.57 -32.40 -6.08
CA LEU D 151 5.49 -33.51 -6.09
C LEU D 151 5.38 -34.43 -4.89
N GLU D 152 4.81 -33.92 -3.79
CA GLU D 152 4.67 -34.71 -2.56
C GLU D 152 4.00 -36.06 -2.82
N GLU D 153 2.97 -36.04 -3.64
CA GLU D 153 2.24 -37.25 -3.97
C GLU D 153 3.06 -38.31 -4.69
N HIS D 154 4.38 -38.18 -4.68
CA HIS D 154 5.21 -39.16 -5.38
C HIS D 154 6.50 -39.53 -4.66
N LYS D 155 6.53 -39.26 -3.35
CA LYS D 155 7.70 -39.57 -2.52
C LYS D 155 8.08 -41.02 -2.71
N HIS D 156 7.06 -41.85 -2.87
CA HIS D 156 7.22 -43.29 -3.03
C HIS D 156 8.13 -43.64 -4.19
N GLU D 157 7.91 -42.99 -5.34
CA GLU D 157 8.72 -43.30 -6.50
C GLU D 157 9.49 -42.12 -7.12
N LEU D 158 10.36 -41.52 -6.31
CA LEU D 158 11.19 -40.44 -6.81
C LEU D 158 12.16 -41.18 -7.72
N ASP D 159 12.10 -42.50 -7.64
CA ASP D 159 12.88 -43.41 -8.47
C ASP D 159 12.33 -43.09 -9.85
N ARG D 160 13.17 -43.12 -10.88
CA ARG D 160 12.71 -42.80 -12.23
C ARG D 160 11.58 -41.74 -12.20
N MET D 161 12.00 -40.50 -11.98
CA MET D 161 11.13 -39.34 -11.92
C MET D 161 11.97 -38.31 -12.68
N ALA D 162 11.44 -37.82 -13.79
CA ALA D 162 12.13 -36.85 -14.65
C ALA D 162 13.20 -36.04 -13.92
N LYS D 163 14.38 -36.02 -14.51
CA LYS D 163 15.50 -35.28 -13.93
C LYS D 163 15.04 -33.96 -13.34
N ALA D 164 14.49 -33.09 -14.18
CA ALA D 164 14.03 -31.78 -13.72
C ALA D 164 13.18 -31.91 -12.46
N ASP D 165 12.19 -32.78 -12.54
CA ASP D 165 11.28 -33.00 -11.43
C ASP D 165 11.93 -33.54 -10.16
N ARG D 166 12.89 -34.45 -10.28
CA ARG D 166 13.53 -34.97 -9.06
C ARG D 166 14.45 -33.97 -8.38
N PHE D 167 14.96 -33.03 -9.17
CA PHE D 167 15.86 -32.00 -8.66
C PHE D 167 15.05 -31.07 -7.76
N LEU D 168 13.92 -30.57 -8.27
CA LEU D 168 13.08 -29.68 -7.50
C LEU D 168 12.66 -30.33 -6.17
N PHE D 169 12.19 -31.58 -6.24
CA PHE D 169 11.81 -32.28 -5.02
C PHE D 169 13.02 -32.34 -4.08
N GLU D 170 14.08 -33.00 -4.54
CA GLU D 170 15.30 -33.14 -3.78
C GLU D 170 15.69 -31.85 -3.07
N MET D 171 15.70 -30.72 -3.79
CA MET D 171 16.07 -29.45 -3.17
C MET D 171 15.03 -28.99 -2.18
N SER D 172 13.76 -29.10 -2.55
CA SER D 172 12.67 -28.71 -1.69
C SER D 172 12.75 -29.41 -0.35
N ARG D 173 13.46 -30.53 -0.30
CA ARG D 173 13.61 -31.27 0.95
C ARG D 173 14.67 -30.65 1.87
N ILE D 174 15.36 -29.62 1.38
CA ILE D 174 16.39 -28.94 2.16
C ILE D 174 15.72 -27.82 2.94
N ASN D 175 16.00 -27.71 4.23
CA ASN D 175 15.39 -26.66 5.05
C ASN D 175 15.77 -25.28 4.61
N HIS D 176 14.78 -24.42 4.40
CA HIS D 176 15.04 -23.04 4.03
C HIS D 176 15.98 -22.94 2.83
N TYR D 177 15.80 -23.83 1.87
CA TYR D 177 16.64 -23.83 0.67
C TYR D 177 16.85 -22.44 0.09
N GLN D 178 15.79 -21.83 -0.40
CA GLN D 178 15.86 -20.50 -1.00
C GLN D 178 16.71 -19.53 -0.16
N GLN D 179 16.42 -19.40 1.12
CA GLN D 179 17.21 -18.49 1.96
C GLN D 179 18.67 -18.92 1.99
N ARG D 180 18.89 -20.22 2.20
CA ARG D 180 20.25 -20.77 2.23
C ARG D 180 20.98 -20.41 0.93
N LEU D 181 20.31 -20.56 -0.21
CA LEU D 181 20.91 -20.25 -1.49
C LEU D 181 21.26 -18.78 -1.56
N GLN D 182 20.23 -17.95 -1.56
CA GLN D 182 20.41 -16.50 -1.61
C GLN D 182 21.45 -16.00 -0.60
N SER D 183 21.57 -16.68 0.54
CA SER D 183 22.57 -16.25 1.50
C SER D 183 23.96 -16.60 0.94
N LEU D 184 24.09 -17.78 0.34
CA LEU D 184 25.36 -18.20 -0.23
C LEU D 184 25.78 -17.23 -1.35
N TYR D 185 24.85 -16.93 -2.24
CA TYR D 185 25.14 -16.01 -3.33
C TYR D 185 25.62 -14.68 -2.79
N PHE D 186 24.84 -14.08 -1.89
CA PHE D 186 25.19 -12.78 -1.32
C PHE D 186 26.58 -12.77 -0.75
N LYS D 187 26.93 -13.82 -0.03
CA LYS D 187 28.27 -13.90 0.56
C LYS D 187 29.28 -13.81 -0.58
N LYS D 188 29.24 -14.78 -1.50
CA LYS D 188 30.17 -14.81 -2.63
C LYS D 188 30.23 -13.50 -3.40
N LYS D 189 29.13 -12.75 -3.43
CA LYS D 189 29.13 -11.49 -4.14
C LYS D 189 28.98 -10.36 -3.12
N PHE D 190 30.02 -10.14 -2.34
CA PHE D 190 29.92 -9.09 -1.35
C PHE D 190 31.17 -8.23 -1.42
N ALA D 191 32.30 -8.89 -1.67
CA ALA D 191 33.56 -8.18 -1.79
C ALA D 191 33.38 -7.27 -3.00
N GLU D 192 33.09 -7.89 -4.13
CA GLU D 192 32.88 -7.16 -5.37
C GLU D 192 32.03 -5.94 -5.10
N ARG D 193 30.76 -6.17 -4.82
CA ARG D 193 29.84 -5.09 -4.58
C ARG D 193 30.35 -4.02 -3.63
N VAL D 194 30.97 -4.40 -2.52
CA VAL D 194 31.45 -3.40 -1.58
C VAL D 194 32.66 -2.67 -2.17
N ALA D 195 33.41 -3.36 -3.03
CA ALA D 195 34.57 -2.78 -3.67
C ALA D 195 34.15 -1.78 -4.75
N GLU D 196 33.11 -2.10 -5.50
CA GLU D 196 32.62 -1.23 -6.56
C GLU D 196 31.90 -0.02 -6.02
N VAL D 197 31.64 -0.01 -4.72
CA VAL D 197 30.94 1.11 -4.12
C VAL D 197 31.89 2.13 -3.54
N LYS D 198 32.80 1.66 -2.70
CA LYS D 198 33.77 2.54 -2.05
C LYS D 198 34.32 3.67 -2.92
N PRO D 199 34.93 3.32 -4.06
CA PRO D 199 35.48 4.35 -4.93
C PRO D 199 34.45 5.41 -5.27
N LYS D 200 33.28 4.98 -5.73
CA LYS D 200 32.24 5.91 -6.12
C LYS D 200 31.90 6.89 -5.00
N VAL D 201 31.80 6.39 -3.76
CA VAL D 201 31.48 7.28 -2.67
C VAL D 201 32.66 8.19 -2.41
N GLU D 202 33.87 7.63 -2.46
CA GLU D 202 35.07 8.44 -2.26
C GLU D 202 35.16 9.52 -3.34
N ALA D 203 34.93 9.07 -4.57
CA ALA D 203 35.00 9.97 -5.70
C ALA D 203 34.11 11.19 -5.49
N ILE D 204 32.96 10.98 -4.84
CA ILE D 204 32.04 12.08 -4.59
C ILE D 204 32.55 12.90 -3.40
N ARG D 205 33.07 12.19 -2.40
CA ARG D 205 33.60 12.83 -1.20
C ARG D 205 34.70 13.80 -1.57
N SER D 206 35.67 13.34 -2.34
CA SER D 206 36.78 14.20 -2.72
C SER D 206 36.36 15.22 -3.76
N GLY D 207 35.61 14.80 -4.77
CA GLY D 207 35.18 15.75 -5.76
C GLY D 207 34.57 16.95 -5.04
N SER D 208 33.58 16.70 -4.21
CA SER D 208 32.94 17.76 -3.46
C SER D 208 33.93 18.68 -2.76
N GLU D 209 34.90 18.08 -2.07
CA GLU D 209 35.89 18.85 -1.34
C GLU D 209 36.81 19.63 -2.26
N GLU D 210 37.34 18.98 -3.28
CA GLU D 210 38.23 19.67 -4.20
C GLU D 210 37.56 20.95 -4.70
N VAL D 211 36.39 20.82 -5.30
CA VAL D 211 35.68 21.97 -5.83
C VAL D 211 35.47 23.12 -4.85
N PHE D 212 35.27 22.82 -3.57
CA PHE D 212 35.04 23.85 -2.54
C PHE D 212 36.35 24.51 -2.14
N ARG D 213 37.44 23.74 -2.24
CA ARG D 213 38.78 24.19 -1.86
C ARG D 213 39.64 24.88 -2.92
N SER D 214 39.44 24.56 -4.19
CA SER D 214 40.26 25.14 -5.24
C SER D 214 40.29 26.65 -5.38
N GLY D 215 41.46 27.23 -5.07
CA GLY D 215 41.68 28.66 -5.19
C GLY D 215 41.81 29.01 -6.65
N ALA D 216 42.34 28.08 -7.44
CA ALA D 216 42.50 28.28 -8.87
C ALA D 216 41.12 28.48 -9.46
N LEU D 217 40.16 27.65 -9.03
CA LEU D 217 38.79 27.75 -9.51
C LEU D 217 38.10 28.99 -8.97
N LYS D 218 38.34 29.30 -7.70
CA LYS D 218 37.73 30.47 -7.11
C LYS D 218 38.15 31.70 -7.91
N GLN D 219 39.47 31.88 -8.10
CA GLN D 219 39.97 33.02 -8.85
C GLN D 219 39.61 32.98 -10.33
N LEU D 220 39.45 31.78 -10.90
CA LEU D 220 39.07 31.68 -12.30
C LEU D 220 37.69 32.32 -12.46
N LEU D 221 36.77 31.94 -11.57
CA LEU D 221 35.41 32.50 -11.57
C LEU D 221 35.45 34.03 -11.43
N GLU D 222 36.21 34.51 -10.47
CA GLU D 222 36.30 35.95 -10.26
C GLU D 222 36.66 36.73 -11.56
N VAL D 223 37.68 36.28 -12.27
CA VAL D 223 38.09 36.94 -13.52
C VAL D 223 36.97 36.92 -14.57
N VAL D 224 36.29 35.78 -14.70
CA VAL D 224 35.20 35.64 -15.67
C VAL D 224 34.04 36.55 -15.30
N LEU D 225 33.81 36.75 -14.02
CA LEU D 225 32.73 37.64 -13.62
C LEU D 225 33.00 39.02 -14.20
N ALA D 226 34.21 39.53 -13.98
CA ALA D 226 34.63 40.83 -14.50
C ALA D 226 34.55 40.88 -16.03
N PHE D 227 34.99 39.81 -16.69
CA PHE D 227 34.90 39.74 -18.14
C PHE D 227 33.45 39.96 -18.57
N GLY D 228 32.54 39.18 -17.98
CA GLY D 228 31.13 39.28 -18.28
C GLY D 228 30.53 40.62 -17.90
N ASN D 229 30.91 41.17 -16.76
CA ASN D 229 30.37 42.47 -16.40
C ASN D 229 30.88 43.57 -17.34
N TYR D 230 32.11 43.47 -17.81
CA TYR D 230 32.59 44.49 -18.73
C TYR D 230 32.00 44.16 -20.09
N MET D 231 32.03 42.87 -20.42
CA MET D 231 31.54 42.40 -21.69
C MET D 231 30.11 42.83 -22.01
N ASN D 232 29.14 41.96 -21.76
CA ASN D 232 27.74 42.29 -22.03
C ASN D 232 27.20 43.28 -21.00
N LYS D 233 27.39 44.58 -21.28
CA LYS D 233 26.94 45.66 -20.40
C LYS D 233 25.45 45.90 -20.50
N GLY D 234 25.02 46.95 -19.83
CA GLY D 234 23.60 47.30 -19.82
C GLY D 234 23.02 46.70 -18.56
N GLN D 235 21.79 46.19 -18.64
CA GLN D 235 21.20 45.57 -17.48
C GLN D 235 21.63 44.13 -17.50
N ARG D 236 22.27 43.72 -18.60
CA ARG D 236 22.75 42.35 -18.72
C ARG D 236 23.95 42.07 -17.80
N GLY D 237 24.43 43.11 -17.14
CA GLY D 237 25.58 42.97 -16.24
C GLY D 237 25.29 43.09 -14.75
N ASN D 238 26.07 43.92 -14.07
CA ASN D 238 25.94 44.10 -12.62
C ASN D 238 25.64 42.75 -11.96
N ALA D 239 26.34 41.71 -12.41
CA ALA D 239 26.16 40.38 -11.88
C ALA D 239 27.09 40.16 -10.67
N TYR D 240 26.61 39.35 -9.71
CA TYR D 240 27.36 39.03 -8.50
C TYR D 240 27.79 37.59 -8.53
N GLY D 241 27.33 36.87 -9.54
CA GLY D 241 27.69 35.48 -9.67
C GLY D 241 26.93 34.95 -10.85
N PHE D 242 27.22 33.73 -11.25
CA PHE D 242 26.54 33.10 -12.38
C PHE D 242 26.48 31.57 -12.25
N LYS D 243 25.53 30.95 -12.91
CA LYS D 243 25.42 29.50 -12.83
C LYS D 243 26.75 28.90 -13.34
N ILE D 244 27.31 27.96 -12.60
CA ILE D 244 28.58 27.37 -13.02
C ILE D 244 28.53 26.78 -14.40
N SER D 245 27.34 26.46 -14.92
CA SER D 245 27.27 25.89 -16.26
C SER D 245 27.60 26.99 -17.29
N SER D 246 27.54 28.24 -16.84
CA SER D 246 27.86 29.37 -17.72
C SER D 246 29.27 29.15 -18.25
N LEU D 247 30.11 28.52 -17.42
CA LEU D 247 31.47 28.21 -17.78
C LEU D 247 31.53 27.63 -19.18
N ASN D 248 30.82 26.52 -19.38
CA ASN D 248 30.84 25.88 -20.68
C ASN D 248 30.10 26.69 -21.74
N LYS D 249 30.00 27.99 -21.53
CA LYS D 249 29.34 28.84 -22.52
C LYS D 249 30.23 30.04 -22.88
N ILE D 250 31.44 30.06 -22.34
CA ILE D 250 32.39 31.14 -22.64
C ILE D 250 32.88 31.02 -24.09
N ALA D 251 33.36 29.83 -24.46
CA ALA D 251 33.85 29.57 -25.80
C ALA D 251 32.83 29.96 -26.86
N ASP D 252 31.60 30.19 -26.42
CA ASP D 252 30.53 30.56 -27.32
C ASP D 252 30.80 31.96 -27.86
N THR D 253 31.38 32.81 -27.03
CA THR D 253 31.68 34.16 -27.44
C THR D 253 32.95 34.17 -28.26
N LYS D 254 32.82 34.44 -29.55
CA LYS D 254 33.97 34.44 -30.44
C LYS D 254 34.65 35.81 -30.53
N SER D 255 35.91 35.81 -30.94
CA SER D 255 36.64 37.06 -31.08
C SER D 255 36.32 37.78 -32.39
N SER D 256 36.55 39.07 -32.41
CA SER D 256 36.30 39.87 -33.61
C SER D 256 37.52 39.80 -34.55
N ILE D 257 38.71 39.69 -33.96
CA ILE D 257 39.94 39.58 -34.71
C ILE D 257 39.92 38.26 -35.49
N ASP D 258 39.90 37.15 -34.75
CA ASP D 258 39.89 35.83 -35.34
C ASP D 258 38.70 35.01 -34.84
N LYS D 259 37.94 34.47 -35.78
CA LYS D 259 36.74 33.66 -35.50
C LYS D 259 37.06 32.35 -34.79
N ASN D 260 38.34 32.13 -34.52
CA ASN D 260 38.79 30.90 -33.88
C ASN D 260 39.25 31.17 -32.48
N ILE D 261 39.65 32.40 -32.21
CA ILE D 261 40.09 32.75 -30.87
C ILE D 261 38.83 32.96 -30.06
N THR D 262 38.49 31.93 -29.31
CA THR D 262 37.31 31.92 -28.47
C THR D 262 37.59 32.69 -27.20
N LEU D 263 36.56 33.18 -26.53
CA LEU D 263 36.77 33.90 -25.30
C LEU D 263 37.38 32.99 -24.22
N LEU D 264 37.28 31.69 -24.41
CA LEU D 264 37.87 30.76 -23.45
C LEU D 264 39.37 30.91 -23.62
N HIS D 265 39.83 30.79 -24.87
CA HIS D 265 41.24 30.94 -25.21
C HIS D 265 41.81 32.19 -24.57
N TYR D 266 41.16 33.31 -24.88
CA TYR D 266 41.55 34.62 -24.37
C TYR D 266 41.63 34.67 -22.84
N LEU D 267 40.60 34.13 -22.19
CA LEU D 267 40.51 34.09 -20.73
C LEU D 267 41.73 33.35 -20.18
N ILE D 268 42.08 32.24 -20.82
CA ILE D 268 43.21 31.44 -20.37
C ILE D 268 44.48 32.24 -20.55
N THR D 269 44.64 32.83 -21.74
CA THR D 269 45.81 33.64 -22.04
C THR D 269 46.08 34.60 -20.88
N ILE D 270 45.18 35.56 -20.69
CA ILE D 270 45.39 36.56 -19.65
C ILE D 270 45.45 35.98 -18.24
N VAL D 271 44.73 34.89 -18.00
CA VAL D 271 44.74 34.33 -16.65
C VAL D 271 46.13 33.86 -16.27
N GLU D 272 46.77 33.15 -17.18
CA GLU D 272 48.11 32.62 -16.93
C GLU D 272 49.11 33.73 -16.70
N ASN D 273 48.91 34.84 -17.40
CA ASN D 273 49.83 35.96 -17.29
C ASN D 273 49.49 37.01 -16.24
N LYS D 274 48.44 36.77 -15.47
CA LYS D 274 48.05 37.72 -14.43
C LYS D 274 47.54 37.05 -13.17
N TYR D 275 47.33 35.74 -13.24
CA TYR D 275 46.89 34.92 -12.12
C TYR D 275 47.46 33.52 -12.36
N PRO D 276 48.78 33.37 -12.15
CA PRO D 276 49.53 32.14 -12.32
C PRO D 276 49.05 30.97 -11.46
N SER D 277 48.53 31.28 -10.28
CA SER D 277 48.05 30.25 -9.35
C SER D 277 47.05 29.33 -10.04
N VAL D 278 46.21 29.92 -10.89
CA VAL D 278 45.19 29.19 -11.62
C VAL D 278 45.75 28.02 -12.44
N LEU D 279 47.04 28.07 -12.73
CA LEU D 279 47.69 27.00 -13.48
C LEU D 279 47.37 25.66 -12.86
N ASN D 280 47.45 25.67 -11.53
CA ASN D 280 47.22 24.55 -10.63
C ASN D 280 45.78 24.04 -10.61
N LEU D 281 44.98 24.44 -11.59
CA LEU D 281 43.57 24.03 -11.66
C LEU D 281 43.41 22.52 -11.73
N ASN D 282 43.84 21.93 -12.85
CA ASN D 282 43.73 20.50 -13.08
C ASN D 282 44.16 19.71 -11.87
N GLU D 283 45.23 20.19 -11.23
CA GLU D 283 45.75 19.54 -10.04
C GLU D 283 44.75 19.58 -8.90
N GLU D 284 44.20 20.76 -8.60
CA GLU D 284 43.25 20.84 -7.50
C GLU D 284 41.83 20.35 -7.80
N LEU D 285 41.67 19.72 -8.96
CA LEU D 285 40.39 19.17 -9.36
C LEU D 285 40.68 17.82 -9.99
N ARG D 286 41.69 17.13 -9.47
CA ARG D 286 42.07 15.84 -10.02
C ARG D 286 40.99 14.80 -9.95
N ASP D 287 40.24 14.77 -8.86
CA ASP D 287 39.20 13.76 -8.72
C ASP D 287 37.89 14.07 -9.40
N ILE D 288 37.82 15.21 -10.08
CA ILE D 288 36.60 15.60 -10.75
C ILE D 288 36.14 14.69 -11.86
N PRO D 289 37.06 14.22 -12.71
CA PRO D 289 36.60 13.34 -13.79
C PRO D 289 36.03 12.02 -13.28
N GLN D 290 36.69 11.49 -12.25
CA GLN D 290 36.29 10.23 -11.61
C GLN D 290 35.24 10.48 -10.55
N ALA D 291 34.30 11.38 -10.84
CA ALA D 291 33.25 11.70 -9.89
C ALA D 291 32.10 12.20 -10.75
N ALA D 292 32.44 12.56 -11.98
CA ALA D 292 31.47 13.05 -12.94
C ALA D 292 30.81 11.81 -13.55
N LYS D 293 31.34 10.64 -13.19
CA LYS D 293 30.83 9.37 -13.69
C LYS D 293 29.94 8.65 -12.69
N VAL D 294 29.91 9.12 -11.46
CA VAL D 294 29.09 8.50 -10.42
C VAL D 294 27.62 8.91 -10.53
N ASN D 295 26.71 7.94 -10.65
CA ASN D 295 25.29 8.24 -10.73
C ASN D 295 24.66 7.98 -9.38
N MET D 296 24.40 9.05 -8.63
CA MET D 296 23.84 8.93 -7.30
C MET D 296 22.69 7.94 -7.19
N THR D 297 21.80 7.96 -8.17
CA THR D 297 20.66 7.05 -8.13
C THR D 297 21.15 5.60 -8.12
N GLU D 298 21.78 5.21 -9.22
CA GLU D 298 22.32 3.88 -9.40
C GLU D 298 23.14 3.46 -8.17
N LEU D 299 23.96 4.38 -7.66
CA LEU D 299 24.78 4.08 -6.50
C LEU D 299 23.87 3.72 -5.35
N ASP D 300 22.83 4.52 -5.13
CA ASP D 300 21.91 4.25 -4.03
C ASP D 300 21.36 2.82 -4.10
N LYS D 301 21.07 2.35 -5.31
CA LYS D 301 20.57 0.98 -5.50
C LYS D 301 21.58 -0.03 -4.95
N GLU D 302 22.82 0.07 -5.41
CA GLU D 302 23.86 -0.86 -5.00
C GLU D 302 24.00 -0.89 -3.50
N ILE D 303 23.79 0.24 -2.84
CA ILE D 303 23.88 0.25 -1.40
C ILE D 303 22.72 -0.49 -0.78
N SER D 304 21.52 -0.33 -1.33
CA SER D 304 20.32 -1.00 -0.83
C SER D 304 20.47 -2.52 -0.94
N THR D 305 20.83 -2.96 -2.14
CA THR D 305 21.04 -4.36 -2.43
C THR D 305 21.95 -4.95 -1.36
N LEU D 306 22.87 -4.13 -0.88
CA LEU D 306 23.77 -4.62 0.15
C LEU D 306 23.07 -4.59 1.52
N ARG D 307 22.43 -3.48 1.86
CA ARG D 307 21.76 -3.37 3.15
C ARG D 307 20.62 -4.39 3.31
N SER D 308 19.73 -4.47 2.32
CA SER D 308 18.64 -5.42 2.40
C SER D 308 19.20 -6.84 2.44
N GLY D 309 19.98 -7.18 1.41
CA GLY D 309 20.57 -8.49 1.32
C GLY D 309 21.22 -8.87 2.63
N LEU D 310 21.86 -7.91 3.28
CA LEU D 310 22.50 -8.21 4.55
C LEU D 310 21.46 -8.51 5.62
N LYS D 311 20.42 -7.68 5.69
CA LYS D 311 19.41 -7.92 6.71
C LYS D 311 18.79 -9.30 6.50
N ALA D 312 18.68 -9.70 5.22
CA ALA D 312 18.14 -11.01 4.87
C ALA D 312 19.03 -12.12 5.42
N VAL D 313 20.34 -11.92 5.34
CA VAL D 313 21.29 -12.90 5.81
C VAL D 313 21.35 -12.99 7.34
N GLU D 314 21.07 -11.89 8.02
CA GLU D 314 21.07 -11.92 9.48
C GLU D 314 19.78 -12.60 9.96
N THR D 315 18.72 -12.39 9.20
CA THR D 315 17.45 -12.99 9.52
C THR D 315 17.66 -14.49 9.46
N GLU D 316 18.06 -14.96 8.27
CA GLU D 316 18.26 -16.38 8.06
C GLU D 316 19.23 -17.00 9.07
N LEU D 317 20.25 -16.25 9.47
CA LEU D 317 21.20 -16.78 10.44
C LEU D 317 20.47 -17.01 11.76
N GLU D 318 19.78 -15.97 12.25
CA GLU D 318 19.05 -16.09 13.50
C GLU D 318 18.07 -17.25 13.39
N TYR D 319 17.36 -17.33 12.29
CA TYR D 319 16.44 -18.44 12.08
C TYR D 319 17.20 -19.74 12.34
N GLN D 320 18.19 -20.00 11.49
CA GLN D 320 19.00 -21.21 11.58
C GLN D 320 19.63 -21.39 12.97
N LYS D 321 19.74 -20.30 13.72
CA LYS D 321 20.34 -20.38 15.06
C LYS D 321 19.38 -21.04 16.03
N SER D 322 18.10 -21.06 15.68
CA SER D 322 17.10 -21.68 16.55
C SER D 322 16.64 -23.04 16.02
N GLN D 323 17.54 -23.69 15.29
CA GLN D 323 17.28 -25.00 14.70
C GLN D 323 18.30 -26.00 15.23
N PRO D 324 17.86 -27.24 15.52
CA PRO D 324 18.73 -28.30 16.04
C PRO D 324 19.97 -28.53 15.15
N PRO D 325 21.15 -28.66 15.76
CA PRO D 325 22.37 -28.88 15.00
C PRO D 325 22.21 -30.08 14.07
N GLN D 326 23.12 -30.24 13.13
CA GLN D 326 23.06 -31.36 12.19
C GLN D 326 24.40 -31.56 11.54
N PRO D 327 24.63 -32.78 11.04
CA PRO D 327 25.89 -33.15 10.35
C PRO D 327 25.94 -32.51 8.95
N GLY D 328 26.94 -31.68 8.71
CA GLY D 328 27.03 -31.07 7.39
C GLY D 328 26.32 -29.74 7.21
N ASP D 329 25.51 -29.35 8.19
CA ASP D 329 24.79 -28.08 8.09
C ASP D 329 25.68 -27.01 8.71
N LYS D 330 26.67 -26.55 7.96
CA LYS D 330 27.61 -25.54 8.47
C LYS D 330 27.15 -24.09 8.32
N PHE D 331 25.85 -23.88 8.14
CA PHE D 331 25.32 -22.53 7.97
C PHE D 331 25.65 -21.60 9.12
N VAL D 332 25.06 -21.83 10.28
CA VAL D 332 25.30 -20.95 11.42
C VAL D 332 26.77 -20.72 11.72
N SER D 333 27.62 -21.70 11.42
CA SER D 333 29.06 -21.55 11.68
C SER D 333 29.67 -20.56 10.69
N VAL D 334 29.49 -20.87 9.41
CA VAL D 334 30.00 -20.07 8.33
C VAL D 334 29.41 -18.66 8.29
N VAL D 335 28.08 -18.58 8.26
CA VAL D 335 27.44 -17.28 8.16
C VAL D 335 27.58 -16.39 9.37
N SER D 336 27.66 -16.94 10.57
CA SER D 336 27.80 -16.06 11.73
C SER D 336 29.17 -15.41 11.65
N GLN D 337 30.12 -16.14 11.06
CA GLN D 337 31.46 -15.62 10.91
C GLN D 337 31.35 -14.47 9.92
N PHE D 338 30.74 -14.77 8.78
CA PHE D 338 30.54 -13.78 7.70
C PHE D 338 29.94 -12.48 8.23
N ILE D 339 28.69 -12.53 8.68
CA ILE D 339 28.02 -11.35 9.21
C ILE D 339 28.92 -10.46 10.07
N THR D 340 29.68 -11.03 10.99
CA THR D 340 30.54 -10.21 11.82
C THR D 340 31.38 -9.40 10.86
N VAL D 341 32.22 -10.10 10.11
CA VAL D 341 33.11 -9.51 9.13
C VAL D 341 32.40 -8.52 8.21
N ALA D 342 31.32 -8.95 7.57
CA ALA D 342 30.59 -8.08 6.63
C ALA D 342 29.89 -6.91 7.29
N SER D 343 29.17 -7.17 8.36
CA SER D 343 28.42 -6.12 9.04
C SER D 343 29.38 -5.02 9.44
N PHE D 344 30.65 -5.39 9.60
CA PHE D 344 31.70 -4.47 9.97
C PHE D 344 32.07 -3.61 8.77
N SER D 345 32.46 -4.24 7.67
CA SER D 345 32.83 -3.53 6.45
C SER D 345 31.72 -2.62 5.97
N PHE D 346 30.47 -3.05 6.10
CA PHE D 346 29.37 -2.23 5.62
C PHE D 346 28.94 -1.12 6.54
N SER D 347 28.94 -1.35 7.85
CA SER D 347 28.53 -0.29 8.75
C SER D 347 29.46 0.86 8.42
N ASP D 348 30.58 0.51 7.80
CA ASP D 348 31.58 1.47 7.41
C ASP D 348 31.15 2.23 6.15
N VAL D 349 30.92 1.47 5.07
CA VAL D 349 30.49 2.04 3.80
C VAL D 349 29.38 3.05 4.00
N GLU D 350 28.41 2.66 4.81
CA GLU D 350 27.26 3.52 5.11
C GLU D 350 27.75 4.84 5.70
N ASP D 351 28.76 4.77 6.55
CA ASP D 351 29.33 5.96 7.19
C ASP D 351 29.93 6.91 6.17
N LEU D 352 30.77 6.38 5.29
CA LEU D 352 31.42 7.19 4.25
C LEU D 352 30.39 7.81 3.32
N LEU D 353 29.39 7.03 2.96
CA LEU D 353 28.34 7.49 2.07
C LEU D 353 27.62 8.68 2.67
N ALA D 354 27.23 8.56 3.94
CA ALA D 354 26.52 9.64 4.60
C ALA D 354 27.40 10.87 4.53
N GLU D 355 28.70 10.63 4.74
CA GLU D 355 29.70 11.68 4.68
C GLU D 355 29.65 12.33 3.31
N ALA D 356 29.95 11.53 2.29
CA ALA D 356 29.96 11.98 0.91
C ALA D 356 28.70 12.72 0.51
N LYS D 357 27.54 12.15 0.83
CA LYS D 357 26.28 12.77 0.47
C LYS D 357 26.11 14.17 1.08
N ASP D 358 26.57 14.33 2.33
CA ASP D 358 26.49 15.60 3.03
C ASP D 358 27.39 16.61 2.35
N LEU D 359 28.66 16.22 2.19
CA LEU D 359 29.68 17.05 1.57
C LEU D 359 29.21 17.47 0.20
N PHE D 360 28.49 16.58 -0.47
CA PHE D 360 27.99 16.89 -1.80
C PHE D 360 27.04 18.07 -1.76
N THR D 361 25.89 17.87 -1.11
CA THR D 361 24.88 18.91 -1.00
C THR D 361 25.48 20.24 -0.58
N LYS D 362 26.48 20.24 0.30
CA LYS D 362 27.09 21.50 0.73
C LYS D 362 27.86 22.12 -0.43
N ALA D 363 28.52 21.26 -1.20
CA ALA D 363 29.29 21.67 -2.35
C ALA D 363 28.32 22.22 -3.39
N VAL D 364 27.21 21.52 -3.58
CA VAL D 364 26.20 21.93 -4.54
C VAL D 364 25.67 23.31 -4.16
N LYS D 365 25.52 23.57 -2.87
CA LYS D 365 25.01 24.86 -2.43
C LYS D 365 26.10 25.90 -2.53
N HIS D 366 27.34 25.47 -2.44
CA HIS D 366 28.47 26.40 -2.52
C HIS D 366 28.55 27.08 -3.87
N PHE D 367 27.96 26.47 -4.89
CA PHE D 367 28.00 27.08 -6.22
C PHE D 367 26.67 27.62 -6.74
N GLY D 368 25.70 27.76 -5.84
CA GLY D 368 24.42 28.30 -6.22
C GLY D 368 23.39 27.31 -6.71
N GLU D 369 23.78 26.08 -6.99
CA GLU D 369 22.81 25.09 -7.47
C GLU D 369 21.68 24.80 -6.50
N GLU D 370 20.50 24.52 -7.05
CA GLU D 370 19.30 24.24 -6.25
C GLU D 370 19.40 23.03 -5.34
N ALA D 371 18.85 23.15 -4.13
CA ALA D 371 18.82 22.09 -3.13
C ALA D 371 19.19 20.71 -3.67
N GLY D 372 18.24 19.78 -3.67
CA GLY D 372 18.54 18.45 -4.15
C GLY D 372 18.04 18.27 -5.57
N LYS D 373 18.31 19.25 -6.41
CA LYS D 373 17.86 19.19 -7.78
C LYS D 373 18.93 18.74 -8.77
N ILE D 374 20.16 18.53 -8.30
CA ILE D 374 21.24 18.12 -9.19
C ILE D 374 22.05 16.94 -8.64
N GLN D 375 22.41 15.99 -9.51
CA GLN D 375 23.20 14.83 -9.09
C GLN D 375 24.68 15.03 -9.46
N PRO D 376 25.58 14.25 -8.84
CA PRO D 376 27.01 14.37 -9.12
C PRO D 376 27.45 14.19 -10.57
N ASP D 377 26.96 13.15 -11.23
CA ASP D 377 27.37 12.94 -12.61
C ASP D 377 27.12 14.14 -13.50
N GLU D 378 26.18 15.01 -13.11
CA GLU D 378 25.89 16.21 -13.89
C GLU D 378 26.65 17.37 -13.30
N PHE D 379 26.54 17.49 -11.98
CA PHE D 379 27.19 18.56 -11.23
C PHE D 379 28.65 18.58 -11.65
N PHE D 380 29.35 17.52 -11.27
CA PHE D 380 30.76 17.40 -11.62
C PHE D 380 30.89 17.25 -13.12
N GLY D 381 29.78 16.95 -13.79
CA GLY D 381 29.85 16.84 -15.22
C GLY D 381 30.27 18.21 -15.75
N ILE D 382 29.57 19.24 -15.28
CA ILE D 382 29.82 20.63 -15.67
C ILE D 382 31.29 21.02 -15.61
N PHE D 383 31.92 20.78 -14.45
CA PHE D 383 33.33 21.12 -14.29
C PHE D 383 34.18 20.27 -15.21
N ASP D 384 33.83 19.00 -15.31
CA ASP D 384 34.57 18.08 -16.17
C ASP D 384 34.63 18.62 -17.61
N GLN D 385 33.48 18.94 -18.18
CA GLN D 385 33.46 19.46 -19.53
C GLN D 385 34.25 20.74 -19.60
N PHE D 386 34.25 21.50 -18.51
CA PHE D 386 34.98 22.74 -18.48
C PHE D 386 36.46 22.46 -18.61
N LEU D 387 36.98 21.62 -17.70
CA LEU D 387 38.39 21.26 -17.70
C LEU D 387 38.83 20.73 -19.07
N GLN D 388 37.92 20.07 -19.78
CA GLN D 388 38.23 19.58 -21.11
C GLN D 388 38.45 20.83 -21.95
N ALA D 389 37.35 21.50 -22.30
CA ALA D 389 37.39 22.73 -23.10
C ALA D 389 38.56 23.68 -22.81
N VAL D 390 39.06 23.63 -21.58
CA VAL D 390 40.18 24.46 -21.16
C VAL D 390 41.47 23.81 -21.64
N SER D 391 41.59 22.51 -21.38
CA SER D 391 42.79 21.80 -21.79
C SER D 391 43.03 21.88 -23.29
N GLU D 392 41.98 21.72 -24.07
CA GLU D 392 42.16 21.77 -25.51
C GLU D 392 42.28 23.19 -26.03
N ALA D 393 41.87 24.17 -25.22
CA ALA D 393 41.98 25.57 -25.64
C ALA D 393 43.42 25.96 -25.36
N LYS D 394 43.87 25.55 -24.18
CA LYS D 394 45.23 25.83 -23.77
C LYS D 394 46.16 25.29 -24.84
N GLN D 395 45.87 24.11 -25.37
CA GLN D 395 46.74 23.55 -26.40
C GLN D 395 46.55 24.35 -27.67
N GLU D 396 45.31 24.50 -28.13
CA GLU D 396 45.07 25.26 -29.35
C GLU D 396 45.76 26.61 -29.22
N ASN D 397 45.88 27.07 -27.99
CA ASN D 397 46.50 28.35 -27.71
C ASN D 397 47.99 28.32 -28.01
N GLU D 398 48.61 27.15 -27.84
CA GLU D 398 50.03 27.03 -28.12
C GLU D 398 50.29 26.88 -29.62
N ASN D 399 49.52 26.04 -30.29
CA ASN D 399 49.69 25.86 -31.72
C ASN D 399 49.78 27.22 -32.37
N MET D 400 48.85 28.09 -32.00
CA MET D 400 48.84 29.42 -32.60
C MET D 400 50.05 30.24 -32.16
N ARG D 401 50.58 29.96 -30.98
CA ARG D 401 51.73 30.70 -30.50
C ARG D 401 52.97 30.29 -31.25
N LYS D 402 53.00 29.05 -31.72
CA LYS D 402 54.16 28.58 -32.47
C LYS D 402 54.02 28.98 -33.93
N LYS D 403 52.87 28.71 -34.52
CA LYS D 403 52.63 29.07 -35.90
C LYS D 403 52.91 30.57 -36.11
N LYS D 404 52.67 31.38 -35.08
CA LYS D 404 52.90 32.82 -35.19
C LYS D 404 54.34 33.22 -34.91
N GLU D 405 55.05 32.36 -34.20
CA GLU D 405 56.45 32.63 -33.89
C GLU D 405 57.28 32.37 -35.16
N GLU D 406 57.00 31.26 -35.83
CA GLU D 406 57.72 30.92 -37.05
C GLU D 406 57.40 31.91 -38.16
N GLU D 407 56.21 32.48 -38.15
CA GLU D 407 55.88 33.43 -39.18
C GLU D 407 56.54 34.76 -38.82
N GLU D 408 57.08 34.81 -37.60
CA GLU D 408 57.78 35.98 -37.08
C GLU D 408 59.25 35.95 -37.48
N ARG D 409 59.83 34.75 -37.51
CA ARG D 409 61.23 34.57 -37.88
C ARG D 409 61.37 34.36 -39.36
N ARG D 410 60.57 33.44 -39.88
CA ARG D 410 60.57 33.18 -41.30
C ARG D 410 60.58 34.57 -41.95
N ALA D 411 59.83 35.49 -41.36
CA ALA D 411 59.73 36.86 -41.88
C ALA D 411 60.92 37.73 -41.47
N ARG D 412 61.42 37.53 -40.26
CA ARG D 412 62.57 38.31 -39.78
C ARG D 412 63.81 37.88 -40.55
N MET D 413 63.71 36.72 -41.21
CA MET D 413 64.82 36.19 -42.00
C MET D 413 64.70 36.65 -43.45
N GLU D 414 63.49 36.67 -43.96
CA GLU D 414 63.26 37.12 -45.33
C GLU D 414 63.54 38.61 -45.38
N ALA D 415 63.80 39.18 -44.21
CA ALA D 415 64.10 40.60 -44.11
C ALA D 415 65.61 40.81 -44.22
N GLN D 416 66.33 39.70 -44.32
CA GLN D 416 67.78 39.69 -44.42
C GLN D 416 68.21 39.10 -45.76
N LEU D 417 67.59 37.99 -46.12
CA LEU D 417 67.89 37.28 -47.35
C LEU D 417 67.29 38.00 -48.57
N LYS D 418 66.01 38.38 -48.48
CA LYS D 418 65.34 39.09 -49.58
C LYS D 418 65.90 40.51 -49.63
N GLU D 419 66.75 40.84 -48.66
CA GLU D 419 67.32 42.18 -48.57
C GLU D 419 68.80 42.18 -48.18
#